data_2WNL
#
_entry.id   2WNL
#
_cell.length_a   84.251
_cell.length_b   125.768
_cell.length_c   257.001
_cell.angle_alpha   90.00
_cell.angle_beta   95.40
_cell.angle_gamma   90.00
#
_symmetry.space_group_name_H-M   'C 1 2 1'
#
loop_
_entity.id
_entity.type
_entity.pdbx_description
1 polymer 'SOLUBLE ACETYLCHOLINE RECEPTOR'
2 non-polymer "3,4,5,6-tetrahydro-2,3'-bipyridine"
3 non-polymer 5-amino-1-pyridin-3-ylpentan-1-one
4 non-polymer 'TETRAETHYLENE GLYCOL'
5 non-polymer 'MAGNESIUM ION'
6 non-polymer 2-acetamido-2-deoxy-beta-D-glucopyranose
7 water water
#
_entity_poly.entity_id   1
_entity_poly.type   'polypeptide(L)'
_entity_poly.pdbx_seq_one_letter_code
;YKDDDDKLHSQANLMRLKSDLFNRSPMYPGPTKDDPLTVTLGFTLQDIVKADSSTNEVDLVYYEQQRWKLNSLMWDPNEY
GNITDFRTSAADIWTPDITAYSSTRPVQVLSPQIAVVTHDGSVMFIPAQRLSFMCDPTGVDSEEGATCAVKFGSWVYSGF
EIDLKTDTDQVDLSSYYASSKYEILSATQTRQVQHYSCCPEPYIDVNLVVKFRERRAGNGFFRNLFD
;
_entity_poly.pdbx_strand_id   A,B,C,D,E,F,G,H,I,J
#
# COMPACT_ATOMS: atom_id res chain seq x y z
N ASP A 4 -29.01 -4.29 12.08
CA ASP A 4 -29.41 -5.64 12.60
C ASP A 4 -30.32 -6.32 11.57
N ASP A 5 -31.53 -5.77 11.42
CA ASP A 5 -32.50 -6.21 10.40
C ASP A 5 -31.89 -6.16 9.00
N ASP A 6 -31.25 -5.02 8.70
CA ASP A 6 -30.64 -4.78 7.39
C ASP A 6 -29.48 -5.71 7.17
N LYS A 7 -28.73 -5.99 8.23
CA LYS A 7 -27.62 -6.93 8.16
C LYS A 7 -28.11 -8.34 7.84
N LEU A 8 -29.30 -8.69 8.35
CA LEU A 8 -29.93 -9.97 8.05
C LEU A 8 -30.34 -10.06 6.58
N HIS A 9 -30.79 -8.94 6.02
CA HIS A 9 -31.33 -8.90 4.66
C HIS A 9 -30.20 -8.73 3.60
N SER A 10 -29.02 -8.30 4.03
CA SER A 10 -27.83 -8.29 3.17
C SER A 10 -27.31 -9.71 3.01
N GLN A 11 -27.39 -10.48 4.09
CA GLN A 11 -27.08 -11.91 4.08
C GLN A 11 -28.06 -12.67 3.20
N ALA A 12 -29.34 -12.32 3.31
CA ALA A 12 -30.38 -12.98 2.54
C ALA A 12 -30.19 -12.70 1.06
N ASN A 13 -29.82 -11.46 0.74
CA ASN A 13 -29.60 -11.07 -0.64
C ASN A 13 -28.42 -11.80 -1.27
N LEU A 14 -27.38 -12.06 -0.48
CA LEU A 14 -26.20 -12.78 -0.95
C LEU A 14 -26.53 -14.25 -1.21
N MET A 15 -27.22 -14.87 -0.26
CA MET A 15 -27.68 -16.26 -0.42
C MET A 15 -28.59 -16.42 -1.63
N ARG A 16 -29.46 -15.44 -1.82
CA ARG A 16 -30.42 -15.44 -2.91
C ARG A 16 -29.69 -15.23 -4.23
N LEU A 17 -28.72 -14.33 -4.24
CA LEU A 17 -27.91 -14.08 -5.43
C LEU A 17 -27.17 -15.34 -5.86
N LYS A 18 -26.57 -16.02 -4.88
CA LYS A 18 -25.79 -17.22 -5.18
C LYS A 18 -26.64 -18.34 -5.79
N SER A 19 -27.79 -18.61 -5.19
CA SER A 19 -28.71 -19.60 -5.75
C SER A 19 -29.07 -19.24 -7.19
N ASP A 20 -29.59 -18.03 -7.36
CA ASP A 20 -30.00 -17.55 -8.67
C ASP A 20 -28.93 -17.75 -9.73
N LEU A 21 -27.67 -17.59 -9.36
CA LEU A 21 -26.56 -17.70 -10.32
C LEU A 21 -26.13 -19.14 -10.55
N PHE A 22 -26.05 -19.92 -9.47
CA PHE A 22 -25.56 -21.29 -9.55
C PHE A 22 -26.64 -22.32 -9.86
N ASN A 23 -27.82 -22.18 -9.26
CA ASN A 23 -28.92 -23.13 -9.49
C ASN A 23 -29.67 -22.91 -10.80
N ARG A 24 -30.21 -21.71 -10.99
CA ARG A 24 -31.21 -21.44 -12.05
C ARG A 24 -30.87 -22.06 -13.39
N SER A 25 -29.61 -21.95 -13.79
CA SER A 25 -29.17 -22.52 -15.06
C SER A 25 -28.11 -23.60 -14.84
N PRO A 26 -27.77 -24.34 -15.92
CA PRO A 26 -26.71 -25.35 -15.89
C PRO A 26 -25.37 -24.65 -15.99
N MET A 27 -24.39 -25.13 -15.24
CA MET A 27 -23.08 -24.47 -15.18
C MET A 27 -22.57 -24.18 -16.60
N TYR A 28 -21.86 -23.07 -16.75
CA TYR A 28 -21.09 -22.77 -17.95
C TYR A 28 -20.33 -24.04 -18.37
N PRO A 29 -20.52 -24.49 -19.62
CA PRO A 29 -19.86 -25.70 -20.09
C PRO A 29 -18.44 -25.45 -20.59
N GLY A 30 -17.96 -24.22 -20.44
CA GLY A 30 -16.64 -23.83 -20.93
C GLY A 30 -16.71 -23.14 -22.28
N PRO A 31 -15.58 -22.53 -22.68
CA PRO A 31 -15.49 -21.84 -23.96
C PRO A 31 -15.56 -22.78 -25.15
N THR A 32 -16.06 -22.24 -26.26
CA THR A 32 -16.11 -22.95 -27.53
C THR A 32 -15.58 -22.00 -28.60
N LYS A 33 -15.27 -22.53 -29.77
CA LYS A 33 -14.82 -21.69 -30.89
C LYS A 33 -15.85 -20.61 -31.27
N ASP A 34 -17.13 -20.88 -31.02
CA ASP A 34 -18.22 -19.91 -31.21
C ASP A 34 -18.37 -18.92 -30.05
N ASP A 35 -17.97 -19.34 -28.85
CA ASP A 35 -18.06 -18.49 -27.66
C ASP A 35 -16.73 -18.51 -26.89
N PRO A 36 -15.68 -17.94 -27.50
CA PRO A 36 -14.35 -17.94 -26.90
C PRO A 36 -14.22 -16.96 -25.76
N LEU A 37 -13.21 -17.17 -24.94
CA LEU A 37 -13.02 -16.43 -23.70
C LEU A 37 -11.60 -15.91 -23.66
N THR A 38 -11.42 -14.66 -23.24
CA THR A 38 -10.07 -14.15 -23.05
C THR A 38 -9.72 -14.17 -21.58
N VAL A 39 -8.66 -14.88 -21.24
CA VAL A 39 -8.16 -14.91 -19.88
C VAL A 39 -6.92 -14.03 -19.81
N THR A 40 -6.86 -13.17 -18.81
CA THR A 40 -5.69 -12.31 -18.60
C THR A 40 -4.85 -12.89 -17.46
N LEU A 41 -3.56 -13.08 -17.73
CA LEU A 41 -2.61 -13.61 -16.74
C LEU A 41 -1.65 -12.54 -16.27
N GLY A 42 -1.20 -12.67 -15.03
CA GLY A 42 -0.21 -11.75 -14.48
C GLY A 42 0.48 -12.34 -13.27
N PHE A 43 1.80 -12.37 -13.32
CA PHE A 43 2.57 -12.96 -12.26
C PHE A 43 3.12 -11.90 -11.31
N THR A 44 3.04 -12.23 -10.02
CA THR A 44 3.72 -11.51 -8.95
C THR A 44 4.69 -12.49 -8.29
N LEU A 45 5.96 -12.36 -8.65
CA LEU A 45 6.98 -13.31 -8.25
C LEU A 45 7.47 -12.99 -6.85
N GLN A 46 7.46 -13.98 -5.96
CA GLN A 46 7.82 -13.76 -4.54
C GLN A 46 9.22 -14.21 -4.21
N ASP A 47 9.60 -15.39 -4.67
CA ASP A 47 10.88 -15.94 -4.31
C ASP A 47 11.34 -16.96 -5.32
N ILE A 48 12.64 -17.02 -5.54
CA ILE A 48 13.26 -18.21 -6.10
C ILE A 48 13.84 -18.86 -4.88
N VAL A 49 13.22 -19.96 -4.46
CA VAL A 49 13.62 -20.64 -3.24
C VAL A 49 14.84 -21.52 -3.47
N LYS A 50 14.95 -22.11 -4.66
CA LYS A 50 15.90 -23.19 -4.89
C LYS A 50 16.29 -23.39 -6.34
N ALA A 51 17.57 -23.63 -6.57
CA ALA A 51 18.10 -23.84 -7.92
C ALA A 51 19.00 -25.08 -7.90
N ASP A 52 18.49 -26.20 -8.39
CA ASP A 52 19.22 -27.46 -8.30
C ASP A 52 20.03 -27.73 -9.57
N SER A 53 21.33 -27.59 -9.48
CA SER A 53 22.21 -27.81 -10.62
C SER A 53 22.59 -29.28 -10.79
N SER A 54 22.10 -30.12 -9.89
CA SER A 54 22.29 -31.57 -9.99
C SER A 54 21.17 -32.25 -10.76
N THR A 55 19.97 -31.65 -10.74
CA THR A 55 18.82 -32.15 -11.51
C THR A 55 18.30 -31.15 -12.55
N ASN A 56 18.83 -29.92 -12.51
CA ASN A 56 18.37 -28.80 -13.33
C ASN A 56 16.89 -28.50 -13.13
N GLU A 57 16.53 -28.25 -11.88
CA GLU A 57 15.18 -27.84 -11.51
C GLU A 57 15.29 -26.53 -10.72
N VAL A 58 14.40 -25.58 -10.98
CA VAL A 58 14.30 -24.39 -10.16
C VAL A 58 12.90 -24.29 -9.57
N ASP A 59 12.83 -23.80 -8.34
CA ASP A 59 11.57 -23.68 -7.62
C ASP A 59 11.24 -22.22 -7.43
N LEU A 60 10.03 -21.82 -7.80
CA LEU A 60 9.56 -20.46 -7.60
C LEU A 60 8.33 -20.44 -6.73
N VAL A 61 8.14 -19.34 -6.03
CA VAL A 61 6.90 -19.06 -5.35
C VAL A 61 6.37 -17.76 -5.94
N TYR A 62 5.12 -17.75 -6.39
CA TYR A 62 4.52 -16.58 -7.02
C TYR A 62 3.02 -16.61 -6.83
N TYR A 63 2.35 -15.49 -7.13
CA TYR A 63 0.89 -15.49 -7.36
C TYR A 63 0.64 -15.32 -8.82
N GLU A 64 -0.45 -15.95 -9.26
CA GLU A 64 -0.88 -15.89 -10.64
C GLU A 64 -2.28 -15.29 -10.66
N GLN A 65 -2.36 -14.02 -11.05
CA GLN A 65 -3.65 -13.37 -11.16
C GLN A 65 -4.28 -13.78 -12.48
N GLN A 66 -5.48 -14.37 -12.42
CA GLN A 66 -6.26 -14.74 -13.60
C GLN A 66 -7.56 -13.96 -13.63
N ARG A 67 -7.96 -13.49 -14.80
CA ARG A 67 -9.21 -12.71 -14.92
C ARG A 67 -9.96 -13.05 -16.18
N TRP A 68 -11.28 -13.14 -16.06
CA TRP A 68 -12.13 -13.41 -17.21
C TRP A 68 -13.53 -12.90 -16.94
N LYS A 69 -14.36 -12.91 -17.97
CA LYS A 69 -15.72 -12.38 -17.88
C LYS A 69 -16.73 -13.35 -18.45
N LEU A 70 -17.84 -13.54 -17.73
CA LEU A 70 -18.94 -14.38 -18.20
C LEU A 70 -20.26 -13.65 -18.05
N ASN A 71 -21.04 -13.59 -19.13
CA ASN A 71 -22.39 -13.04 -19.07
C ASN A 71 -23.26 -13.86 -18.10
N SER A 72 -22.95 -15.14 -17.96
CA SER A 72 -23.69 -16.04 -17.07
C SER A 72 -23.60 -15.62 -15.61
N LEU A 73 -22.57 -14.84 -15.29
CA LEU A 73 -22.31 -14.41 -13.91
C LEU A 73 -22.65 -12.92 -13.68
N MET A 74 -23.39 -12.31 -14.61
CA MET A 74 -23.79 -10.91 -14.48
C MET A 74 -25.02 -10.79 -13.60
N TRP A 75 -25.16 -9.63 -12.95
CA TRP A 75 -26.37 -9.29 -12.22
C TRP A 75 -26.50 -7.80 -11.97
N ASP A 76 -27.71 -7.38 -11.63
CA ASP A 76 -28.01 -6.00 -11.36
C ASP A 76 -27.97 -5.79 -9.85
N PRO A 77 -26.96 -5.04 -9.36
CA PRO A 77 -26.83 -4.75 -7.93
C PRO A 77 -28.12 -4.24 -7.30
N ASN A 78 -28.99 -3.66 -8.12
CA ASN A 78 -30.27 -3.18 -7.64
C ASN A 78 -31.25 -4.27 -7.23
N GLU A 79 -31.20 -5.40 -7.93
CA GLU A 79 -32.10 -6.53 -7.62
C GLU A 79 -31.64 -7.31 -6.38
N TYR A 80 -30.43 -7.04 -5.91
CA TYR A 80 -29.83 -7.82 -4.82
C TYR A 80 -29.16 -6.98 -3.71
N GLY A 81 -29.84 -5.91 -3.29
CA GLY A 81 -29.41 -5.14 -2.13
C GLY A 81 -28.19 -4.26 -2.30
N ASN A 82 -27.85 -3.93 -3.55
CA ASN A 82 -26.64 -3.17 -3.88
C ASN A 82 -25.34 -3.97 -3.73
N ILE A 83 -25.44 -5.29 -3.68
CA ILE A 83 -24.27 -6.15 -3.68
C ILE A 83 -23.58 -6.06 -5.05
N THR A 84 -22.33 -5.62 -5.04
CA THR A 84 -21.56 -5.40 -6.28
C THR A 84 -20.53 -6.49 -6.52
N ASP A 85 -20.27 -7.31 -5.51
CA ASP A 85 -19.39 -8.47 -5.67
C ASP A 85 -19.55 -9.45 -4.53
N PHE A 86 -19.00 -10.65 -4.71
CA PHE A 86 -18.97 -11.63 -3.64
C PHE A 86 -17.81 -12.58 -3.80
N ARG A 87 -17.55 -13.35 -2.74
CA ARG A 87 -16.54 -14.40 -2.74
C ARG A 87 -17.19 -15.76 -2.83
N THR A 88 -16.61 -16.64 -3.63
CA THR A 88 -17.09 -18.01 -3.67
C THR A 88 -15.97 -18.99 -3.99
N SER A 89 -16.07 -20.16 -3.38
CA SER A 89 -15.16 -21.25 -3.64
C SER A 89 -15.03 -21.48 -5.14
N ALA A 90 -13.81 -21.71 -5.60
CA ALA A 90 -13.54 -21.94 -7.02
C ALA A 90 -14.18 -23.23 -7.57
N ALA A 91 -14.72 -24.07 -6.71
CA ALA A 91 -15.42 -25.29 -7.13
C ALA A 91 -16.85 -24.99 -7.61
N ASP A 92 -17.40 -23.88 -7.12
CA ASP A 92 -18.73 -23.44 -7.52
C ASP A 92 -18.79 -22.92 -8.96
N ILE A 93 -17.65 -22.47 -9.48
CA ILE A 93 -17.60 -21.87 -10.83
C ILE A 93 -16.62 -22.55 -11.77
N TRP A 94 -16.71 -22.22 -13.04
CA TRP A 94 -15.75 -22.68 -14.02
C TRP A 94 -14.45 -21.88 -13.84
N THR A 95 -13.30 -22.56 -14.04
CA THR A 95 -12.01 -21.90 -13.99
C THR A 95 -11.14 -22.44 -15.11
N PRO A 96 -10.24 -21.59 -15.65
CA PRO A 96 -9.29 -21.97 -16.68
C PRO A 96 -8.20 -22.93 -16.22
N ASP A 97 -7.86 -23.86 -17.09
CA ASP A 97 -6.89 -24.91 -16.83
C ASP A 97 -5.50 -24.44 -17.22
N ILE A 98 -5.10 -23.29 -16.67
CA ILE A 98 -3.79 -22.73 -16.95
C ILE A 98 -2.76 -23.63 -16.29
N THR A 99 -1.85 -24.18 -17.08
CA THR A 99 -0.87 -25.12 -16.62
C THR A 99 0.52 -24.67 -17.03
N ALA A 100 1.50 -24.88 -16.16
CA ALA A 100 2.90 -24.74 -16.52
C ALA A 100 3.23 -25.90 -17.45
N TYR A 101 4.00 -25.64 -18.49
CA TYR A 101 4.24 -26.64 -19.51
C TYR A 101 5.55 -27.40 -19.37
N SER A 102 6.35 -27.05 -18.36
CA SER A 102 7.60 -27.76 -18.10
C SER A 102 7.88 -27.89 -16.61
N SER A 103 6.80 -28.02 -15.83
CA SER A 103 6.91 -28.36 -14.42
C SER A 103 7.56 -29.72 -14.29
N THR A 104 8.23 -29.96 -13.17
CA THR A 104 8.79 -31.27 -12.89
C THR A 104 8.06 -31.95 -11.72
N ARG A 105 7.15 -31.21 -11.08
CA ARG A 105 6.42 -31.71 -9.92
CA ARG A 105 6.42 -31.69 -9.91
C ARG A 105 5.03 -31.08 -9.86
N PRO A 106 4.09 -31.75 -9.17
CA PRO A 106 2.79 -31.11 -9.07
C PRO A 106 2.92 -29.80 -8.33
N VAL A 107 2.23 -28.80 -8.81
CA VAL A 107 2.22 -27.48 -8.19
C VAL A 107 1.67 -27.61 -6.78
N GLN A 108 2.25 -26.85 -5.86
CA GLN A 108 1.78 -26.82 -4.49
C GLN A 108 0.94 -25.58 -4.28
N VAL A 109 -0.30 -25.78 -3.84
CA VAL A 109 -1.22 -24.67 -3.65
C VAL A 109 -0.97 -24.05 -2.28
N LEU A 110 -0.70 -22.75 -2.28
CA LEU A 110 -0.36 -22.02 -1.05
C LEU A 110 -1.48 -21.11 -0.55
N SER A 111 -2.53 -20.94 -1.35
CA SER A 111 -3.64 -20.04 -0.99
C SER A 111 -5.00 -20.69 -1.20
N PRO A 112 -6.04 -20.17 -0.52
CA PRO A 112 -7.39 -20.69 -0.62
C PRO A 112 -7.96 -20.65 -2.04
N GLN A 113 -8.72 -21.68 -2.38
CA GLN A 113 -9.32 -21.82 -3.70
C GLN A 113 -10.65 -21.08 -3.70
N ILE A 114 -10.58 -19.76 -3.66
CA ILE A 114 -11.75 -18.90 -3.58
C ILE A 114 -11.50 -17.76 -4.53
N ALA A 115 -12.53 -17.38 -5.28
CA ALA A 115 -12.42 -16.31 -6.27
C ALA A 115 -13.37 -15.19 -5.92
N VAL A 116 -13.16 -14.03 -6.53
CA VAL A 116 -14.09 -12.91 -6.39
C VAL A 116 -14.81 -12.71 -7.71
N VAL A 117 -16.14 -12.57 -7.63
CA VAL A 117 -17.00 -12.34 -8.77
C VAL A 117 -17.63 -10.96 -8.63
N THR A 118 -17.63 -10.19 -9.71
CA THR A 118 -18.18 -8.84 -9.73
C THR A 118 -19.44 -8.79 -10.60
N HIS A 119 -20.36 -7.89 -10.27
CA HIS A 119 -21.68 -7.88 -10.89
C HIS A 119 -21.68 -7.79 -12.41
N ASP A 120 -20.61 -7.23 -12.99
CA ASP A 120 -20.47 -7.19 -14.44
C ASP A 120 -20.03 -8.53 -15.06
N GLY A 121 -19.93 -9.58 -14.23
CA GLY A 121 -19.64 -10.91 -14.73
C GLY A 121 -18.16 -11.30 -14.75
N SER A 122 -17.29 -10.42 -14.25
CA SER A 122 -15.86 -10.69 -14.24
C SER A 122 -15.43 -11.43 -12.98
N VAL A 123 -14.41 -12.28 -13.11
CA VAL A 123 -13.93 -13.09 -12.02
C VAL A 123 -12.45 -12.80 -11.81
N MET A 124 -12.03 -12.80 -10.56
CA MET A 124 -10.62 -12.65 -10.22
C MET A 124 -10.22 -13.81 -9.31
N PHE A 125 -9.26 -14.59 -9.79
CA PHE A 125 -8.75 -15.70 -9.05
C PHE A 125 -7.24 -15.56 -9.03
N ILE A 126 -6.66 -15.54 -7.84
CA ILE A 126 -5.24 -15.30 -7.64
C ILE A 126 -4.58 -16.42 -6.82
N PRO A 127 -4.32 -17.57 -7.45
CA PRO A 127 -3.71 -18.65 -6.69
C PRO A 127 -2.21 -18.45 -6.46
N ALA A 128 -1.77 -18.67 -5.23
CA ALA A 128 -0.36 -18.69 -4.87
C ALA A 128 0.19 -20.11 -4.98
N GLN A 129 1.37 -20.25 -5.58
CA GLN A 129 1.91 -21.58 -5.83
C GLN A 129 3.43 -21.65 -5.62
N ARG A 130 3.91 -22.87 -5.33
CA ARG A 130 5.33 -23.18 -5.47
C ARG A 130 5.46 -24.07 -6.68
N LEU A 131 6.33 -23.73 -7.61
CA LEU A 131 6.47 -24.48 -8.86
C LEU A 131 7.90 -24.95 -9.01
N SER A 132 8.07 -26.22 -9.34
CA SER A 132 9.36 -26.74 -9.75
C SER A 132 9.29 -26.92 -11.24
N PHE A 133 10.26 -26.35 -11.96
CA PHE A 133 10.30 -26.46 -13.42
C PHE A 133 11.71 -26.60 -13.97
N MET A 134 11.79 -26.96 -15.24
CA MET A 134 13.06 -27.26 -15.89
C MET A 134 13.89 -26.01 -16.09
N CYS A 135 15.05 -25.95 -15.43
CA CYS A 135 15.92 -24.79 -15.47
C CYS A 135 17.32 -25.27 -15.24
N ASP A 136 18.22 -25.00 -16.18
CA ASP A 136 19.67 -25.12 -15.95
C ASP A 136 20.13 -23.79 -15.37
N PRO A 137 20.52 -23.77 -14.08
CA PRO A 137 20.93 -22.55 -13.39
C PRO A 137 22.41 -22.21 -13.58
N THR A 138 23.08 -22.88 -14.51
CA THR A 138 24.49 -22.61 -14.80
C THR A 138 24.66 -21.12 -15.05
N GLY A 139 25.60 -20.51 -14.33
CA GLY A 139 25.87 -19.08 -14.46
C GLY A 139 25.27 -18.22 -13.36
N VAL A 140 24.40 -18.81 -12.54
CA VAL A 140 23.77 -18.09 -11.42
C VAL A 140 24.82 -17.46 -10.49
N ASP A 141 25.98 -18.11 -10.40
CA ASP A 141 27.08 -17.66 -9.53
C ASP A 141 27.99 -16.60 -10.16
N SER A 142 27.65 -16.17 -11.37
CA SER A 142 28.43 -15.15 -12.08
C SER A 142 27.63 -13.85 -12.12
N GLU A 143 28.18 -12.84 -12.79
CA GLU A 143 27.59 -11.51 -12.82
C GLU A 143 26.48 -11.39 -13.87
N GLU A 144 26.65 -12.09 -14.99
CA GLU A 144 25.62 -12.20 -16.03
C GLU A 144 24.37 -12.84 -15.49
N GLY A 145 24.53 -14.01 -14.88
CA GLY A 145 23.44 -14.69 -14.21
C GLY A 145 22.95 -15.87 -15.01
N ALA A 146 21.96 -16.56 -14.45
CA ALA A 146 21.31 -17.65 -15.17
C ALA A 146 20.06 -17.07 -15.78
N THR A 147 19.52 -17.79 -16.76
CA THR A 147 18.28 -17.41 -17.41
C THR A 147 17.42 -18.64 -17.50
N CYS A 148 16.17 -18.50 -17.10
CA CYS A 148 15.25 -19.61 -17.16
C CYS A 148 13.91 -19.17 -17.66
N ALA A 149 13.16 -20.13 -18.18
CA ALA A 149 11.92 -19.83 -18.86
C ALA A 149 10.93 -20.97 -18.70
N VAL A 150 9.67 -20.61 -18.52
CA VAL A 150 8.60 -21.58 -18.47
C VAL A 150 7.33 -20.98 -19.09
N LYS A 151 6.64 -21.79 -19.88
CA LYS A 151 5.40 -21.38 -20.54
C LYS A 151 4.14 -21.81 -19.79
N PHE A 152 3.15 -20.91 -19.74
CA PHE A 152 1.88 -21.22 -19.12
C PHE A 152 0.76 -21.07 -20.13
N GLY A 153 -0.22 -21.97 -20.06
CA GLY A 153 -1.38 -21.90 -20.93
C GLY A 153 -2.33 -23.04 -20.62
N SER A 154 -3.41 -23.09 -21.37
CA SER A 154 -4.37 -24.17 -21.27
C SER A 154 -3.72 -25.47 -21.74
N TRP A 155 -4.10 -26.57 -21.10
CA TRP A 155 -3.63 -27.89 -21.48
C TRP A 155 -4.41 -28.44 -22.66
N VAL A 156 -5.71 -28.20 -22.65
CA VAL A 156 -6.63 -28.84 -23.56
C VAL A 156 -7.25 -27.90 -24.58
N TYR A 157 -7.35 -26.60 -24.28
CA TYR A 157 -7.94 -25.65 -25.21
C TYR A 157 -6.91 -24.98 -26.11
N SER A 158 -7.35 -24.56 -27.29
CA SER A 158 -6.51 -23.84 -28.25
C SER A 158 -6.89 -22.37 -28.30
N GLY A 159 -6.15 -21.63 -29.13
CA GLY A 159 -6.38 -20.19 -29.34
C GLY A 159 -7.77 -19.83 -29.84
N PHE A 160 -8.47 -20.78 -30.43
CA PHE A 160 -9.85 -20.54 -30.85
C PHE A 160 -10.84 -20.55 -29.70
N GLU A 161 -10.58 -21.34 -28.67
CA GLU A 161 -11.49 -21.39 -27.54
C GLU A 161 -11.06 -20.42 -26.44
N ILE A 162 -9.76 -20.35 -26.16
CA ILE A 162 -9.24 -19.46 -25.11
C ILE A 162 -8.09 -18.60 -25.61
N ASP A 163 -8.25 -17.28 -25.50
CA ASP A 163 -7.17 -16.35 -25.78
C ASP A 163 -6.56 -15.89 -24.47
N LEU A 164 -5.23 -15.91 -24.42
CA LEU A 164 -4.49 -15.42 -23.27
C LEU A 164 -4.02 -14.02 -23.54
N LYS A 165 -3.83 -13.24 -22.48
CA LYS A 165 -3.16 -11.96 -22.61
C LYS A 165 -2.64 -11.45 -21.27
N THR A 166 -1.75 -10.47 -21.35
CA THR A 166 -1.18 -9.84 -20.17
C THR A 166 -1.51 -8.36 -20.22
N ASP A 167 -1.59 -7.72 -19.07
CA ASP A 167 -1.73 -6.26 -19.04
C ASP A 167 -0.38 -5.61 -19.31
N THR A 168 0.69 -6.28 -18.93
CA THR A 168 2.02 -5.77 -19.12
C THR A 168 3.00 -6.92 -19.30
N ASP A 169 4.11 -6.65 -19.97
CA ASP A 169 5.16 -7.64 -20.21
CA ASP A 169 5.15 -7.66 -20.20
C ASP A 169 6.07 -7.76 -19.00
N GLN A 170 5.91 -6.86 -18.03
CA GLN A 170 6.76 -6.82 -16.85
C GLN A 170 6.14 -7.54 -15.68
N VAL A 171 6.84 -8.56 -15.21
CA VAL A 171 6.43 -9.30 -14.04
C VAL A 171 6.46 -8.35 -12.85
N ASP A 172 5.52 -8.53 -11.92
CA ASP A 172 5.43 -7.69 -10.75
C ASP A 172 6.48 -8.16 -9.72
N LEU A 173 7.41 -7.27 -9.40
CA LEU A 173 8.50 -7.57 -8.47
C LEU A 173 8.37 -6.80 -7.15
N SER A 174 7.18 -6.28 -6.88
CA SER A 174 6.96 -5.42 -5.72
C SER A 174 6.79 -6.19 -4.43
N SER A 175 6.65 -7.52 -4.49
CA SER A 175 6.61 -8.36 -3.28
C SER A 175 7.70 -9.42 -3.31
N TYR A 176 8.76 -9.17 -4.08
CA TYR A 176 9.87 -10.12 -4.13
C TYR A 176 10.64 -10.05 -2.82
N TYR A 177 10.78 -11.20 -2.17
CA TYR A 177 11.50 -11.33 -0.91
C TYR A 177 12.85 -10.60 -1.00
N ALA A 178 13.02 -9.61 -0.15
CA ALA A 178 14.22 -8.77 -0.19
C ALA A 178 15.50 -9.53 0.14
N SER A 179 15.39 -10.56 1.00
CA SER A 179 16.57 -11.27 1.47
C SER A 179 16.67 -12.66 0.86
N SER A 180 16.09 -12.84 -0.34
CA SER A 180 16.19 -14.10 -1.05
C SER A 180 17.64 -14.45 -1.36
N LYS A 181 17.92 -15.74 -1.57
CA LYS A 181 19.26 -16.19 -1.94
C LYS A 181 19.62 -15.76 -3.35
N TYR A 182 18.61 -15.40 -4.13
CA TYR A 182 18.80 -14.96 -5.50
C TYR A 182 18.17 -13.61 -5.72
N GLU A 183 18.83 -12.76 -6.50
CA GLU A 183 18.25 -11.49 -6.89
C GLU A 183 17.85 -11.50 -8.36
N ILE A 184 16.78 -10.77 -8.66
CA ILE A 184 16.20 -10.78 -9.99
C ILE A 184 16.81 -9.67 -10.84
N LEU A 185 17.47 -10.07 -11.93
CA LEU A 185 18.00 -9.12 -12.90
C LEU A 185 16.87 -8.60 -13.79
N SER A 186 16.06 -9.52 -14.29
CA SER A 186 14.84 -9.16 -15.05
C SER A 186 13.82 -10.29 -15.03
N ALA A 187 12.56 -9.91 -15.17
CA ALA A 187 11.45 -10.86 -15.19
C ALA A 187 10.34 -10.40 -16.14
N THR A 188 10.06 -11.19 -17.18
CA THR A 188 9.07 -10.80 -18.18
C THR A 188 7.98 -11.84 -18.43
N GLN A 189 6.90 -11.35 -19.05
CA GLN A 189 5.61 -12.03 -19.20
C GLN A 189 5.10 -11.90 -20.63
N THR A 190 5.55 -12.72 -21.55
CA THR A 190 5.22 -12.45 -22.95
C THR A 190 4.22 -13.44 -23.56
N ARG A 191 3.04 -12.92 -23.91
CA ARG A 191 2.06 -13.68 -24.67
C ARG A 191 2.60 -14.05 -26.05
N GLN A 192 2.58 -15.34 -26.35
CA GLN A 192 3.12 -15.89 -27.58
C GLN A 192 2.07 -16.72 -28.28
N VAL A 193 2.10 -16.71 -29.60
CA VAL A 193 1.21 -17.54 -30.41
C VAL A 193 2.06 -18.59 -31.11
N GLN A 194 1.60 -19.85 -31.07
CA GLN A 194 2.32 -20.93 -31.74
C GLN A 194 1.49 -21.57 -32.85
N HIS A 195 2.15 -21.82 -33.98
CA HIS A 195 1.52 -22.46 -35.13
C HIS A 195 2.21 -23.79 -35.40
N TYR A 196 1.40 -24.84 -35.61
CA TYR A 196 1.93 -26.17 -35.87
C TYR A 196 1.53 -26.66 -37.25
N SER A 197 2.49 -27.29 -37.92
CA SER A 197 2.31 -27.89 -39.24
C SER A 197 0.99 -28.68 -39.35
N CYS A 198 0.77 -29.51 -38.33
CA CYS A 198 -0.33 -30.46 -38.28
C CYS A 198 -1.69 -29.79 -38.29
N CYS A 199 -1.78 -28.75 -37.49
CA CYS A 199 -3.04 -28.29 -36.98
C CYS A 199 -3.30 -26.84 -37.36
N PRO A 200 -4.47 -26.55 -37.94
CA PRO A 200 -4.82 -25.19 -38.36
C PRO A 200 -5.13 -24.19 -37.26
N GLU A 201 -5.27 -24.66 -36.02
CA GLU A 201 -5.65 -23.79 -34.90
C GLU A 201 -4.38 -23.28 -34.23
N PRO A 202 -4.38 -22.01 -33.80
CA PRO A 202 -3.26 -21.45 -33.06
C PRO A 202 -3.31 -21.83 -31.59
N TYR A 203 -2.17 -21.78 -30.92
CA TYR A 203 -2.08 -22.07 -29.49
C TYR A 203 -1.38 -20.94 -28.78
N ILE A 204 -1.99 -20.44 -27.71
CA ILE A 204 -1.47 -19.30 -26.99
C ILE A 204 -0.90 -19.75 -25.66
N ASP A 205 0.30 -19.27 -25.35
CA ASP A 205 0.87 -19.41 -24.03
C ASP A 205 1.46 -18.07 -23.63
N VAL A 206 1.82 -17.96 -22.36
CA VAL A 206 2.52 -16.81 -21.82
C VAL A 206 3.87 -17.32 -21.32
N ASN A 207 4.93 -16.69 -21.81
CA ASN A 207 6.29 -17.15 -21.54
C ASN A 207 6.86 -16.27 -20.47
N LEU A 208 7.15 -16.86 -19.32
CA LEU A 208 7.69 -16.15 -18.17
C LEU A 208 9.18 -16.42 -18.13
N VAL A 209 9.98 -15.38 -18.34
CA VAL A 209 11.43 -15.52 -18.44
C VAL A 209 12.06 -14.78 -17.28
N VAL A 210 12.90 -15.47 -16.51
CA VAL A 210 13.53 -14.90 -15.34
C VAL A 210 15.05 -14.94 -15.46
N LYS A 211 15.69 -13.82 -15.10
CA LYS A 211 17.15 -13.73 -15.06
C LYS A 211 17.58 -13.36 -13.66
N PHE A 212 18.36 -14.23 -13.05
CA PHE A 212 18.68 -14.07 -11.64
C PHE A 212 20.12 -14.49 -11.44
N ARG A 213 20.61 -14.23 -10.24
CA ARG A 213 21.95 -14.63 -9.85
C ARG A 213 21.99 -14.72 -8.34
N GLU A 214 23.06 -15.30 -7.83
CA GLU A 214 23.24 -15.39 -6.38
C GLU A 214 23.35 -13.99 -5.82
N ARG A 215 22.71 -13.79 -4.68
CA ARG A 215 22.77 -12.52 -3.99
C ARG A 215 24.08 -12.54 -3.23
N ARG A 216 24.84 -11.45 -3.28
CA ARG A 216 26.07 -11.35 -2.48
C ARG A 216 26.44 -9.90 -2.19
N ASP B 5 -30.24 -41.18 31.64
CA ASP B 5 -31.43 -41.06 30.74
C ASP B 5 -32.05 -39.66 30.79
N ASP B 6 -31.90 -38.98 31.93
CA ASP B 6 -32.12 -37.52 31.99
C ASP B 6 -30.90 -36.82 31.38
N LYS B 7 -29.84 -37.59 31.16
CA LYS B 7 -28.74 -37.18 30.29
C LYS B 7 -29.11 -37.40 28.82
N LEU B 8 -29.83 -38.49 28.52
CA LEU B 8 -30.44 -38.69 27.19
C LEU B 8 -31.26 -37.45 26.80
N HIS B 9 -31.72 -36.68 27.79
CA HIS B 9 -32.25 -35.34 27.58
C HIS B 9 -31.17 -34.32 27.15
N SER B 10 -30.20 -34.07 28.03
CA SER B 10 -29.09 -33.14 27.71
C SER B 10 -28.46 -33.52 26.37
N GLN B 11 -28.51 -34.82 26.09
CA GLN B 11 -28.07 -35.39 24.83
C GLN B 11 -28.98 -34.97 23.67
N ALA B 12 -30.27 -35.18 23.83
CA ALA B 12 -31.27 -34.87 22.79
C ALA B 12 -31.44 -33.37 22.59
N ASN B 13 -31.22 -32.61 23.66
CA ASN B 13 -31.19 -31.15 23.58
C ASN B 13 -30.11 -30.67 22.62
N LEU B 14 -28.89 -31.15 22.85
CA LEU B 14 -27.73 -30.78 22.05
C LEU B 14 -27.95 -31.04 20.56
N MET B 15 -28.52 -32.19 20.23
CA MET B 15 -28.75 -32.54 18.83
C MET B 15 -29.86 -31.69 18.23
N ARG B 16 -30.84 -31.31 19.04
CA ARG B 16 -31.88 -30.39 18.58
C ARG B 16 -31.26 -29.06 18.21
N LEU B 17 -30.38 -28.56 19.08
CA LEU B 17 -29.67 -27.29 18.84
C LEU B 17 -28.83 -27.33 17.57
N LYS B 18 -28.04 -28.39 17.41
CA LYS B 18 -27.21 -28.54 16.22
C LYS B 18 -28.06 -28.63 14.95
N SER B 19 -29.16 -29.37 15.03
CA SER B 19 -30.11 -29.46 13.92
C SER B 19 -30.66 -28.08 13.58
N ASP B 20 -31.12 -27.37 14.60
CA ASP B 20 -31.70 -26.03 14.46
C ASP B 20 -30.75 -25.00 13.84
N LEU B 21 -29.47 -25.10 14.17
CA LEU B 21 -28.49 -24.14 13.67
C LEU B 21 -28.05 -24.48 12.25
N PHE B 22 -27.61 -25.71 12.02
CA PHE B 22 -27.03 -26.09 10.72
C PHE B 22 -28.07 -26.53 9.71
N ASN B 23 -28.61 -27.74 9.90
CA ASN B 23 -29.54 -28.38 8.96
C ASN B 23 -30.75 -27.51 8.68
N ARG B 24 -31.26 -26.85 9.72
CA ARG B 24 -32.47 -26.04 9.59
C ARG B 24 -32.17 -24.71 8.92
N SER B 25 -31.38 -23.87 9.58
CA SER B 25 -31.10 -22.52 9.11
C SER B 25 -29.79 -22.46 8.34
N TYR B 28 -25.02 -18.66 7.01
CA TYR B 28 -24.03 -17.60 6.80
C TYR B 28 -23.24 -17.86 5.51
N PRO B 29 -23.36 -16.95 4.52
CA PRO B 29 -22.62 -17.09 3.26
C PRO B 29 -21.22 -16.45 3.28
N GLY B 30 -20.85 -15.88 4.42
CA GLY B 30 -19.63 -15.09 4.54
C GLY B 30 -19.98 -13.65 4.82
N PRO B 31 -18.99 -12.83 5.18
CA PRO B 31 -19.21 -11.41 5.42
C PRO B 31 -19.50 -10.68 4.14
N THR B 32 -20.29 -9.62 4.24
CA THR B 32 -20.55 -8.71 3.15
C THR B 32 -20.07 -7.33 3.58
N LYS B 33 -20.19 -6.36 2.69
CA LYS B 33 -19.77 -5.00 3.00
C LYS B 33 -20.72 -4.35 3.99
N ASP B 34 -22.01 -4.70 3.86
CA ASP B 34 -23.04 -4.25 4.80
C ASP B 34 -23.12 -5.10 6.06
N ASP B 35 -22.30 -6.15 6.12
CA ASP B 35 -22.25 -7.04 7.27
C ASP B 35 -20.82 -7.54 7.46
N PRO B 36 -19.90 -6.62 7.80
CA PRO B 36 -18.49 -7.00 7.94
C PRO B 36 -18.27 -7.81 9.20
N LEU B 37 -17.11 -8.45 9.28
CA LEU B 37 -16.80 -9.38 10.36
C LEU B 37 -15.40 -9.08 10.88
N THR B 38 -15.26 -9.07 12.21
CA THR B 38 -13.97 -8.81 12.84
C THR B 38 -13.43 -10.07 13.50
N VAL B 39 -12.29 -10.53 13.00
CA VAL B 39 -11.65 -11.72 13.51
C VAL B 39 -10.51 -11.27 14.42
N THR B 40 -10.38 -11.87 15.58
CA THR B 40 -9.27 -11.58 16.48
C THR B 40 -8.29 -12.73 16.38
N LEU B 41 -7.06 -12.43 15.99
CA LEU B 41 -6.01 -13.46 15.92
C LEU B 41 -5.02 -13.26 17.05
N GLY B 42 -4.44 -14.36 17.48
CA GLY B 42 -3.31 -14.34 18.38
C GLY B 42 -2.55 -15.63 18.19
N PHE B 43 -1.23 -15.55 18.26
CA PHE B 43 -0.40 -16.71 18.04
C PHE B 43 0.25 -17.17 19.33
N THR B 44 0.43 -18.48 19.42
CA THR B 44 1.20 -19.09 20.48
C THR B 44 2.28 -19.88 19.80
N LEU B 45 3.51 -19.40 19.89
CA LEU B 45 4.64 -19.99 19.21
C LEU B 45 5.21 -21.12 20.07
N GLN B 46 5.26 -22.32 19.51
CA GLN B 46 5.74 -23.52 20.22
C GLN B 46 7.20 -23.82 19.91
N ASP B 47 7.56 -23.72 18.63
CA ASP B 47 8.91 -24.11 18.22
C ASP B 47 9.33 -23.49 16.89
N ILE B 48 10.60 -23.12 16.80
CA ILE B 48 11.26 -22.97 15.52
C ILE B 48 12.00 -24.28 15.33
N VAL B 49 11.55 -25.08 14.38
CA VAL B 49 12.09 -26.44 14.21
C VAL B 49 13.37 -26.43 13.37
N LYS B 50 13.46 -25.51 12.43
CA LYS B 50 14.49 -25.58 11.41
C LYS B 50 14.73 -24.25 10.75
N ALA B 51 16.00 -23.94 10.51
CA ALA B 51 16.40 -22.75 9.80
C ALA B 51 17.34 -23.19 8.69
N ASP B 52 16.91 -23.03 7.44
CA ASP B 52 17.69 -23.50 6.33
C ASP B 52 18.27 -22.31 5.60
N SER B 53 19.57 -22.12 5.71
CA SER B 53 20.24 -20.97 5.11
C SER B 53 20.75 -21.22 3.69
N SER B 54 20.48 -22.39 3.12
CA SER B 54 20.75 -22.62 1.69
C SER B 54 19.58 -22.13 0.83
N THR B 55 18.40 -22.07 1.43
CA THR B 55 17.18 -21.69 0.73
C THR B 55 16.43 -20.54 1.43
N ASN B 56 16.95 -20.11 2.58
CA ASN B 56 16.29 -19.11 3.42
C ASN B 56 14.84 -19.42 3.72
N GLU B 57 14.63 -20.62 4.26
CA GLU B 57 13.32 -21.05 4.73
C GLU B 57 13.44 -21.39 6.22
N VAL B 58 12.50 -20.89 7.02
CA VAL B 58 12.37 -21.28 8.42
C VAL B 58 11.03 -21.97 8.68
N ASP B 59 11.03 -22.99 9.53
CA ASP B 59 9.83 -23.76 9.87
C ASP B 59 9.37 -23.49 11.31
N LEU B 60 8.11 -23.12 11.48
CA LEU B 60 7.54 -22.89 12.80
C LEU B 60 6.45 -23.88 13.14
N VAL B 61 6.28 -24.16 14.42
CA VAL B 61 5.08 -24.80 14.93
C VAL B 61 4.42 -23.79 15.87
N TYR B 62 3.13 -23.53 15.66
CA TYR B 62 2.39 -22.57 16.48
C TYR B 62 0.92 -22.91 16.50
N TYR B 63 0.19 -22.36 17.47
CA TYR B 63 -1.26 -22.32 17.44
C TYR B 63 -1.68 -20.95 16.97
N GLU B 64 -2.82 -20.90 16.31
CA GLU B 64 -3.36 -19.66 15.84
C GLU B 64 -4.76 -19.57 16.36
N GLN B 65 -4.97 -18.69 17.34
CA GLN B 65 -6.29 -18.55 17.93
C GLN B 65 -7.14 -17.61 17.08
N GLN B 66 -8.30 -18.10 16.64
CA GLN B 66 -9.22 -17.30 15.85
C GLN B 66 -10.54 -17.17 16.59
N ARG B 67 -11.05 -15.94 16.65
CA ARG B 67 -12.32 -15.65 17.29
C ARG B 67 -13.16 -14.71 16.48
N TRP B 68 -14.44 -15.04 16.38
CA TRP B 68 -15.39 -14.21 15.66
C TRP B 68 -16.77 -14.46 16.23
N LYS B 69 -17.75 -13.66 15.80
CA LYS B 69 -19.08 -13.74 16.37
C LYS B 69 -20.13 -13.53 15.30
N LEU B 70 -21.04 -14.49 15.18
CA LEU B 70 -22.14 -14.42 14.21
C LEU B 70 -23.47 -14.41 14.94
N ASN B 71 -24.30 -13.41 14.64
CA ASN B 71 -25.65 -13.38 15.17
C ASN B 71 -26.46 -14.57 14.65
N SER B 72 -26.11 -15.04 13.46
CA SER B 72 -26.73 -16.23 12.90
C SER B 72 -26.48 -17.50 13.73
N LEU B 73 -25.56 -17.42 14.71
CA LEU B 73 -25.24 -18.57 15.57
C LEU B 73 -25.61 -18.36 17.04
N MET B 74 -26.42 -17.34 17.33
CA MET B 74 -26.91 -17.14 18.69
C MET B 74 -28.06 -18.09 18.95
N TRP B 75 -28.29 -18.41 20.22
CA TRP B 75 -29.44 -19.20 20.64
C TRP B 75 -29.68 -18.94 22.13
N ASP B 76 -30.94 -19.10 22.56
CA ASP B 76 -31.31 -18.95 23.96
C ASP B 76 -31.17 -20.32 24.64
N PRO B 77 -30.33 -20.41 25.69
CA PRO B 77 -30.15 -21.65 26.47
C PRO B 77 -31.42 -22.22 27.09
N ASN B 78 -32.29 -21.33 27.57
CA ASN B 78 -33.57 -21.72 28.20
C ASN B 78 -34.44 -22.62 27.31
N GLU B 79 -34.28 -22.44 26.00
CA GLU B 79 -34.98 -23.27 25.01
C GLU B 79 -34.22 -24.57 24.67
N TYR B 80 -33.02 -24.73 25.22
CA TYR B 80 -32.16 -25.88 24.91
C TYR B 80 -31.47 -26.46 26.16
N GLY B 81 -32.21 -26.53 27.25
CA GLY B 81 -31.77 -27.23 28.47
C GLY B 81 -30.58 -26.63 29.20
N ASN B 82 -30.34 -25.34 29.01
CA ASN B 82 -29.20 -24.65 29.64
C ASN B 82 -27.85 -25.00 29.00
N ILE B 83 -27.89 -25.43 27.74
CA ILE B 83 -26.66 -25.62 26.97
C ILE B 83 -26.13 -24.24 26.61
N THR B 84 -24.87 -23.98 26.96
CA THR B 84 -24.25 -22.67 26.74
C THR B 84 -23.21 -22.68 25.61
N ASP B 85 -22.68 -23.85 25.30
CA ASP B 85 -21.68 -23.98 24.26
C ASP B 85 -21.61 -25.42 23.78
N PHE B 86 -21.00 -25.63 22.62
CA PHE B 86 -20.80 -26.98 22.13
C PHE B 86 -19.61 -27.03 21.21
N ARG B 87 -19.00 -28.20 21.12
CA ARG B 87 -17.94 -28.47 20.17
C ARG B 87 -18.59 -28.90 18.88
N THR B 88 -18.00 -28.53 17.76
CA THR B 88 -18.48 -28.99 16.48
C THR B 88 -17.38 -28.95 15.46
N SER B 89 -17.51 -29.82 14.47
CA SER B 89 -16.54 -29.91 13.39
C SER B 89 -16.46 -28.58 12.65
N ALA B 90 -15.24 -28.13 12.38
CA ALA B 90 -15.00 -26.86 11.69
C ALA B 90 -15.58 -26.81 10.28
N ALA B 91 -15.86 -27.97 9.70
CA ALA B 91 -16.51 -28.07 8.39
C ALA B 91 -18.02 -27.83 8.49
N ASP B 92 -18.59 -27.90 9.70
CA ASP B 92 -20.01 -27.62 9.91
C ASP B 92 -20.31 -26.12 9.90
N ILE B 93 -19.27 -25.30 10.00
CA ILE B 93 -19.44 -23.86 10.04
C ILE B 93 -18.50 -23.14 9.09
N TRP B 94 -18.83 -21.87 8.82
CA TRP B 94 -17.97 -20.99 8.07
C TRP B 94 -16.73 -20.67 8.92
N THR B 95 -15.58 -20.58 8.27
CA THR B 95 -14.35 -20.19 8.94
C THR B 95 -13.60 -19.23 8.04
N PRO B 96 -12.84 -18.29 8.64
CA PRO B 96 -12.06 -17.35 7.87
C PRO B 96 -10.90 -18.03 7.16
N ASP B 97 -10.50 -17.45 6.02
CA ASP B 97 -9.45 -18.03 5.18
C ASP B 97 -8.11 -17.40 5.51
N ILE B 98 -7.76 -17.40 6.80
CA ILE B 98 -6.55 -16.73 7.24
C ILE B 98 -5.35 -17.47 6.67
N THR B 99 -4.57 -16.74 5.87
CA THR B 99 -3.49 -17.30 5.08
C THR B 99 -2.19 -16.57 5.36
N ALA B 100 -1.08 -17.32 5.40
CA ALA B 100 0.26 -16.73 5.50
C ALA B 100 0.67 -16.22 4.13
N TYR B 101 1.21 -15.00 4.10
CA TYR B 101 1.52 -14.35 2.82
C TYR B 101 2.84 -14.76 2.21
N SER B 102 3.76 -15.32 2.99
CA SER B 102 5.08 -15.64 2.45
C SER B 102 5.51 -17.09 2.74
N SER B 103 4.53 -17.99 2.82
CA SER B 103 4.79 -19.41 2.97
C SER B 103 5.51 -19.93 1.71
N THR B 104 6.38 -20.92 1.90
CA THR B 104 7.07 -21.55 0.78
C THR B 104 6.55 -22.96 0.51
N ARG B 105 5.78 -23.48 1.46
CA ARG B 105 5.13 -24.80 1.31
CA ARG B 105 5.16 -24.82 1.35
C ARG B 105 3.72 -24.76 1.88
N PRO B 106 2.88 -25.73 1.51
CA PRO B 106 1.56 -25.74 2.12
C PRO B 106 1.60 -26.00 3.62
N VAL B 107 0.85 -25.20 4.37
CA VAL B 107 0.71 -25.34 5.82
C VAL B 107 0.22 -26.74 6.22
N GLN B 108 0.88 -27.34 7.19
CA GLN B 108 0.52 -28.66 7.67
C GLN B 108 -0.27 -28.54 8.98
N VAL B 109 -1.48 -29.08 8.98
CA VAL B 109 -2.37 -29.01 10.13
C VAL B 109 -2.00 -30.09 11.12
N LEU B 110 -1.73 -29.68 12.35
CA LEU B 110 -1.25 -30.62 13.39
C LEU B 110 -2.34 -31.00 14.39
N SER B 111 -3.47 -30.30 14.34
CA SER B 111 -4.55 -30.55 15.30
C SER B 111 -5.89 -30.83 14.63
N PRO B 112 -6.83 -31.39 15.40
CA PRO B 112 -8.22 -31.54 14.98
C PRO B 112 -8.88 -30.22 14.59
N GLN B 113 -9.71 -30.32 13.55
CA GLN B 113 -10.42 -29.17 12.99
C GLN B 113 -11.77 -29.04 13.69
N ILE B 114 -11.73 -28.62 14.96
CA ILE B 114 -12.92 -28.54 15.79
C ILE B 114 -13.00 -27.19 16.49
N ALA B 115 -14.13 -26.52 16.32
CA ALA B 115 -14.36 -25.20 16.91
C ALA B 115 -15.26 -25.32 18.13
N VAL B 116 -15.19 -24.33 19.01
CA VAL B 116 -16.15 -24.20 20.10
C VAL B 116 -17.10 -23.05 19.77
N VAL B 117 -18.40 -23.29 19.93
CA VAL B 117 -19.43 -22.28 19.67
C VAL B 117 -20.21 -21.99 20.95
N THR B 118 -20.35 -20.71 21.28
CA THR B 118 -21.03 -20.28 22.51
C THR B 118 -22.37 -19.65 22.17
N HIS B 119 -23.28 -19.62 23.14
CA HIS B 119 -24.66 -19.17 22.92
C HIS B 119 -24.81 -17.71 22.46
N ASP B 120 -23.79 -16.90 22.71
CA ASP B 120 -23.80 -15.49 22.30
C ASP B 120 -23.42 -15.30 20.82
N GLY B 121 -23.08 -16.40 20.15
CA GLY B 121 -22.79 -16.39 18.72
C GLY B 121 -21.30 -16.42 18.41
N SER B 122 -20.47 -16.47 19.45
CA SER B 122 -19.02 -16.44 19.27
C SER B 122 -18.46 -17.83 18.98
N VAL B 123 -17.46 -17.87 18.12
CA VAL B 123 -16.76 -19.09 17.77
C VAL B 123 -15.32 -18.90 18.16
N MET B 124 -14.68 -19.94 18.68
CA MET B 124 -13.24 -19.93 18.93
C MET B 124 -12.65 -21.13 18.23
N PHE B 125 -11.61 -20.91 17.45
CA PHE B 125 -10.99 -21.98 16.67
C PHE B 125 -9.47 -21.88 16.75
N ILE B 126 -8.82 -22.95 17.22
CA ILE B 126 -7.40 -22.92 17.53
C ILE B 126 -6.62 -24.04 16.83
N PRO B 127 -6.35 -23.88 15.53
CA PRO B 127 -5.54 -24.88 14.83
C PRO B 127 -4.03 -24.78 15.15
N ALA B 128 -3.37 -25.93 15.25
CA ALA B 128 -1.92 -26.00 15.35
C ALA B 128 -1.37 -26.28 13.97
N GLN B 129 -0.30 -25.59 13.60
CA GLN B 129 0.23 -25.70 12.26
C GLN B 129 1.74 -25.68 12.24
N ARG B 130 2.31 -26.35 11.23
CA ARG B 130 3.71 -26.17 10.89
C ARG B 130 3.79 -25.41 9.58
N LEU B 131 4.49 -24.28 9.61
CA LEU B 131 4.61 -23.39 8.48
C LEU B 131 6.07 -23.31 8.06
N SER B 132 6.30 -23.26 6.76
CA SER B 132 7.60 -22.90 6.20
C SER B 132 7.44 -21.55 5.56
N PHE B 133 8.28 -20.58 5.92
CA PHE B 133 8.18 -19.24 5.34
C PHE B 133 9.55 -18.66 4.99
N MET B 134 9.55 -17.49 4.36
CA MET B 134 10.77 -16.87 3.85
C MET B 134 11.53 -16.15 4.95
N CYS B 135 12.69 -16.66 5.32
CA CYS B 135 13.44 -16.13 6.43
C CYS B 135 14.92 -16.30 6.19
N ASP B 136 15.67 -15.20 6.32
CA ASP B 136 17.12 -15.22 6.24
C ASP B 136 17.68 -15.41 7.65
N PRO B 137 18.13 -16.64 7.98
CA PRO B 137 18.61 -16.92 9.33
C PRO B 137 20.04 -16.39 9.62
N THR B 138 20.56 -15.53 8.75
CA THR B 138 21.88 -14.93 8.95
C THR B 138 21.93 -14.15 10.26
N GLY B 139 22.92 -14.46 11.09
CA GLY B 139 23.09 -13.82 12.39
C GLY B 139 22.46 -14.60 13.54
N VAL B 140 21.94 -15.78 13.21
CA VAL B 140 21.29 -16.63 14.21
C VAL B 140 22.32 -17.27 15.14
N ASP B 141 23.56 -17.32 14.66
CA ASP B 141 24.70 -17.78 15.48
C ASP B 141 25.49 -16.59 16.02
N SER B 142 24.81 -15.45 16.14
CA SER B 142 25.38 -14.29 16.81
C SER B 142 24.43 -14.00 17.96
N GLU B 143 24.76 -13.00 18.77
CA GLU B 143 23.97 -12.75 19.96
C GLU B 143 22.86 -11.74 19.73
N GLU B 144 22.99 -10.94 18.67
CA GLU B 144 21.92 -10.03 18.25
C GLU B 144 20.80 -10.86 17.66
N GLY B 145 21.17 -11.91 16.92
CA GLY B 145 20.23 -12.89 16.41
C GLY B 145 19.81 -12.65 14.97
N ALA B 146 18.76 -13.32 14.55
CA ALA B 146 18.17 -13.08 13.24
C ALA B 146 16.76 -12.52 13.45
N THR B 147 16.31 -11.69 12.51
CA THR B 147 14.94 -11.22 12.52
C THR B 147 14.21 -11.65 11.25
N CYS B 148 12.97 -12.09 11.41
CA CYS B 148 12.14 -12.47 10.29
C CYS B 148 10.69 -12.14 10.54
N ALA B 149 9.89 -12.17 9.48
CA ALA B 149 8.53 -11.71 9.59
C ALA B 149 7.59 -12.40 8.61
N VAL B 150 6.36 -12.64 9.05
CA VAL B 150 5.35 -13.22 8.19
C VAL B 150 4.00 -12.63 8.53
N LYS B 151 3.28 -12.26 7.47
CA LYS B 151 1.96 -11.67 7.53
C LYS B 151 0.91 -12.74 7.36
N PHE B 152 -0.10 -12.67 8.23
CA PHE B 152 -1.28 -13.51 8.11
C PHE B 152 -2.46 -12.61 7.90
N GLY B 153 -3.35 -13.00 7.00
CA GLY B 153 -4.59 -12.30 6.82
C GLY B 153 -5.49 -13.08 5.89
N SER B 154 -6.71 -12.58 5.69
CA SER B 154 -7.61 -13.14 4.74
C SER B 154 -7.00 -13.01 3.35
N TRP B 155 -7.06 -14.07 2.58
CA TRP B 155 -6.55 -14.03 1.23
C TRP B 155 -7.53 -13.34 0.27
N VAL B 156 -8.84 -13.55 0.45
CA VAL B 156 -9.81 -13.06 -0.53
C VAL B 156 -10.65 -11.89 -0.09
N TYR B 157 -10.72 -11.62 1.21
CA TYR B 157 -11.55 -10.53 1.71
C TYR B 157 -10.75 -9.28 2.02
N SER B 158 -11.22 -8.16 1.49
CA SER B 158 -10.67 -6.84 1.80
C SER B 158 -11.06 -6.41 3.21
N GLY B 159 -10.48 -5.28 3.63
CA GLY B 159 -10.75 -4.74 4.95
C GLY B 159 -12.18 -4.31 5.17
N PHE B 160 -12.95 -4.25 4.08
CA PHE B 160 -14.36 -3.93 4.14
C PHE B 160 -15.25 -5.12 4.53
N GLU B 161 -14.71 -6.32 4.41
CA GLU B 161 -15.45 -7.54 4.72
C GLU B 161 -14.88 -8.23 5.96
N ILE B 162 -13.56 -8.34 6.02
CA ILE B 162 -12.91 -8.93 7.17
C ILE B 162 -11.91 -7.95 7.74
N ASP B 163 -12.15 -7.57 8.98
CA ASP B 163 -11.20 -6.81 9.75
C ASP B 163 -10.47 -7.78 10.68
N LEU B 164 -9.27 -7.41 11.10
CA LEU B 164 -8.50 -8.18 12.06
C LEU B 164 -8.09 -7.31 13.24
N LYS B 165 -7.94 -7.94 14.40
CA LYS B 165 -7.34 -7.29 15.55
C LYS B 165 -6.65 -8.31 16.44
N THR B 166 -5.70 -7.83 17.24
CA THR B 166 -5.05 -8.65 18.22
C THR B 166 -5.61 -8.20 19.56
N ASP B 167 -5.44 -9.04 20.59
CA ASP B 167 -5.76 -8.64 21.95
C ASP B 167 -4.54 -8.02 22.59
N THR B 168 -3.38 -8.45 22.12
CA THR B 168 -2.11 -7.97 22.63
C THR B 168 -1.11 -7.98 21.49
N ASP B 169 -0.03 -7.22 21.68
CA ASP B 169 1.07 -7.17 20.72
C ASP B 169 2.07 -8.27 20.93
N GLN B 170 1.84 -9.07 21.97
CA GLN B 170 2.80 -10.03 22.45
C GLN B 170 2.35 -11.42 22.05
N VAL B 171 3.17 -12.07 21.23
CA VAL B 171 2.97 -13.46 20.89
C VAL B 171 3.15 -14.26 22.17
N ASP B 172 2.23 -15.18 22.44
CA ASP B 172 2.35 -16.05 23.61
C ASP B 172 3.56 -16.96 23.43
N LEU B 173 4.49 -16.88 24.38
CA LEU B 173 5.70 -17.70 24.40
C LEU B 173 5.74 -18.60 25.63
N SER B 174 4.62 -18.75 26.33
CA SER B 174 4.58 -19.54 27.57
C SER B 174 4.69 -21.04 27.32
N SER B 175 4.33 -21.50 26.12
CA SER B 175 4.42 -22.91 25.75
C SER B 175 5.58 -23.17 24.80
N TYR B 176 6.48 -22.21 24.64
CA TYR B 176 7.60 -22.39 23.73
C TYR B 176 8.51 -23.49 24.26
N TYR B 177 9.05 -24.28 23.35
CA TYR B 177 9.81 -25.47 23.72
C TYR B 177 11.15 -25.08 24.33
N ALA B 178 11.35 -25.46 25.59
CA ALA B 178 12.53 -25.05 26.35
C ALA B 178 13.83 -25.70 25.88
N SER B 179 13.75 -26.82 25.15
CA SER B 179 14.94 -27.49 24.64
C SER B 179 15.07 -27.35 23.13
N SER B 180 14.35 -26.36 22.57
CA SER B 180 14.44 -26.02 21.15
C SER B 180 15.86 -25.74 20.70
N LYS B 181 16.10 -25.84 19.40
CA LYS B 181 17.39 -25.50 18.83
C LYS B 181 17.60 -24.00 18.86
N TYR B 182 16.49 -23.25 18.78
CA TYR B 182 16.52 -21.80 18.78
C TYR B 182 15.74 -21.24 19.95
N GLU B 183 16.28 -20.19 20.57
CA GLU B 183 15.55 -19.48 21.61
C GLU B 183 14.95 -18.21 21.05
N ILE B 184 13.87 -17.76 21.68
CA ILE B 184 13.16 -16.58 21.23
C ILE B 184 13.65 -15.37 22.02
N LEU B 185 14.07 -14.34 21.28
CA LEU B 185 14.47 -13.08 21.89
C LEU B 185 13.25 -12.17 21.98
N SER B 186 12.51 -12.04 20.89
CA SER B 186 11.22 -11.37 20.92
C SER B 186 10.29 -11.91 19.86
N ALA B 187 8.99 -11.68 20.06
CA ALA B 187 7.99 -12.12 19.12
C ALA B 187 6.77 -11.22 19.24
N THR B 188 6.56 -10.36 18.26
CA THR B 188 5.38 -9.49 18.28
C THR B 188 4.39 -9.85 17.19
N GLN B 189 3.15 -9.41 17.42
CA GLN B 189 2.07 -9.55 16.46
C GLN B 189 1.41 -8.18 16.31
N THR B 190 1.49 -7.61 15.12
CA THR B 190 1.03 -6.25 14.90
C THR B 190 0.12 -6.13 13.69
N ARG B 191 -1.08 -5.60 13.91
CA ARG B 191 -2.03 -5.36 12.83
C ARG B 191 -1.51 -4.32 11.85
N GLN B 192 -1.50 -4.67 10.56
CA GLN B 192 -1.19 -3.72 9.51
C GLN B 192 -2.33 -3.60 8.49
N VAL B 193 -2.31 -2.49 7.76
CA VAL B 193 -3.30 -2.21 6.72
C VAL B 193 -2.56 -1.98 5.42
N GLN B 194 -2.95 -2.70 4.37
CA GLN B 194 -2.11 -2.81 3.19
C GLN B 194 -2.89 -2.79 1.87
N HIS B 195 -2.30 -2.18 0.86
CA HIS B 195 -2.90 -2.06 -0.46
C HIS B 195 -2.03 -2.75 -1.49
N TYR B 196 -2.62 -3.64 -2.28
CA TYR B 196 -1.89 -4.35 -3.32
C TYR B 196 -2.33 -3.92 -4.72
N SER B 197 -1.54 -4.31 -5.71
CA SER B 197 -1.72 -3.80 -7.07
C SER B 197 -2.96 -4.34 -7.79
N CYS B 198 -3.24 -5.64 -7.61
CA CYS B 198 -4.46 -6.27 -8.13
C CYS B 198 -5.72 -5.43 -7.93
N CYS B 199 -5.84 -4.89 -6.73
CA CYS B 199 -7.11 -4.48 -6.17
C CYS B 199 -6.99 -3.14 -5.49
N PRO B 200 -8.09 -2.36 -5.47
CA PRO B 200 -8.09 -1.03 -4.88
C PRO B 200 -8.58 -0.93 -3.43
N GLU B 201 -8.86 -2.06 -2.78
CA GLU B 201 -9.31 -2.03 -1.39
C GLU B 201 -8.20 -2.44 -0.44
N PRO B 202 -8.26 -1.93 0.81
CA PRO B 202 -7.29 -2.35 1.81
C PRO B 202 -7.48 -3.82 2.20
N TYR B 203 -6.38 -4.51 2.45
CA TYR B 203 -6.38 -5.84 3.05
C TYR B 203 -5.71 -5.74 4.40
N ILE B 204 -6.31 -6.36 5.42
CA ILE B 204 -5.78 -6.28 6.77
C ILE B 204 -4.98 -7.53 7.03
N ASP B 205 -3.86 -7.37 7.73
CA ASP B 205 -3.04 -8.51 8.11
C ASP B 205 -2.53 -8.28 9.52
N VAL B 206 -2.16 -9.37 10.18
CA VAL B 206 -1.40 -9.31 11.42
C VAL B 206 0.01 -9.79 11.07
N ASN B 207 0.99 -8.91 11.26
CA ASN B 207 2.39 -9.22 10.95
C ASN B 207 3.06 -9.74 12.19
N LEU B 208 3.71 -10.89 12.05
CA LEU B 208 4.36 -11.58 13.17
C LEU B 208 5.86 -11.48 12.95
N VAL B 209 6.56 -10.74 13.82
CA VAL B 209 8.00 -10.52 13.71
C VAL B 209 8.70 -11.25 14.81
N VAL B 210 9.65 -12.12 14.45
CA VAL B 210 10.33 -12.99 15.42
C VAL B 210 11.86 -12.83 15.42
N LYS B 211 12.44 -12.60 16.60
CA LYS B 211 13.88 -12.59 16.77
C LYS B 211 14.31 -13.79 17.57
N PHE B 212 15.34 -14.47 17.08
CA PHE B 212 15.75 -15.72 17.64
C PHE B 212 17.21 -15.97 17.35
N ARG B 213 17.83 -16.81 18.17
CA ARG B 213 19.23 -17.13 18.01
C ARG B 213 19.45 -18.56 18.44
N GLU B 214 20.57 -19.12 18.01
CA GLU B 214 20.91 -20.49 18.37
C GLU B 214 21.01 -20.57 19.89
N ARG B 215 20.23 -21.48 20.46
CA ARG B 215 20.14 -21.67 21.91
C ARG B 215 21.51 -22.06 22.45
N ARG B 216 21.87 -21.50 23.61
CA ARG B 216 23.17 -21.78 24.25
C ARG B 216 23.18 -21.71 25.79
N ALA B 217 24.34 -22.07 26.35
CA ALA B 217 24.67 -21.84 27.76
C ALA B 217 24.35 -20.40 28.22
N ASP C 6 -28.60 -70.39 8.33
CA ASP C 6 -28.10 -69.90 9.66
C ASP C 6 -27.01 -68.83 9.55
N LYS C 7 -26.43 -68.67 8.35
CA LYS C 7 -25.32 -67.74 8.11
C LYS C 7 -25.80 -66.40 7.56
N LEU C 8 -26.56 -66.47 6.46
CA LEU C 8 -27.27 -65.31 5.94
C LEU C 8 -28.18 -64.77 7.06
N HIS C 9 -28.52 -65.67 7.98
CA HIS C 9 -29.21 -65.33 9.22
C HIS C 9 -28.31 -64.60 10.24
N SER C 10 -27.04 -64.98 10.33
CA SER C 10 -26.07 -64.24 11.14
C SER C 10 -25.83 -62.86 10.53
N GLN C 11 -25.57 -62.83 9.23
CA GLN C 11 -25.49 -61.57 8.47
C GLN C 11 -26.69 -60.69 8.75
N ALA C 12 -27.87 -61.30 8.70
CA ALA C 12 -29.13 -60.59 8.85
C ALA C 12 -29.26 -59.96 10.24
N ASN C 13 -29.04 -60.76 11.28
CA ASN C 13 -29.06 -60.25 12.65
C ASN C 13 -28.08 -59.08 12.83
N LEU C 14 -26.90 -59.20 12.21
CA LEU C 14 -25.88 -58.16 12.30
C LEU C 14 -26.26 -56.92 11.49
N MET C 15 -26.73 -57.12 10.27
CA MET C 15 -27.17 -56.00 9.42
C MET C 15 -28.35 -55.27 10.06
N ARG C 16 -29.20 -56.04 10.75
CA ARG C 16 -30.33 -55.47 11.49
C ARG C 16 -29.86 -54.66 12.71
N LEU C 17 -28.83 -55.16 13.40
CA LEU C 17 -28.29 -54.50 14.59
C LEU C 17 -27.69 -53.15 14.25
N LYS C 18 -26.85 -53.12 13.22
CA LYS C 18 -26.23 -51.88 12.77
C LYS C 18 -27.27 -50.82 12.40
N SER C 19 -28.39 -51.24 11.85
CA SER C 19 -29.50 -50.33 11.54
C SER C 19 -30.10 -49.73 12.81
N ASP C 20 -30.50 -50.58 13.73
CA ASP C 20 -31.06 -50.12 15.01
C ASP C 20 -30.17 -49.06 15.64
N LEU C 21 -28.87 -49.32 15.67
CA LEU C 21 -27.93 -48.45 16.35
C LEU C 21 -27.64 -47.16 15.58
N PHE C 22 -27.36 -47.30 14.28
CA PHE C 22 -26.85 -46.18 13.49
C PHE C 22 -27.93 -45.27 12.91
N ASN C 23 -28.81 -45.84 12.10
CA ASN C 23 -29.76 -45.04 11.31
C ASN C 23 -30.98 -44.57 12.11
N ARG C 24 -30.96 -44.77 13.43
CA ARG C 24 -32.12 -44.49 14.30
C ARG C 24 -31.79 -43.62 15.55
N SER C 25 -30.51 -43.31 15.77
CA SER C 25 -30.07 -42.64 17.00
C SER C 25 -28.73 -41.92 16.78
N TYR C 28 -24.55 -39.83 18.31
CA TYR C 28 -23.88 -39.26 19.48
C TYR C 28 -23.27 -37.90 19.12
N PRO C 29 -23.59 -36.86 19.91
CA PRO C 29 -23.04 -35.54 19.62
C PRO C 29 -21.66 -35.31 20.22
N GLY C 30 -21.24 -36.22 21.10
CA GLY C 30 -20.02 -36.04 21.89
C GLY C 30 -20.38 -35.81 23.35
N PRO C 31 -19.37 -35.79 24.22
CA PRO C 31 -19.59 -35.53 25.64
C PRO C 31 -19.99 -34.09 25.96
N THR C 32 -20.57 -33.93 27.15
CA THR C 32 -20.93 -32.63 27.70
C THR C 32 -20.58 -32.64 29.18
N LYS C 33 -20.63 -31.47 29.80
CA LYS C 33 -20.44 -31.34 31.25
C LYS C 33 -21.43 -32.17 32.06
N ASP C 34 -22.63 -32.33 31.49
CA ASP C 34 -23.70 -33.08 32.13
C ASP C 34 -23.64 -34.57 31.79
N ASP C 35 -23.07 -34.91 30.64
CA ASP C 35 -22.82 -36.32 30.31
C ASP C 35 -21.37 -36.52 29.86
N PRO C 36 -20.43 -36.43 30.81
CA PRO C 36 -19.01 -36.63 30.53
C PRO C 36 -18.68 -38.05 30.12
N LEU C 37 -17.51 -38.20 29.52
CA LEU C 37 -17.05 -39.47 28.98
C LEU C 37 -15.62 -39.72 29.45
N THR C 38 -15.34 -40.94 29.87
CA THR C 38 -13.99 -41.31 30.28
C THR C 38 -13.36 -42.17 29.22
N VAL C 39 -12.26 -41.67 28.67
CA VAL C 39 -11.52 -42.38 27.64
C VAL C 39 -10.28 -42.93 28.29
N THR C 40 -10.03 -44.23 28.12
CA THR C 40 -8.84 -44.88 28.67
C THR C 40 -7.83 -45.00 27.55
N LEU C 41 -6.57 -44.67 27.85
CA LEU C 41 -5.48 -44.73 26.88
C LEU C 41 -4.38 -45.69 27.29
N GLY C 42 -3.66 -46.20 26.29
CA GLY C 42 -2.48 -47.00 26.51
C GLY C 42 -1.60 -47.00 25.27
N PHE C 43 -0.30 -47.09 25.46
CA PHE C 43 0.63 -47.10 24.33
C PHE C 43 1.43 -48.38 24.26
N THR C 44 1.56 -48.89 23.04
CA THR C 44 2.46 -49.99 22.73
C THR C 44 3.51 -49.46 21.76
N LEU C 45 4.70 -49.20 22.27
CA LEU C 45 5.79 -48.64 21.47
C LEU C 45 6.48 -49.74 20.67
N GLN C 46 6.52 -49.57 19.35
CA GLN C 46 7.17 -50.55 18.47
C GLN C 46 8.59 -50.16 18.07
N ASP C 47 8.82 -48.87 17.82
CA ASP C 47 10.12 -48.44 17.34
C ASP C 47 10.42 -46.97 17.59
N ILE C 48 11.70 -46.68 17.79
CA ILE C 48 12.18 -45.33 17.63
C ILE C 48 12.98 -45.36 16.35
N VAL C 49 12.43 -44.73 15.33
CA VAL C 49 12.98 -44.82 13.98
C VAL C 49 14.11 -43.82 13.78
N LYS C 50 13.99 -42.66 14.42
CA LYS C 50 14.87 -41.54 14.11
C LYS C 50 14.95 -40.53 15.24
N ALA C 51 16.15 -39.99 15.44
CA ALA C 51 16.40 -38.90 16.38
C ALA C 51 17.27 -37.87 15.67
N ASP C 52 16.70 -36.71 15.39
CA ASP C 52 17.41 -35.69 14.63
C ASP C 52 17.94 -34.61 15.59
N SER C 53 19.25 -34.61 15.80
CA SER C 53 19.87 -33.66 16.70
C SER C 53 20.14 -32.30 16.06
N SER C 54 19.88 -32.16 14.76
CA SER C 54 19.99 -30.88 14.07
C SER C 54 18.70 -30.07 14.19
N THR C 55 17.57 -30.75 14.35
CA THR C 55 16.26 -30.09 14.51
C THR C 55 15.56 -30.42 15.83
N ASN C 56 16.12 -31.36 16.59
CA ASN C 56 15.48 -31.88 17.81
C ASN C 56 14.07 -32.42 17.55
N GLU C 57 14.01 -33.43 16.69
CA GLU C 57 12.79 -34.15 16.43
C GLU C 57 13.07 -35.63 16.56
N VAL C 58 12.19 -36.34 17.25
CA VAL C 58 12.29 -37.79 17.31
C VAL C 58 11.04 -38.42 16.70
N ASP C 59 11.25 -39.57 16.05
CA ASP C 59 10.20 -40.30 15.37
C ASP C 59 9.90 -41.63 16.06
N LEU C 60 8.66 -41.75 16.55
CA LEU C 60 8.16 -42.97 17.17
C LEU C 60 7.18 -43.68 16.24
N VAL C 61 7.15 -45.01 16.33
CA VAL C 61 6.06 -45.83 15.77
C VAL C 61 5.45 -46.64 16.92
N TYR C 62 4.13 -46.56 17.07
CA TYR C 62 3.42 -47.21 18.17
C TYR C 62 1.99 -47.41 17.76
N TYR C 63 1.27 -48.30 18.45
CA TYR C 63 -0.19 -48.23 18.43
C TYR C 63 -0.70 -47.73 19.76
N GLU C 64 -1.86 -47.09 19.71
CA GLU C 64 -2.43 -46.39 20.84
C GLU C 64 -3.83 -46.91 21.06
N GLN C 65 -4.03 -47.62 22.16
CA GLN C 65 -5.35 -48.16 22.46
C GLN C 65 -6.27 -47.08 23.04
N GLN C 66 -7.45 -46.93 22.46
CA GLN C 66 -8.45 -45.99 22.99
C GLN C 66 -9.70 -46.76 23.30
N ARG C 67 -10.27 -46.54 24.48
CA ARG C 67 -11.46 -47.26 24.83
C ARG C 67 -12.45 -46.39 25.62
N TRP C 68 -13.72 -46.45 25.23
CA TRP C 68 -14.77 -45.68 25.86
C TRP C 68 -16.09 -46.43 25.75
N LYS C 69 -17.12 -45.94 26.42
CA LYS C 69 -18.37 -46.65 26.53
C LYS C 69 -19.56 -45.70 26.44
N LEU C 70 -20.53 -46.04 25.57
CA LEU C 70 -21.73 -45.25 25.37
C LEU C 70 -22.98 -46.06 25.64
N ASN C 71 -23.98 -45.44 26.26
CA ASN C 71 -25.28 -46.06 26.44
C ASN C 71 -25.97 -46.27 25.11
N SER C 72 -25.76 -45.34 24.18
CA SER C 72 -26.35 -45.40 22.85
C SER C 72 -25.86 -46.57 21.98
N LEU C 73 -24.85 -47.30 22.45
CA LEU C 73 -24.30 -48.44 21.73
C LEU C 73 -24.56 -49.80 22.41
N MET C 74 -25.33 -49.78 23.50
CA MET C 74 -25.70 -51.02 24.21
C MET C 74 -26.74 -51.83 23.43
N TRP C 75 -26.71 -53.15 23.60
CA TRP C 75 -27.74 -54.03 23.07
C TRP C 75 -27.73 -55.39 23.77
N ASP C 76 -28.89 -56.04 23.81
CA ASP C 76 -29.01 -57.40 24.33
C ASP C 76 -28.79 -58.37 23.17
N PRO C 77 -27.78 -59.25 23.29
CA PRO C 77 -27.52 -60.22 22.23
C PRO C 77 -28.71 -61.14 21.93
N ASN C 78 -29.43 -61.53 22.98
CA ASN C 78 -30.66 -62.32 22.83
C ASN C 78 -31.58 -61.82 21.73
N GLU C 79 -31.68 -60.50 21.62
CA GLU C 79 -32.50 -59.86 20.59
C GLU C 79 -31.80 -59.81 19.23
N TYR C 80 -30.60 -60.42 19.11
CA TYR C 80 -29.78 -60.32 17.89
C TYR C 80 -28.88 -61.54 17.63
N GLY C 81 -29.45 -62.74 17.67
CA GLY C 81 -28.70 -63.96 17.33
C GLY C 81 -27.45 -64.17 18.17
N ASN C 82 -27.47 -63.63 19.40
CA ASN C 82 -26.36 -63.75 20.33
C ASN C 82 -25.07 -63.12 19.82
N ILE C 83 -25.21 -61.97 19.18
CA ILE C 83 -24.07 -61.21 18.70
C ILE C 83 -23.64 -60.34 19.86
N THR C 84 -22.35 -60.41 20.17
CA THR C 84 -21.79 -59.73 21.35
C THR C 84 -20.85 -58.57 20.96
N ASP C 85 -20.41 -58.56 19.71
CA ASP C 85 -19.62 -57.44 19.21
C ASP C 85 -19.60 -57.45 17.69
N PHE C 86 -19.13 -56.37 17.10
CA PHE C 86 -18.92 -56.29 15.67
C PHE C 86 -17.85 -55.28 15.31
N ARG C 87 -17.36 -55.37 14.09
CA ARG C 87 -16.41 -54.43 13.57
C ARG C 87 -17.18 -53.37 12.80
N THR C 88 -16.70 -52.13 12.86
CA THR C 88 -17.27 -51.07 12.06
C THR C 88 -16.24 -50.01 11.75
N SER C 89 -16.45 -49.28 10.68
CA SER C 89 -15.55 -48.20 10.31
C SER C 89 -15.58 -47.12 11.38
N ALA C 90 -14.41 -46.55 11.69
CA ALA C 90 -14.32 -45.48 12.67
C ALA C 90 -15.13 -44.25 12.23
N ALA C 91 -15.34 -44.12 10.92
CA ALA C 91 -16.15 -43.03 10.36
C ALA C 91 -17.61 -43.10 10.79
N ASP C 92 -18.12 -44.32 11.00
CA ASP C 92 -19.54 -44.54 11.32
C ASP C 92 -19.91 -44.18 12.78
N ILE C 93 -18.89 -44.01 13.63
CA ILE C 93 -19.10 -43.65 15.04
C ILE C 93 -18.35 -42.40 15.41
N TRP C 94 -18.66 -41.90 16.61
CA TRP C 94 -17.92 -40.83 17.24
C TRP C 94 -16.63 -41.41 17.79
N THR C 95 -15.54 -40.67 17.61
CA THR C 95 -14.26 -41.02 18.21
C THR C 95 -13.62 -39.80 18.85
N PRO C 96 -12.94 -39.98 19.97
CA PRO C 96 -12.31 -38.87 20.67
C PRO C 96 -11.18 -38.22 19.87
N ASP C 97 -10.91 -36.96 20.18
CA ASP C 97 -9.95 -36.13 19.45
C ASP C 97 -8.64 -36.06 20.18
N ILE C 98 -8.10 -37.23 20.50
CA ILE C 98 -6.85 -37.35 21.26
C ILE C 98 -5.71 -36.95 20.35
N THR C 99 -4.95 -35.93 20.77
CA THR C 99 -3.88 -35.36 19.98
C THR C 99 -2.59 -35.28 20.76
N ALA C 100 -1.47 -35.49 20.07
CA ALA C 100 -0.17 -35.14 20.61
C ALA C 100 -0.06 -33.62 20.72
N TYR C 101 0.39 -33.14 21.87
CA TYR C 101 0.53 -31.70 22.13
C TYR C 101 1.84 -31.08 21.64
N SER C 102 2.82 -31.90 21.28
CA SER C 102 4.10 -31.39 20.79
C SER C 102 4.58 -32.13 19.53
N SER C 103 3.64 -32.50 18.68
CA SER C 103 4.01 -33.00 17.35
C SER C 103 4.72 -31.88 16.57
N THR C 104 5.54 -32.25 15.60
CA THR C 104 6.12 -31.27 14.67
C THR C 104 5.66 -31.51 13.24
N ARG C 105 4.99 -32.64 13.00
CA ARG C 105 4.48 -32.99 11.68
CA ARG C 105 4.49 -33.01 11.68
C ARG C 105 3.13 -33.71 11.80
N PRO C 106 2.36 -33.76 10.71
CA PRO C 106 1.09 -34.46 10.87
C PRO C 106 1.29 -35.93 11.15
N VAL C 107 0.44 -36.49 12.01
CA VAL C 107 0.57 -37.89 12.41
C VAL C 107 0.27 -38.78 11.23
N GLN C 108 1.13 -39.75 10.93
CA GLN C 108 0.89 -40.69 9.84
C GLN C 108 0.24 -41.97 10.36
N VAL C 109 -0.93 -42.29 9.80
CA VAL C 109 -1.70 -43.46 10.22
C VAL C 109 -1.25 -44.69 9.45
N LEU C 110 -0.85 -45.73 10.19
CA LEU C 110 -0.29 -46.94 9.59
C LEU C 110 -1.29 -48.09 9.55
N SER C 111 -2.48 -47.89 10.11
CA SER C 111 -3.45 -48.96 10.28
C SER C 111 -4.85 -48.57 9.81
N PRO C 112 -5.68 -49.58 9.52
CA PRO C 112 -7.08 -49.36 9.15
C PRO C 112 -7.89 -48.65 10.22
N GLN C 113 -8.79 -47.77 9.78
CA GLN C 113 -9.59 -46.99 10.68
C GLN C 113 -10.91 -47.72 10.97
N ILE C 114 -10.78 -48.79 11.77
CA ILE C 114 -11.89 -49.65 12.15
C ILE C 114 -11.84 -49.82 13.66
N ALA C 115 -13.02 -49.86 14.29
CA ALA C 115 -13.12 -50.09 15.72
C ALA C 115 -13.96 -51.34 16.01
N VAL C 116 -13.95 -51.76 17.27
CA VAL C 116 -14.74 -52.91 17.72
C VAL C 116 -15.74 -52.43 18.78
N VAL C 117 -17.02 -52.66 18.51
CA VAL C 117 -18.09 -52.27 19.43
C VAL C 117 -18.58 -53.53 20.09
N THR C 118 -18.69 -53.52 21.41
CA THR C 118 -19.13 -54.67 22.20
C THR C 118 -20.54 -54.39 22.74
N HIS C 119 -21.26 -55.45 23.10
CA HIS C 119 -22.67 -55.34 23.48
C HIS C 119 -22.97 -54.45 24.69
N ASP C 120 -21.97 -54.24 25.55
CA ASP C 120 -22.13 -53.35 26.72
C ASP C 120 -22.01 -51.86 26.37
N GLY C 121 -21.66 -51.58 25.12
CA GLY C 121 -21.50 -50.20 24.67
C GLY C 121 -20.05 -49.74 24.63
N SER C 122 -19.12 -50.59 25.05
CA SER C 122 -17.70 -50.23 25.00
C SER C 122 -17.23 -50.27 23.55
N VAL C 123 -16.26 -49.43 23.27
CA VAL C 123 -15.70 -49.26 21.94
C VAL C 123 -14.19 -49.35 22.03
N MET C 124 -13.58 -50.08 21.13
CA MET C 124 -12.13 -50.16 21.13
C MET C 124 -11.49 -49.85 19.79
N PHE C 125 -10.69 -48.79 19.79
CA PHE C 125 -10.03 -48.31 18.57
C PHE C 125 -8.54 -48.27 18.84
N ILE C 126 -7.75 -48.94 17.99
CA ILE C 126 -6.29 -49.04 18.19
C ILE C 126 -5.51 -48.65 16.92
N PRO C 127 -5.32 -47.35 16.70
CA PRO C 127 -4.56 -46.89 15.55
C PRO C 127 -3.05 -46.95 15.73
N ALA C 128 -2.37 -47.49 14.71
CA ALA C 128 -0.92 -47.43 14.60
C ALA C 128 -0.55 -46.10 13.97
N GLN C 129 0.42 -45.42 14.56
CA GLN C 129 0.80 -44.08 14.09
C GLN C 129 2.31 -43.94 14.03
N ARG C 130 2.79 -43.13 13.10
CA ARG C 130 4.15 -42.63 13.16
C ARG C 130 4.09 -41.18 13.59
N LEU C 131 4.75 -40.85 14.69
CA LEU C 131 4.75 -39.47 15.20
C LEU C 131 6.13 -38.87 15.14
N SER C 132 6.20 -37.60 14.73
CA SER C 132 7.39 -36.78 14.91
C SER C 132 7.07 -35.73 15.96
N PHE C 133 7.89 -35.64 17.00
CA PHE C 133 7.64 -34.70 18.09
C PHE C 133 8.92 -34.05 18.63
N MET C 134 8.74 -33.02 19.45
CA MET C 134 9.85 -32.23 19.99
C MET C 134 10.65 -32.98 21.06
N CYS C 135 11.92 -33.21 20.77
CA CYS C 135 12.76 -34.03 21.64
C CYS C 135 14.22 -33.67 21.43
N ASP C 136 14.93 -33.40 22.51
CA ASP C 136 16.38 -33.14 22.48
C ASP C 136 17.13 -34.42 22.78
N PRO C 137 17.64 -35.12 21.73
CA PRO C 137 18.29 -36.41 21.95
C PRO C 137 19.72 -36.33 22.50
N THR C 138 20.07 -35.24 23.18
CA THR C 138 21.37 -35.15 23.84
C THR C 138 21.51 -36.28 24.85
N GLY C 139 22.66 -36.96 24.80
CA GLY C 139 22.95 -38.07 25.70
C GLY C 139 22.59 -39.44 25.15
N VAL C 140 21.97 -39.47 23.97
CA VAL C 140 21.50 -40.74 23.40
C VAL C 140 22.68 -41.66 23.04
N ASP C 141 23.84 -41.06 22.79
CA ASP C 141 25.06 -41.81 22.51
C ASP C 141 25.84 -42.14 23.78
N SER C 142 25.24 -41.87 24.94
CA SER C 142 25.85 -42.19 26.22
C SER C 142 25.12 -43.35 26.87
N GLU C 143 25.61 -43.74 28.04
CA GLU C 143 25.06 -44.88 28.77
C GLU C 143 23.68 -44.57 29.36
N GLU C 144 23.53 -43.40 29.97
CA GLU C 144 22.27 -43.00 30.62
C GLU C 144 21.21 -42.58 29.62
N GLY C 145 21.64 -42.28 28.39
CA GLY C 145 20.71 -42.06 27.29
C GLY C 145 20.04 -40.70 27.29
N ALA C 146 19.03 -40.56 26.43
CA ALA C 146 18.24 -39.33 26.32
C ALA C 146 16.90 -39.56 26.97
N THR C 147 16.21 -38.47 27.29
CA THR C 147 14.88 -38.52 27.88
C THR C 147 13.97 -37.54 27.17
N CYS C 148 12.92 -38.06 26.55
CA CYS C 148 11.96 -37.20 25.88
C CYS C 148 10.55 -37.47 26.37
N ALA C 149 9.67 -36.51 26.13
CA ALA C 149 8.33 -36.58 26.67
C ALA C 149 7.34 -35.86 25.76
N VAL C 150 6.15 -36.43 25.65
CA VAL C 150 5.07 -35.84 24.86
C VAL C 150 3.74 -36.13 25.55
N LYS C 151 2.87 -35.13 25.60
CA LYS C 151 1.55 -35.29 26.19
C LYS C 151 0.52 -35.58 25.13
N PHE C 152 -0.42 -36.44 25.47
CA PHE C 152 -1.58 -36.71 24.64
C PHE C 152 -2.83 -36.29 25.39
N GLY C 153 -3.82 -35.80 24.65
CA GLY C 153 -5.07 -35.36 25.25
C GLY C 153 -6.02 -34.80 24.22
N SER C 154 -7.28 -34.64 24.62
CA SER C 154 -8.29 -33.98 23.80
C SER C 154 -7.82 -32.56 23.49
N TRP C 155 -8.00 -32.16 22.24
CA TRP C 155 -7.64 -30.82 21.80
C TRP C 155 -8.68 -29.78 22.23
N VAL C 156 -9.96 -30.15 22.22
CA VAL C 156 -11.05 -29.18 22.42
C VAL C 156 -11.88 -29.32 23.70
N TYR C 157 -11.86 -30.48 24.34
CA TYR C 157 -12.65 -30.73 25.57
C TYR C 157 -11.81 -30.65 26.84
N SER C 158 -12.35 -30.00 27.86
CA SER C 158 -11.70 -29.95 29.17
C SER C 158 -11.98 -31.23 29.94
N GLY C 159 -11.38 -31.32 31.13
CA GLY C 159 -11.60 -32.44 32.02
C GLY C 159 -13.03 -32.57 32.54
N PHE C 160 -13.88 -31.57 32.26
CA PHE C 160 -15.29 -31.65 32.61
C PHE C 160 -16.14 -32.35 31.57
N GLU C 161 -15.59 -32.53 30.37
CA GLU C 161 -16.29 -33.22 29.30
C GLU C 161 -15.66 -34.59 29.04
N ILE C 162 -14.32 -34.62 29.03
CA ILE C 162 -13.58 -35.86 28.81
C ILE C 162 -12.59 -36.08 29.95
N ASP C 163 -12.67 -37.26 30.56
CA ASP C 163 -11.71 -37.66 31.57
C ASP C 163 -10.80 -38.69 30.95
N LEU C 164 -9.49 -38.47 31.07
CA LEU C 164 -8.51 -39.45 30.62
C LEU C 164 -8.16 -40.42 31.73
N LYS C 165 -7.80 -41.63 31.35
CA LYS C 165 -7.44 -42.68 32.28
C LYS C 165 -6.39 -43.59 31.65
N THR C 166 -5.63 -44.30 32.48
CA THR C 166 -4.81 -45.43 32.04
C THR C 166 -5.18 -46.65 32.87
N ASP C 167 -4.95 -47.83 32.33
CA ASP C 167 -5.07 -49.07 33.11
C ASP C 167 -3.77 -49.34 33.86
N THR C 168 -2.70 -48.76 33.36
CA THR C 168 -1.38 -48.97 33.90
C THR C 168 -0.49 -47.79 33.49
N ASP C 169 0.53 -47.51 34.29
CA ASP C 169 1.50 -46.48 33.94
C ASP C 169 2.61 -47.03 33.06
N GLN C 170 2.55 -48.33 32.76
CA GLN C 170 3.61 -49.02 32.07
C GLN C 170 3.32 -49.20 30.59
N VAL C 171 3.99 -48.38 29.77
CA VAL C 171 3.93 -48.52 28.32
C VAL C 171 4.36 -49.92 27.95
N ASP C 172 3.61 -50.54 27.04
CA ASP C 172 3.85 -51.92 26.65
C ASP C 172 5.01 -51.97 25.65
N LEU C 173 6.12 -52.55 26.09
CA LEU C 173 7.32 -52.67 25.25
C LEU C 173 7.56 -54.10 24.75
N SER C 174 6.55 -54.96 24.88
CA SER C 174 6.66 -56.36 24.47
C SER C 174 6.62 -56.57 22.95
N SER C 175 6.47 -55.47 22.20
CA SER C 175 6.51 -55.48 20.75
C SER C 175 7.57 -54.53 20.20
N TYR C 176 8.50 -54.09 21.04
CA TYR C 176 9.56 -53.22 20.56
C TYR C 176 10.50 -53.96 19.60
N TYR C 177 10.83 -53.33 18.48
CA TYR C 177 11.69 -53.92 17.48
C TYR C 177 13.05 -54.21 18.10
N ALA C 178 13.38 -55.49 18.17
CA ALA C 178 14.60 -55.97 18.81
C ALA C 178 15.90 -55.53 18.11
N SER C 179 15.81 -55.00 16.89
CA SER C 179 17.00 -54.54 16.18
C SER C 179 16.93 -53.06 15.81
N SER C 180 16.06 -52.33 16.49
CA SER C 180 15.98 -50.88 16.36
C SER C 180 17.34 -50.24 16.54
N LYS C 181 17.54 -49.06 15.97
CA LYS C 181 18.79 -48.34 16.17
C LYS C 181 18.94 -47.80 17.59
N TYR C 182 17.82 -47.77 18.31
CA TYR C 182 17.78 -47.34 19.71
C TYR C 182 17.13 -48.40 20.60
N GLU C 183 17.75 -48.68 21.74
CA GLU C 183 17.12 -49.57 22.73
C GLU C 183 16.39 -48.74 23.77
N ILE C 184 15.29 -49.28 24.27
CA ILE C 184 14.49 -48.56 25.25
C ILE C 184 15.00 -48.90 26.64
N LEU C 185 15.09 -47.88 27.47
CA LEU C 185 15.45 -48.05 28.86
C LEU C 185 14.19 -48.01 29.72
N SER C 186 13.26 -47.13 29.37
CA SER C 186 11.98 -47.06 30.07
C SER C 186 10.95 -46.29 29.28
N ALA C 187 9.67 -46.51 29.62
CA ALA C 187 8.55 -45.91 28.91
C ALA C 187 7.33 -45.89 29.82
N THR C 188 6.97 -44.71 30.31
CA THR C 188 5.82 -44.60 31.21
C THR C 188 4.72 -43.75 30.58
N GLN C 189 3.50 -43.93 31.08
CA GLN C 189 2.34 -43.18 30.62
C GLN C 189 1.54 -42.74 31.84
N THR C 190 1.58 -41.45 32.15
CA THR C 190 1.02 -40.95 33.41
C THR C 190 0.00 -39.84 33.23
N ARG C 191 -1.19 -40.06 33.78
CA ARG C 191 -2.26 -39.06 33.78
C ARG C 191 -1.85 -37.83 34.60
N GLN C 192 -2.17 -36.64 34.08
CA GLN C 192 -1.87 -35.38 34.75
C GLN C 192 -3.08 -34.46 34.69
N VAL C 193 -3.30 -33.70 35.76
CA VAL C 193 -4.34 -32.68 35.82
C VAL C 193 -3.69 -31.32 35.91
N GLN C 194 -4.05 -30.43 35.00
CA GLN C 194 -3.47 -29.09 34.98
C GLN C 194 -4.55 -28.03 34.85
N HIS C 195 -4.35 -26.92 35.55
CA HIS C 195 -5.14 -25.71 35.33
C HIS C 195 -4.30 -24.78 34.46
N TYR C 196 -4.96 -24.12 33.52
CA TYR C 196 -4.29 -23.12 32.68
C TYR C 196 -4.80 -21.73 33.06
N SER C 197 -3.91 -20.75 33.06
CA SER C 197 -4.24 -19.40 33.56
C SER C 197 -5.43 -18.75 32.83
N CYS C 198 -5.78 -19.25 31.66
CA CYS C 198 -6.94 -18.78 30.92
C CYS C 198 -8.25 -19.19 31.59
N CYS C 199 -8.22 -20.33 32.27
CA CYS C 199 -9.40 -21.16 32.39
C CYS C 199 -9.52 -21.85 33.75
N PRO C 200 -10.71 -21.79 34.36
CA PRO C 200 -10.94 -22.44 35.65
C PRO C 200 -11.17 -23.95 35.58
N GLU C 201 -11.69 -24.45 34.47
CA GLU C 201 -11.91 -25.90 34.32
C GLU C 201 -10.55 -26.59 34.30
N PRO C 202 -10.49 -27.82 34.85
CA PRO C 202 -9.22 -28.52 34.81
C PRO C 202 -9.00 -29.11 33.43
N TYR C 203 -7.76 -29.42 33.11
CA TYR C 203 -7.41 -30.09 31.86
C TYR C 203 -6.61 -31.35 32.16
N ILE C 204 -6.74 -32.34 31.27
CA ILE C 204 -6.20 -33.67 31.53
C ILE C 204 -5.45 -34.20 30.32
N ASP C 205 -4.21 -34.62 30.54
CA ASP C 205 -3.42 -35.26 29.51
C ASP C 205 -2.85 -36.56 30.07
N VAL C 206 -2.30 -37.40 29.17
CA VAL C 206 -1.46 -38.52 29.58
C VAL C 206 -0.06 -38.28 29.03
N ASN C 207 0.91 -38.23 29.94
CA ASN C 207 2.29 -37.90 29.59
C ASN C 207 3.11 -39.15 29.30
N LEU C 208 3.64 -39.23 28.08
CA LEU C 208 4.51 -40.33 27.67
C LEU C 208 5.96 -39.88 27.86
N VAL C 209 6.69 -40.61 28.70
CA VAL C 209 8.12 -40.35 28.94
C VAL C 209 8.93 -41.55 28.44
N VAL C 210 9.84 -41.32 27.49
CA VAL C 210 10.57 -42.40 26.84
C VAL C 210 12.06 -42.16 26.99
N LYS C 211 12.77 -43.14 27.54
CA LYS C 211 14.23 -43.05 27.71
C LYS C 211 14.92 -44.06 26.82
N PHE C 212 15.99 -43.63 26.18
CA PHE C 212 16.62 -44.44 25.14
C PHE C 212 18.06 -44.01 24.87
N ARG C 213 18.81 -44.94 24.33
CA ARG C 213 20.19 -44.68 23.94
C ARG C 213 20.49 -45.46 22.69
N GLU C 214 21.54 -45.06 22.00
CA GLU C 214 21.98 -45.75 20.80
C GLU C 214 22.32 -47.20 21.09
N ARG C 215 21.77 -48.10 20.30
CA ARG C 215 22.07 -49.53 20.45
C ARG C 215 23.50 -49.82 20.01
N ARG C 216 24.40 -49.95 20.99
CA ARG C 216 25.79 -50.29 20.72
C ARG C 216 25.96 -51.79 20.52
N ASP D 6 -26.36 -55.17 -29.58
CA ASP D 6 -26.33 -56.53 -28.95
C ASP D 6 -25.36 -56.55 -27.78
N LYS D 7 -24.18 -55.97 -27.99
CA LYS D 7 -23.21 -55.75 -26.91
C LYS D 7 -23.67 -54.59 -26.01
N LEU D 8 -24.68 -53.85 -26.48
CA LEU D 8 -25.40 -52.88 -25.67
C LEU D 8 -26.23 -53.60 -24.59
N HIS D 9 -26.99 -54.62 -25.00
CA HIS D 9 -27.67 -55.55 -24.06
C HIS D 9 -26.68 -56.17 -23.05
N SER D 10 -25.51 -56.55 -23.55
CA SER D 10 -24.50 -57.26 -22.75
C SER D 10 -23.91 -56.32 -21.70
N GLN D 11 -23.51 -55.13 -22.14
CA GLN D 11 -23.03 -54.08 -21.23
C GLN D 11 -24.23 -53.39 -20.55
N ALA D 12 -25.44 -53.82 -20.89
CA ALA D 12 -26.67 -53.34 -20.25
C ALA D 12 -27.05 -54.21 -19.05
N ASN D 13 -26.93 -55.52 -19.20
CA ASN D 13 -27.21 -56.46 -18.11
C ASN D 13 -26.17 -56.40 -16.99
N LEU D 14 -24.98 -55.93 -17.31
CA LEU D 14 -23.93 -55.80 -16.30
C LEU D 14 -24.40 -54.87 -15.18
N MET D 15 -25.03 -53.76 -15.56
CA MET D 15 -25.64 -52.85 -14.60
C MET D 15 -26.77 -53.51 -13.80
N ARG D 16 -27.28 -54.63 -14.30
CA ARG D 16 -28.22 -55.47 -13.55
C ARG D 16 -27.49 -56.19 -12.43
N LEU D 17 -26.45 -56.93 -12.81
CA LEU D 17 -25.62 -57.66 -11.87
C LEU D 17 -25.19 -56.73 -10.75
N LYS D 18 -24.56 -55.62 -11.14
CA LYS D 18 -24.02 -54.65 -10.18
C LYS D 18 -25.09 -54.06 -9.27
N SER D 19 -26.12 -53.48 -9.89
CA SER D 19 -27.27 -52.93 -9.15
C SER D 19 -27.85 -53.92 -8.14
N ASP D 20 -27.94 -55.19 -8.53
CA ASP D 20 -28.55 -56.23 -7.70
C ASP D 20 -27.55 -56.81 -6.70
N LEU D 21 -26.34 -57.10 -7.17
CA LEU D 21 -25.27 -57.52 -6.29
C LEU D 21 -25.05 -56.46 -5.21
N PHE D 22 -24.95 -55.20 -5.63
CA PHE D 22 -24.55 -54.13 -4.72
C PHE D 22 -25.71 -53.37 -4.06
N ASN D 23 -26.79 -53.12 -4.78
CA ASN D 23 -27.83 -52.20 -4.31
C ASN D 23 -29.23 -52.75 -4.01
N ARG D 24 -29.41 -54.07 -4.11
CA ARG D 24 -30.71 -54.70 -3.84
C ARG D 24 -30.86 -55.08 -2.36
N SER D 25 -29.75 -55.44 -1.72
CA SER D 25 -29.78 -55.89 -0.32
C SER D 25 -28.85 -55.01 0.53
N PRO D 26 -28.96 -55.12 1.87
CA PRO D 26 -28.11 -54.28 2.73
C PRO D 26 -26.60 -54.55 2.58
N MET D 27 -25.81 -53.66 3.16
CA MET D 27 -24.34 -53.77 3.18
C MET D 27 -23.86 -55.08 3.82
N TYR D 28 -23.01 -55.81 3.12
CA TYR D 28 -22.29 -56.94 3.72
C TYR D 28 -21.46 -56.41 4.90
N PRO D 29 -21.58 -57.05 6.09
CA PRO D 29 -20.96 -56.51 7.31
C PRO D 29 -19.55 -57.01 7.59
N GLY D 30 -18.90 -57.61 6.62
CA GLY D 30 -17.66 -58.32 6.87
C GLY D 30 -17.92 -59.68 7.49
N PRO D 31 -16.84 -60.42 7.78
CA PRO D 31 -16.92 -61.74 8.40
C PRO D 31 -17.40 -61.69 9.85
N THR D 32 -18.06 -62.76 10.27
CA THR D 32 -18.42 -62.96 11.67
C THR D 32 -17.91 -64.33 12.10
N LYS D 33 -17.98 -64.62 13.40
CA LYS D 33 -17.49 -65.91 13.89
C LYS D 33 -18.40 -67.04 13.44
N ASP D 34 -19.67 -66.72 13.22
CA ASP D 34 -20.64 -67.69 12.67
C ASP D 34 -20.66 -67.68 11.14
N ASP D 35 -19.79 -66.89 10.52
CA ASP D 35 -19.66 -66.86 9.07
C ASP D 35 -18.23 -66.45 8.69
N PRO D 36 -17.24 -67.30 9.06
CA PRO D 36 -15.84 -66.95 8.88
C PRO D 36 -15.42 -66.90 7.42
N LEU D 37 -14.24 -66.33 7.17
CA LEU D 37 -13.77 -66.08 5.81
C LEU D 37 -12.28 -66.37 5.66
N THR D 38 -11.92 -67.19 4.68
CA THR D 38 -10.51 -67.42 4.39
C THR D 38 -10.05 -66.49 3.28
N VAL D 39 -8.93 -65.83 3.53
CA VAL D 39 -8.29 -64.93 2.57
C VAL D 39 -6.96 -65.54 2.19
N THR D 40 -6.69 -65.67 0.91
CA THR D 40 -5.45 -66.27 0.46
C THR D 40 -4.51 -65.16 0.07
N LEU D 41 -3.25 -65.25 0.50
CA LEU D 41 -2.26 -64.21 0.25
C LEU D 41 -1.07 -64.77 -0.50
N GLY D 42 -0.52 -63.95 -1.40
CA GLY D 42 0.71 -64.26 -2.11
C GLY D 42 1.43 -63.00 -2.50
N PHE D 43 2.75 -63.02 -2.44
CA PHE D 43 3.56 -61.86 -2.76
C PHE D 43 4.44 -62.15 -3.94
N THR D 44 4.55 -61.15 -4.82
CA THR D 44 5.48 -61.17 -5.93
C THR D 44 6.40 -59.99 -5.70
N LEU D 45 7.65 -60.27 -5.33
CA LEU D 45 8.60 -59.24 -4.95
C LEU D 45 9.30 -58.72 -6.20
N GLN D 46 9.20 -57.41 -6.42
CA GLN D 46 9.77 -56.77 -7.61
C GLN D 46 11.15 -56.17 -7.39
N ASP D 47 11.35 -55.58 -6.21
CA ASP D 47 12.58 -54.86 -5.96
C ASP D 47 12.76 -54.56 -4.49
N ILE D 48 14.02 -54.61 -4.04
CA ILE D 48 14.40 -54.02 -2.78
C ILE D 48 15.08 -52.71 -3.17
N VAL D 49 14.36 -51.62 -2.94
CA VAL D 49 14.72 -50.33 -3.50
C VAL D 49 15.82 -49.67 -2.68
N LYS D 50 15.68 -49.73 -1.36
CA LYS D 50 16.54 -48.99 -0.46
C LYS D 50 16.68 -49.69 0.88
N ALA D 51 17.89 -49.67 1.41
CA ALA D 51 18.18 -50.26 2.73
C ALA D 51 18.94 -49.23 3.57
N ASP D 52 18.21 -48.51 4.42
CA ASP D 52 18.77 -47.40 5.19
C ASP D 52 19.29 -47.90 6.54
N SER D 53 20.62 -47.86 6.73
CA SER D 53 21.25 -48.39 7.94
C SER D 53 21.37 -47.39 9.09
N SER D 54 20.98 -46.13 8.86
CA SER D 54 20.91 -45.15 9.94
C SER D 54 19.55 -45.15 10.66
N THR D 55 18.49 -45.61 9.99
CA THR D 55 17.18 -45.73 10.62
C THR D 55 16.72 -47.18 10.73
N ASN D 56 17.47 -48.10 10.13
CA ASN D 56 17.06 -49.50 10.01
C ASN D 56 15.65 -49.63 9.41
N GLU D 57 15.46 -48.94 8.29
CA GLU D 57 14.25 -49.07 7.49
C GLU D 57 14.67 -49.61 6.15
N VAL D 58 13.86 -50.52 5.60
CA VAL D 58 14.07 -51.03 4.26
C VAL D 58 12.79 -50.86 3.45
N ASP D 59 12.94 -50.53 2.18
CA ASP D 59 11.81 -50.24 1.29
C ASP D 59 11.63 -51.34 0.24
N LEU D 60 10.43 -51.90 0.16
CA LEU D 60 10.10 -52.98 -0.79
C LEU D 60 9.03 -52.56 -1.80
N VAL D 61 9.14 -53.08 -3.02
CA VAL D 61 8.07 -53.01 -4.00
C VAL D 61 7.62 -54.43 -4.35
N TYR D 62 6.31 -54.67 -4.29
CA TYR D 62 5.76 -56.00 -4.55
C TYR D 62 4.30 -55.90 -5.01
N TYR D 63 3.75 -57.02 -5.50
CA TYR D 63 2.28 -57.16 -5.65
C TYR D 63 1.77 -58.07 -4.56
N GLU D 64 0.58 -57.78 -4.08
CA GLU D 64 -0.06 -58.64 -3.10
C GLU D 64 -1.36 -59.21 -3.65
N GLN D 65 -1.32 -60.46 -4.11
CA GLN D 65 -2.51 -61.16 -4.55
C GLN D 65 -3.36 -61.53 -3.34
N GLN D 66 -4.61 -61.07 -3.34
CA GLN D 66 -5.56 -61.39 -2.27
C GLN D 66 -6.72 -62.13 -2.93
N ARG D 67 -7.21 -63.18 -2.28
CA ARG D 67 -8.38 -63.91 -2.77
C ARG D 67 -9.33 -64.31 -1.65
N TRP D 68 -10.62 -64.05 -1.88
CA TRP D 68 -11.67 -64.55 -1.00
C TRP D 68 -12.91 -64.84 -1.83
N LYS D 69 -13.92 -65.40 -1.18
CA LYS D 69 -15.08 -65.96 -1.83
C LYS D 69 -16.29 -65.64 -0.95
N LEU D 70 -17.32 -65.05 -1.54
CA LEU D 70 -18.52 -64.68 -0.81
C LEU D 70 -19.75 -65.31 -1.45
N ASN D 71 -20.64 -65.81 -0.60
CA ASN D 71 -21.91 -66.35 -1.06
C ASN D 71 -22.88 -65.28 -1.54
N SER D 72 -22.61 -64.02 -1.19
CA SER D 72 -23.47 -62.88 -1.54
C SER D 72 -22.99 -62.13 -2.77
N LEU D 73 -21.93 -62.62 -3.42
CA LEU D 73 -21.50 -62.12 -4.71
C LEU D 73 -21.61 -63.23 -5.78
N MET D 74 -22.39 -64.26 -5.47
CA MET D 74 -22.62 -65.36 -6.40
C MET D 74 -23.76 -64.99 -7.33
N TRP D 75 -23.66 -65.42 -8.58
CA TRP D 75 -24.77 -65.25 -9.49
C TRP D 75 -24.78 -66.34 -10.56
N ASP D 76 -25.92 -66.50 -11.20
CA ASP D 76 -26.08 -67.43 -12.31
C ASP D 76 -25.80 -66.68 -13.62
N PRO D 77 -24.76 -67.09 -14.37
CA PRO D 77 -24.47 -66.47 -15.67
C PRO D 77 -25.66 -66.46 -16.65
N ASN D 78 -26.44 -67.53 -16.67
CA ASN D 78 -27.61 -67.61 -17.56
C ASN D 78 -28.79 -66.73 -17.14
N GLU D 79 -28.71 -66.14 -15.96
CA GLU D 79 -29.68 -65.14 -15.49
C GLU D 79 -29.24 -63.73 -15.88
N TYR D 80 -28.00 -63.61 -16.39
CA TYR D 80 -27.42 -62.33 -16.80
C TYR D 80 -26.67 -62.42 -18.13
N GLY D 81 -27.02 -63.41 -18.96
CA GLY D 81 -26.44 -63.55 -20.29
C GLY D 81 -24.97 -63.96 -20.31
N ASN D 82 -24.66 -65.03 -19.59
CA ASN D 82 -23.34 -65.66 -19.64
C ASN D 82 -22.18 -64.73 -19.28
N ILE D 83 -22.49 -63.70 -18.49
CA ILE D 83 -21.47 -62.88 -17.82
C ILE D 83 -20.96 -63.69 -16.63
N THR D 84 -19.71 -64.12 -16.72
CA THR D 84 -19.13 -64.98 -15.68
C THR D 84 -18.28 -64.21 -14.66
N ASP D 85 -18.04 -62.93 -14.94
CA ASP D 85 -17.22 -62.10 -14.05
C ASP D 85 -17.29 -60.62 -14.46
N PHE D 86 -16.59 -59.76 -13.70
CA PHE D 86 -16.43 -58.35 -14.06
C PHE D 86 -15.39 -57.64 -13.19
N ARG D 87 -15.11 -56.40 -13.55
CA ARG D 87 -14.21 -55.53 -12.78
C ARG D 87 -15.02 -54.47 -12.07
N THR D 88 -14.62 -54.17 -10.84
CA THR D 88 -15.24 -53.10 -10.12
C THR D 88 -14.21 -52.38 -9.28
N SER D 89 -14.50 -51.11 -9.03
CA SER D 89 -13.72 -50.30 -8.13
C SER D 89 -13.69 -50.99 -6.77
N ALA D 90 -12.49 -51.23 -6.24
CA ALA D 90 -12.34 -51.89 -4.93
C ALA D 90 -13.23 -51.27 -3.84
N ALA D 91 -13.54 -49.98 -3.99
CA ALA D 91 -14.43 -49.29 -3.04
C ALA D 91 -15.91 -49.67 -3.17
N ASP D 92 -16.30 -50.37 -4.25
CA ASP D 92 -17.69 -50.84 -4.44
C ASP D 92 -18.01 -52.11 -3.64
N ILE D 93 -16.98 -52.76 -3.12
CA ILE D 93 -17.13 -54.03 -2.44
C ILE D 93 -16.38 -53.99 -1.12
N TRP D 94 -16.61 -55.01 -0.31
CA TRP D 94 -15.85 -55.20 0.90
C TRP D 94 -14.48 -55.72 0.52
N THR D 95 -13.45 -55.21 1.19
CA THR D 95 -12.10 -55.75 1.07
C THR D 95 -11.56 -56.04 2.46
N PRO D 96 -10.63 -57.01 2.56
CA PRO D 96 -10.01 -57.32 3.84
C PRO D 96 -8.99 -56.27 4.26
N ASP D 97 -8.96 -55.98 5.56
CA ASP D 97 -8.07 -54.99 6.14
C ASP D 97 -6.66 -55.57 6.42
N ILE D 98 -6.04 -56.09 5.37
CA ILE D 98 -4.75 -56.77 5.51
C ILE D 98 -3.65 -55.72 5.65
N THR D 99 -2.96 -55.75 6.78
CA THR D 99 -2.00 -54.71 7.16
C THR D 99 -0.64 -55.30 7.47
N ALA D 100 0.41 -54.58 7.11
CA ALA D 100 1.75 -54.93 7.54
C ALA D 100 1.87 -54.51 9.00
N TYR D 101 2.45 -55.36 9.83
CA TYR D 101 2.49 -55.13 11.27
C TYR D 101 3.70 -54.35 11.77
N SER D 102 4.71 -54.19 10.93
CA SER D 102 5.89 -53.44 11.34
C SER D 102 6.32 -52.41 10.30
N SER D 103 5.33 -51.72 9.72
CA SER D 103 5.61 -50.69 8.73
C SER D 103 6.00 -49.41 9.46
N THR D 104 6.86 -48.61 8.84
CA THR D 104 7.30 -47.34 9.43
C THR D 104 6.73 -46.08 8.73
N ARG D 105 6.14 -46.29 7.55
CA ARG D 105 5.49 -45.25 6.76
CA ARG D 105 5.45 -45.23 6.82
C ARG D 105 4.14 -45.77 6.27
N PRO D 106 3.20 -44.87 5.92
CA PRO D 106 2.03 -45.38 5.25
C PRO D 106 2.37 -46.00 3.90
N VAL D 107 1.74 -47.13 3.60
CA VAL D 107 1.94 -47.83 2.34
C VAL D 107 1.61 -46.88 1.19
N GLN D 108 2.39 -46.98 0.12
CA GLN D 108 2.17 -46.22 -1.10
C GLN D 108 1.65 -47.13 -2.19
N VAL D 109 0.47 -46.81 -2.72
CA VAL D 109 -0.20 -47.62 -3.74
C VAL D 109 0.30 -47.29 -5.14
N LEU D 110 0.88 -48.28 -5.80
CA LEU D 110 1.48 -48.09 -7.13
C LEU D 110 0.59 -48.54 -8.26
N SER D 111 -0.56 -49.15 -7.95
CA SER D 111 -1.45 -49.68 -8.98
C SER D 111 -2.91 -49.28 -8.75
N PRO D 112 -3.72 -49.40 -9.81
CA PRO D 112 -5.14 -49.11 -9.71
C PRO D 112 -5.89 -50.08 -8.79
N GLN D 113 -6.97 -49.56 -8.22
CA GLN D 113 -7.69 -50.23 -7.15
C GLN D 113 -8.99 -50.80 -7.65
N ILE D 114 -8.83 -51.84 -8.47
CA ILE D 114 -9.90 -52.50 -9.18
C ILE D 114 -9.75 -53.99 -8.92
N ALA D 115 -10.82 -54.63 -8.46
CA ALA D 115 -10.82 -56.07 -8.19
C ALA D 115 -11.60 -56.82 -9.26
N VAL D 116 -11.38 -58.13 -9.34
CA VAL D 116 -12.12 -59.00 -10.25
C VAL D 116 -13.06 -59.88 -9.46
N VAL D 117 -14.35 -59.82 -9.78
CA VAL D 117 -15.36 -60.68 -9.14
C VAL D 117 -15.83 -61.72 -10.14
N THR D 118 -15.79 -63.00 -9.75
CA THR D 118 -16.31 -64.10 -10.56
C THR D 118 -17.67 -64.58 -10.00
N HIS D 119 -18.45 -65.25 -10.84
CA HIS D 119 -19.84 -65.61 -10.53
C HIS D 119 -20.03 -66.57 -9.35
N ASP D 120 -19.00 -67.36 -9.04
CA ASP D 120 -19.02 -68.24 -7.87
C ASP D 120 -18.85 -67.45 -6.57
N GLY D 121 -18.77 -66.13 -6.69
CA GLY D 121 -18.63 -65.23 -5.55
C GLY D 121 -17.19 -64.99 -5.18
N SER D 122 -16.27 -65.53 -5.98
CA SER D 122 -14.85 -65.43 -5.70
C SER D 122 -14.33 -64.08 -6.18
N VAL D 123 -13.40 -63.51 -5.41
CA VAL D 123 -12.89 -62.16 -5.64
C VAL D 123 -11.37 -62.15 -5.64
N MET D 124 -10.75 -61.49 -6.61
CA MET D 124 -9.30 -61.37 -6.67
C MET D 124 -8.86 -59.91 -6.83
N PHE D 125 -7.81 -59.56 -6.09
CA PHE D 125 -7.36 -58.19 -5.93
C PHE D 125 -5.85 -58.17 -5.74
N ILE D 126 -5.14 -57.51 -6.64
CA ILE D 126 -3.67 -57.50 -6.62
C ILE D 126 -3.10 -56.07 -6.59
N PRO D 127 -3.03 -55.45 -5.39
CA PRO D 127 -2.39 -54.14 -5.25
C PRO D 127 -0.85 -54.14 -5.20
N ALA D 128 -0.22 -53.36 -6.07
CA ALA D 128 1.21 -53.10 -5.98
C ALA D 128 1.44 -52.01 -4.93
N GLN D 129 2.46 -52.21 -4.10
CA GLN D 129 2.72 -51.31 -2.98
C GLN D 129 4.21 -51.05 -2.82
N ARG D 130 4.57 -49.84 -2.40
CA ARG D 130 5.88 -49.63 -1.80
C ARG D 130 5.75 -49.56 -0.28
N LEU D 131 6.54 -50.38 0.41
CA LEU D 131 6.49 -50.51 1.86
C LEU D 131 7.82 -50.12 2.50
N SER D 132 7.75 -49.36 3.59
CA SER D 132 8.90 -49.15 4.45
C SER D 132 8.63 -49.91 5.73
N PHE D 133 9.56 -50.77 6.13
CA PHE D 133 9.38 -51.56 7.35
C PHE D 133 10.68 -51.70 8.14
N MET D 134 10.53 -52.21 9.35
CA MET D 134 11.61 -52.27 10.32
C MET D 134 12.54 -53.41 9.95
N CYS D 135 13.77 -53.07 9.57
CA CYS D 135 14.72 -54.04 9.10
C CYS D 135 16.15 -53.58 9.31
N ASP D 136 16.92 -54.40 10.01
CA ASP D 136 18.34 -54.15 10.21
C ASP D 136 19.12 -54.74 9.02
N PRO D 137 19.74 -53.89 8.20
CA PRO D 137 20.45 -54.36 7.01
C PRO D 137 21.91 -54.75 7.28
N THR D 138 22.27 -54.97 8.54
CA THR D 138 23.63 -55.35 8.88
C THR D 138 23.91 -56.70 8.25
N GLY D 139 25.09 -56.83 7.65
CA GLY D 139 25.48 -58.08 6.99
C GLY D 139 25.15 -58.13 5.50
N VAL D 140 24.52 -57.09 4.98
CA VAL D 140 24.11 -57.06 3.57
C VAL D 140 25.33 -56.95 2.65
N ASP D 141 26.39 -56.29 3.13
CA ASP D 141 27.64 -56.12 2.38
C ASP D 141 28.60 -57.28 2.66
N SER D 142 28.06 -58.49 2.63
CA SER D 142 28.82 -59.69 2.90
C SER D 142 28.18 -60.82 2.12
N GLU D 143 28.86 -61.97 2.10
CA GLU D 143 28.42 -63.12 1.32
C GLU D 143 27.15 -63.74 1.89
N GLU D 144 27.01 -63.71 3.21
CA GLU D 144 25.87 -64.30 3.90
C GLU D 144 24.62 -63.44 3.85
N GLY D 145 24.80 -62.12 3.70
CA GLY D 145 23.69 -61.20 3.54
C GLY D 145 22.93 -60.88 4.82
N ALA D 146 21.87 -60.10 4.69
CA ALA D 146 21.04 -59.70 5.81
C ALA D 146 19.70 -60.41 5.72
N THR D 147 18.97 -60.43 6.82
CA THR D 147 17.69 -61.12 6.90
C THR D 147 16.67 -60.24 7.56
N CYS D 148 15.51 -60.11 6.95
CA CYS D 148 14.42 -59.33 7.52
C CYS D 148 13.07 -59.95 7.32
N ALA D 149 12.16 -59.64 8.24
CA ALA D 149 10.82 -60.21 8.21
C ALA D 149 9.77 -59.17 8.57
N VAL D 150 8.56 -59.37 8.05
CA VAL D 150 7.42 -58.54 8.38
C VAL D 150 6.17 -59.41 8.25
N LYS D 151 5.26 -59.27 9.20
CA LYS D 151 4.01 -60.00 9.20
C LYS D 151 2.89 -59.21 8.48
N PHE D 152 1.97 -59.95 7.90
CA PHE D 152 0.77 -59.38 7.32
C PHE D 152 -0.43 -60.10 7.88
N GLY D 153 -1.43 -59.33 8.30
CA GLY D 153 -2.66 -59.92 8.77
C GLY D 153 -3.74 -58.88 8.94
N SER D 154 -4.93 -59.35 9.30
CA SER D 154 -6.01 -58.44 9.64
C SER D 154 -5.64 -57.68 10.89
N TRP D 155 -5.88 -56.38 10.85
CA TRP D 155 -5.63 -55.51 11.97
C TRP D 155 -6.65 -55.65 13.09
N VAL D 156 -7.92 -55.86 12.73
CA VAL D 156 -9.01 -55.84 13.72
C VAL D 156 -9.82 -57.13 13.82
N TYR D 157 -9.54 -58.09 12.93
CA TYR D 157 -10.21 -59.39 12.99
C TYR D 157 -9.27 -60.48 13.51
N SER D 158 -9.85 -61.46 14.22
CA SER D 158 -9.11 -62.62 14.70
C SER D 158 -9.38 -63.83 13.82
N GLY D 159 -8.67 -64.93 14.09
CA GLY D 159 -8.81 -66.16 13.33
C GLY D 159 -10.19 -66.79 13.38
N PHE D 160 -11.03 -66.32 14.29
CA PHE D 160 -12.43 -66.74 14.33
C PHE D 160 -13.28 -66.05 13.27
N GLU D 161 -12.80 -64.94 12.74
CA GLU D 161 -13.51 -64.19 11.71
C GLU D 161 -12.82 -64.25 10.35
N ILE D 162 -11.50 -64.10 10.35
CA ILE D 162 -10.70 -64.19 9.12
C ILE D 162 -9.53 -65.12 9.33
N ASP D 163 -9.48 -66.19 8.54
CA ASP D 163 -8.33 -67.06 8.51
C ASP D 163 -7.51 -66.72 7.27
N LEU D 164 -6.21 -66.84 7.38
CA LEU D 164 -5.31 -66.57 6.27
C LEU D 164 -4.74 -67.87 5.75
N LYS D 165 -4.10 -67.79 4.59
CA LYS D 165 -3.37 -68.91 4.04
C LYS D 165 -2.64 -68.51 2.77
N THR D 166 -1.64 -69.29 2.40
CA THR D 166 -0.89 -69.08 1.16
C THR D 166 -1.12 -70.31 0.29
N ASP D 167 -0.83 -70.20 -1.00
CA ASP D 167 -0.91 -71.35 -1.92
C ASP D 167 0.44 -72.05 -2.05
N THR D 168 1.48 -71.30 -1.75
CA THR D 168 2.84 -71.78 -1.77
C THR D 168 3.49 -71.01 -0.64
N ASP D 169 4.54 -71.54 -0.05
CA ASP D 169 5.26 -70.80 0.98
C ASP D 169 6.48 -70.09 0.37
N GLN D 170 6.59 -70.16 -0.96
CA GLN D 170 7.68 -69.55 -1.71
C GLN D 170 7.18 -68.30 -2.44
N VAL D 171 7.73 -67.14 -2.05
CA VAL D 171 7.40 -65.89 -2.71
C VAL D 171 7.81 -65.94 -4.19
N ASP D 172 6.99 -65.34 -5.05
CA ASP D 172 7.28 -65.30 -6.46
C ASP D 172 8.40 -64.30 -6.76
N LEU D 173 9.49 -64.79 -7.35
CA LEU D 173 10.60 -63.92 -7.76
C LEU D 173 10.79 -63.86 -9.29
N SER D 174 9.80 -64.32 -10.04
CA SER D 174 9.91 -64.36 -11.51
C SER D 174 9.85 -62.98 -12.17
N SER D 175 9.48 -61.96 -11.40
CA SER D 175 9.49 -60.57 -11.87
C SER D 175 10.42 -59.70 -11.04
N TYR D 176 11.30 -60.28 -10.25
CA TYR D 176 12.22 -59.49 -9.47
C TYR D 176 13.18 -58.73 -10.41
N TYR D 177 13.35 -57.44 -10.14
CA TYR D 177 14.20 -56.58 -10.96
C TYR D 177 15.62 -57.12 -10.99
N ALA D 178 16.10 -57.44 -12.19
CA ALA D 178 17.36 -58.17 -12.36
C ALA D 178 18.61 -57.30 -12.19
N SER D 179 18.45 -55.98 -12.26
CA SER D 179 19.57 -55.05 -12.05
C SER D 179 19.35 -54.24 -10.78
N SER D 180 18.71 -54.84 -9.79
CA SER D 180 18.50 -54.22 -8.49
C SER D 180 19.82 -54.10 -7.76
N LYS D 181 19.92 -53.12 -6.86
CA LYS D 181 21.10 -53.00 -6.02
C LYS D 181 21.26 -54.24 -5.17
N TYR D 182 20.14 -54.87 -4.85
CA TYR D 182 20.10 -56.02 -3.98
C TYR D 182 19.64 -57.29 -4.68
N GLU D 183 20.39 -58.36 -4.38
CA GLU D 183 20.14 -59.69 -4.92
C GLU D 183 19.37 -60.49 -3.86
N ILE D 184 18.48 -61.38 -4.31
CA ILE D 184 17.65 -62.17 -3.39
C ILE D 184 18.20 -63.58 -3.21
N LEU D 185 18.57 -63.92 -1.99
CA LEU D 185 19.06 -65.26 -1.67
C LEU D 185 17.89 -66.20 -1.40
N SER D 186 16.87 -65.70 -0.70
CA SER D 186 15.60 -66.42 -0.55
C SER D 186 14.49 -65.51 -0.04
N ALA D 187 13.25 -65.89 -0.35
CA ALA D 187 12.05 -65.16 0.08
C ALA D 187 10.92 -66.13 0.33
N THR D 188 10.40 -66.16 1.56
CA THR D 188 9.34 -67.11 1.93
C THR D 188 8.15 -66.41 2.55
N GLN D 189 7.00 -67.06 2.50
CA GLN D 189 5.75 -66.50 3.04
C GLN D 189 5.01 -67.58 3.81
N THR D 190 5.11 -67.54 5.13
CA THR D 190 4.54 -68.60 5.94
C THR D 190 3.42 -68.16 6.85
N ARG D 191 2.36 -68.96 6.89
CA ARG D 191 1.24 -68.77 7.80
C ARG D 191 1.68 -69.09 9.23
N GLN D 192 1.28 -68.25 10.17
CA GLN D 192 1.61 -68.41 11.58
C GLN D 192 0.38 -68.24 12.44
N VAL D 193 0.37 -68.93 13.58
CA VAL D 193 -0.70 -68.75 14.55
C VAL D 193 -0.14 -68.29 15.89
N GLN D 194 -0.97 -67.55 16.61
CA GLN D 194 -0.59 -66.88 17.83
C GLN D 194 -1.76 -66.91 18.77
N HIS D 195 -1.46 -66.96 20.07
CA HIS D 195 -2.47 -66.67 21.06
C HIS D 195 -1.94 -65.58 21.95
N TYR D 196 -2.87 -64.80 22.49
CA TYR D 196 -2.51 -63.78 23.44
C TYR D 196 -2.89 -64.25 24.82
N SER D 197 -2.18 -63.74 25.80
CA SER D 197 -2.35 -64.08 27.21
C SER D 197 -3.80 -64.02 27.71
N CYS D 198 -4.58 -63.11 27.16
CA CYS D 198 -5.88 -62.73 27.72
C CYS D 198 -7.05 -63.53 27.23
N CYS D 199 -6.91 -64.09 26.03
CA CYS D 199 -8.05 -64.29 25.17
C CYS D 199 -8.01 -65.66 24.50
N PRO D 200 -9.18 -66.29 24.33
CA PRO D 200 -9.24 -67.64 23.74
C PRO D 200 -8.93 -67.71 22.26
N GLU D 201 -9.21 -66.65 21.52
CA GLU D 201 -9.22 -66.72 20.06
C GLU D 201 -7.82 -66.70 19.44
N PRO D 202 -7.61 -67.47 18.36
CA PRO D 202 -6.33 -67.52 17.66
C PRO D 202 -6.11 -66.30 16.79
N TYR D 203 -4.85 -65.95 16.55
CA TYR D 203 -4.50 -64.81 15.69
C TYR D 203 -3.55 -65.24 14.59
N ILE D 204 -3.95 -64.96 13.34
CA ILE D 204 -3.27 -65.51 12.18
C ILE D 204 -2.55 -64.39 11.44
N ASP D 205 -1.40 -64.73 10.87
CA ASP D 205 -0.70 -63.81 9.98
C ASP D 205 0.04 -64.60 8.91
N VAL D 206 0.63 -63.88 7.96
CA VAL D 206 1.55 -64.46 6.99
C VAL D 206 2.88 -63.72 7.11
N ASN D 207 3.95 -64.47 7.32
CA ASN D 207 5.23 -63.90 7.63
C ASN D 207 6.15 -63.95 6.42
N LEU D 208 6.49 -62.76 5.92
CA LEU D 208 7.33 -62.62 4.75
C LEU D 208 8.78 -62.45 5.19
N VAL D 209 9.63 -63.42 4.86
CA VAL D 209 11.04 -63.41 5.31
C VAL D 209 11.95 -63.35 4.10
N VAL D 210 12.69 -62.25 3.96
CA VAL D 210 13.55 -62.05 2.81
C VAL D 210 15.00 -62.10 3.25
N LYS D 211 15.82 -62.75 2.42
CA LYS D 211 17.26 -62.84 2.66
C LYS D 211 17.96 -62.25 1.44
N PHE D 212 18.84 -61.29 1.66
CA PHE D 212 19.40 -60.53 0.55
C PHE D 212 20.80 -60.00 0.81
N ARG D 213 21.52 -59.73 -0.28
CA ARG D 213 22.80 -59.05 -0.20
C ARG D 213 22.99 -58.08 -1.35
N GLU D 214 23.95 -57.19 -1.17
CA GLU D 214 24.34 -56.26 -2.22
C GLU D 214 24.77 -57.06 -3.42
N ARG D 215 24.16 -56.79 -4.57
CA ARG D 215 24.49 -57.48 -5.81
C ARG D 215 25.95 -57.21 -6.14
N ARG D 216 26.74 -58.27 -6.23
CA ARG D 216 28.18 -58.16 -6.35
C ARG D 216 28.55 -57.88 -7.81
N ALA D 217 29.71 -57.26 -8.01
CA ALA D 217 30.18 -56.92 -9.35
C ALA D 217 30.61 -58.19 -10.10
N ASP E 3 -27.68 -11.66 -32.87
CA ASP E 3 -26.47 -10.95 -32.31
C ASP E 3 -25.72 -11.85 -31.30
N ASP E 4 -26.00 -11.67 -30.01
CA ASP E 4 -25.32 -12.40 -28.95
C ASP E 4 -26.09 -13.68 -28.54
N ASP E 5 -27.27 -13.88 -29.15
CA ASP E 5 -28.00 -15.15 -29.02
C ASP E 5 -27.17 -16.30 -29.61
N ASP E 6 -26.39 -15.99 -30.65
CA ASP E 6 -25.46 -16.93 -31.29
C ASP E 6 -24.57 -17.66 -30.28
N LYS E 7 -24.05 -16.89 -29.31
CA LYS E 7 -23.26 -17.44 -28.21
C LYS E 7 -24.10 -18.28 -27.26
N LEU E 8 -25.31 -17.81 -26.96
CA LEU E 8 -26.28 -18.55 -26.11
C LEU E 8 -26.66 -19.89 -26.73
N HIS E 9 -26.77 -19.92 -28.06
CA HIS E 9 -27.21 -21.12 -28.78
C HIS E 9 -26.14 -22.20 -28.77
N SER E 10 -24.92 -21.85 -29.16
CA SER E 10 -23.79 -22.78 -29.08
C SER E 10 -23.62 -23.31 -27.66
N GLN E 11 -23.94 -22.47 -26.69
CA GLN E 11 -23.91 -22.87 -25.28
C GLN E 11 -24.99 -23.92 -25.05
N ALA E 12 -26.20 -23.61 -25.49
CA ALA E 12 -27.36 -24.52 -25.35
C ALA E 12 -27.12 -25.84 -26.06
N ASN E 13 -26.58 -25.77 -27.28
CA ASN E 13 -26.22 -26.97 -28.03
C ASN E 13 -25.28 -27.86 -27.25
N LEU E 14 -24.25 -27.25 -26.67
CA LEU E 14 -23.22 -27.99 -25.95
C LEU E 14 -23.76 -28.60 -24.67
N MET E 15 -24.57 -27.86 -23.93
CA MET E 15 -25.17 -28.40 -22.70
C MET E 15 -26.14 -29.54 -23.05
N ARG E 16 -26.84 -29.41 -24.17
CA ARG E 16 -27.73 -30.46 -24.64
C ARG E 16 -26.95 -31.69 -25.07
N LEU E 17 -25.81 -31.48 -25.75
CA LEU E 17 -24.97 -32.57 -26.23
C LEU E 17 -24.35 -33.35 -25.07
N LYS E 18 -23.78 -32.63 -24.10
CA LYS E 18 -23.19 -33.27 -22.93
C LYS E 18 -24.25 -34.07 -22.18
N SER E 19 -25.42 -33.48 -21.99
CA SER E 19 -26.52 -34.14 -21.29
C SER E 19 -27.00 -35.42 -22.00
N ASP E 20 -27.23 -35.32 -23.30
CA ASP E 20 -27.67 -36.48 -24.09
C ASP E 20 -26.67 -37.63 -24.02
N LEU E 21 -25.39 -37.32 -23.90
CA LEU E 21 -24.34 -38.34 -23.81
C LEU E 21 -24.17 -38.91 -22.40
N PHE E 22 -24.11 -38.05 -21.39
CA PHE E 22 -23.89 -38.51 -20.01
C PHE E 22 -25.18 -38.87 -19.28
N ASN E 23 -26.15 -37.96 -19.29
CA ASN E 23 -27.36 -38.11 -18.48
C ASN E 23 -28.32 -39.18 -18.97
N ARG E 24 -28.83 -39.00 -20.19
CA ARG E 24 -29.85 -39.91 -20.74
C ARG E 24 -29.41 -41.37 -20.84
N SER E 25 -28.10 -41.61 -20.85
CA SER E 25 -27.56 -42.92 -21.22
C SER E 25 -26.74 -43.59 -20.12
N PRO E 26 -26.66 -44.94 -20.16
CA PRO E 26 -25.75 -45.66 -19.28
C PRO E 26 -24.30 -45.32 -19.59
N MET E 27 -23.47 -45.31 -18.56
CA MET E 27 -22.02 -45.19 -18.74
C MET E 27 -21.50 -46.39 -19.53
N TYR E 28 -20.27 -46.24 -20.00
CA TYR E 28 -19.47 -47.37 -20.45
C TYR E 28 -18.93 -48.05 -19.18
N PRO E 29 -19.17 -49.36 -19.02
CA PRO E 29 -18.61 -50.07 -17.87
C PRO E 29 -17.17 -50.55 -18.09
N GLY E 30 -16.64 -50.35 -19.29
CA GLY E 30 -15.30 -50.84 -19.64
C GLY E 30 -15.39 -52.03 -20.57
N PRO E 31 -14.25 -52.43 -21.14
CA PRO E 31 -14.21 -53.51 -22.12
C PRO E 31 -14.49 -54.89 -21.52
N THR E 32 -14.87 -55.81 -22.40
CA THR E 32 -15.09 -57.21 -22.06
C THR E 32 -14.57 -58.06 -23.23
N LYS E 33 -14.49 -59.37 -23.04
CA LYS E 33 -14.00 -60.27 -24.11
C LYS E 33 -14.80 -60.20 -25.40
N ASP E 34 -16.11 -59.99 -25.26
CA ASP E 34 -16.98 -59.85 -26.42
C ASP E 34 -16.81 -58.48 -27.04
N ASP E 35 -16.60 -57.48 -26.18
CA ASP E 35 -16.57 -56.08 -26.58
C ASP E 35 -15.21 -55.48 -26.18
N PRO E 36 -14.12 -55.94 -26.83
CA PRO E 36 -12.79 -55.42 -26.54
C PRO E 36 -12.53 -54.01 -27.06
N LEU E 37 -11.58 -53.32 -26.44
CA LEU E 37 -11.31 -51.93 -26.73
C LEU E 37 -9.84 -51.72 -27.10
N THR E 38 -9.61 -51.06 -28.23
CA THR E 38 -8.26 -50.76 -28.68
C THR E 38 -7.84 -49.36 -28.23
N VAL E 39 -6.83 -49.32 -27.38
CA VAL E 39 -6.29 -48.08 -26.85
C VAL E 39 -4.91 -47.89 -27.46
N THR E 40 -4.64 -46.69 -27.96
CA THR E 40 -3.36 -46.40 -28.62
C THR E 40 -2.58 -45.51 -27.69
N LEU E 41 -1.29 -45.81 -27.54
CA LEU E 41 -0.41 -45.06 -26.62
C LEU E 41 0.75 -44.44 -27.37
N GLY E 42 1.11 -43.22 -26.99
CA GLY E 42 2.30 -42.55 -27.52
C GLY E 42 2.94 -41.67 -26.47
N PHE E 43 4.26 -41.80 -26.30
CA PHE E 43 4.98 -41.03 -25.30
C PHE E 43 5.78 -39.89 -25.92
N THR E 44 5.72 -38.75 -25.26
CA THR E 44 6.53 -37.58 -25.58
C THR E 44 7.40 -37.29 -24.36
N LEU E 45 8.69 -37.61 -24.46
CA LEU E 45 9.62 -37.48 -23.34
C LEU E 45 10.14 -36.04 -23.20
N GLN E 46 9.93 -35.44 -22.03
CA GLN E 46 10.34 -34.05 -21.78
C GLN E 46 11.69 -33.96 -21.09
N ASP E 47 11.90 -34.79 -20.08
CA ASP E 47 13.11 -34.67 -19.28
C ASP E 47 13.42 -35.94 -18.51
N ILE E 48 14.70 -36.28 -18.45
CA ILE E 48 15.19 -37.22 -17.47
C ILE E 48 15.71 -36.32 -16.37
N VAL E 49 14.96 -36.24 -15.28
CA VAL E 49 15.23 -35.27 -14.23
C VAL E 49 16.28 -35.78 -13.27
N LYS E 50 16.29 -37.08 -13.00
CA LYS E 50 17.20 -37.63 -12.02
C LYS E 50 17.48 -39.12 -12.22
N ALA E 51 18.75 -39.49 -12.05
CA ALA E 51 19.18 -40.88 -11.99
C ALA E 51 19.90 -41.07 -10.65
N ASP E 52 19.41 -42.00 -9.82
CA ASP E 52 20.02 -42.30 -8.54
C ASP E 52 20.69 -43.67 -8.58
N SER E 53 22.02 -43.70 -8.51
CA SER E 53 22.75 -44.97 -8.53
C SER E 53 22.98 -45.56 -7.12
N SER E 54 22.36 -44.97 -6.10
CA SER E 54 22.35 -45.58 -4.77
C SER E 54 21.10 -46.44 -4.56
N THR E 55 20.03 -46.12 -5.28
CA THR E 55 18.81 -46.92 -5.22
C THR E 55 18.42 -47.53 -6.56
N ASN E 56 19.17 -47.21 -7.62
CA ASN E 56 18.81 -47.60 -8.99
C ASN E 56 17.39 -47.19 -9.37
N GLU E 57 17.12 -45.89 -9.25
CA GLU E 57 15.86 -45.28 -9.66
C GLU E 57 16.13 -44.14 -10.62
N VAL E 58 15.30 -44.02 -11.64
CA VAL E 58 15.36 -42.89 -12.56
C VAL E 58 14.00 -42.17 -12.61
N ASP E 59 14.07 -40.84 -12.69
CA ASP E 59 12.88 -40.00 -12.71
C ASP E 59 12.65 -39.38 -14.09
N LEU E 60 11.49 -39.61 -14.67
CA LEU E 60 11.13 -39.08 -15.99
C LEU E 60 9.96 -38.10 -15.92
N VAL E 61 9.99 -37.09 -16.78
CA VAL E 61 8.83 -36.26 -17.04
C VAL E 61 8.45 -36.46 -18.50
N TYR E 62 7.21 -36.87 -18.73
CA TYR E 62 6.74 -37.14 -20.09
C TYR E 62 5.26 -36.85 -20.14
N TYR E 63 4.70 -36.70 -21.34
CA TYR E 63 3.26 -36.83 -21.47
C TYR E 63 2.89 -38.00 -22.35
N GLU E 64 1.85 -38.70 -21.91
CA GLU E 64 1.45 -39.96 -22.45
C GLU E 64 0.08 -39.81 -23.10
N GLN E 65 0.06 -39.87 -24.42
CA GLN E 65 -1.17 -39.69 -25.18
C GLN E 65 -1.98 -40.97 -25.15
N GLN E 66 -3.27 -40.85 -24.87
CA GLN E 66 -4.17 -41.99 -24.78
C GLN E 66 -5.38 -41.78 -25.67
N ARG E 67 -5.68 -42.81 -26.45
CA ARG E 67 -6.56 -42.70 -27.61
C ARG E 67 -7.45 -43.93 -27.74
N TRP E 68 -8.75 -43.75 -27.63
CA TRP E 68 -9.70 -44.85 -27.81
C TRP E 68 -11.02 -44.36 -28.41
N LYS E 69 -11.82 -45.28 -28.96
CA LYS E 69 -13.09 -44.91 -29.56
C LYS E 69 -14.25 -45.73 -29.01
N LEU E 70 -15.34 -45.03 -28.66
CA LEU E 70 -16.56 -45.65 -28.18
C LEU E 70 -17.72 -45.25 -29.07
N ASN E 71 -18.65 -46.17 -29.30
CA ASN E 71 -19.90 -45.84 -29.99
C ASN E 71 -20.87 -45.13 -29.06
N SER E 72 -20.81 -45.48 -27.78
CA SER E 72 -21.56 -44.80 -26.74
C SER E 72 -21.38 -43.28 -26.83
N LEU E 73 -20.34 -42.81 -27.52
CA LEU E 73 -19.96 -41.40 -27.54
C LEU E 73 -19.93 -40.76 -28.93
N MET E 74 -20.74 -41.25 -29.88
CA MET E 74 -20.82 -40.63 -31.20
C MET E 74 -22.01 -39.71 -31.27
N TRP E 75 -21.93 -38.70 -32.15
CA TRP E 75 -23.06 -37.79 -32.38
C TRP E 75 -22.91 -37.11 -33.74
N ASP E 76 -24.03 -36.65 -34.28
CA ASP E 76 -24.04 -35.93 -35.55
C ASP E 76 -23.90 -34.43 -35.28
N PRO E 77 -22.80 -33.81 -35.73
CA PRO E 77 -22.62 -32.37 -35.50
C PRO E 77 -23.84 -31.54 -35.90
N ASN E 78 -24.54 -31.99 -36.94
CA ASN E 78 -25.76 -31.34 -37.41
C ASN E 78 -26.87 -31.28 -36.38
N GLU E 79 -27.09 -32.37 -35.66
CA GLU E 79 -28.13 -32.39 -34.63
C GLU E 79 -27.79 -31.48 -33.44
N TYR E 80 -26.58 -30.89 -33.46
CA TYR E 80 -26.05 -30.15 -32.30
C TYR E 80 -25.28 -28.87 -32.66
N GLY E 81 -25.74 -28.13 -33.66
CA GLY E 81 -25.14 -26.83 -33.99
C GLY E 81 -23.72 -26.88 -34.50
N ASN E 82 -23.36 -27.98 -35.15
CA ASN E 82 -22.07 -28.16 -35.77
C ASN E 82 -20.89 -28.29 -34.80
N ILE E 83 -21.18 -28.72 -33.57
CA ILE E 83 -20.14 -29.00 -32.60
C ILE E 83 -19.44 -30.28 -33.05
N THR E 84 -18.12 -30.21 -33.23
CA THR E 84 -17.34 -31.36 -33.70
C THR E 84 -16.57 -32.05 -32.57
N ASP E 85 -16.41 -31.36 -31.44
CA ASP E 85 -15.78 -31.97 -30.27
C ASP E 85 -16.04 -31.13 -29.05
N PHE E 86 -15.66 -31.64 -27.90
CA PHE E 86 -15.76 -30.88 -26.68
C PHE E 86 -14.77 -31.40 -25.68
N ARG E 87 -14.49 -30.54 -24.70
CA ARG E 87 -13.64 -30.89 -23.58
C ARG E 87 -14.50 -31.28 -22.41
N THR E 88 -14.05 -32.24 -21.62
CA THR E 88 -14.74 -32.55 -20.38
C THR E 88 -13.81 -33.16 -19.34
N SER E 89 -14.26 -33.10 -18.09
CA SER E 89 -13.52 -33.66 -16.98
C SER E 89 -13.38 -35.15 -17.21
N ALA E 90 -12.17 -35.67 -16.98
CA ALA E 90 -11.87 -37.10 -17.14
C ALA E 90 -12.67 -37.97 -16.18
N ALA E 91 -13.20 -37.37 -15.10
CA ALA E 91 -14.07 -38.07 -14.14
C ALA E 91 -15.51 -38.23 -14.64
N ASP E 92 -15.84 -37.60 -15.77
CA ASP E 92 -17.16 -37.78 -16.41
C ASP E 92 -17.21 -38.92 -17.42
N ILE E 93 -16.12 -39.66 -17.56
CA ILE E 93 -16.06 -40.78 -18.51
C ILE E 93 -15.16 -41.90 -18.01
N TRP E 94 -15.24 -43.03 -18.69
CA TRP E 94 -14.33 -44.14 -18.47
C TRP E 94 -12.96 -43.79 -19.05
N THR E 95 -11.92 -44.19 -18.32
CA THR E 95 -10.55 -44.03 -18.78
C THR E 95 -9.78 -45.33 -18.52
N PRO E 96 -8.81 -45.66 -19.37
CA PRO E 96 -8.07 -46.89 -19.21
C PRO E 96 -7.08 -46.87 -18.05
N ASP E 97 -6.93 -47.99 -17.37
CA ASP E 97 -6.09 -48.11 -16.18
C ASP E 97 -4.63 -48.40 -16.56
N ILE E 98 -4.10 -47.61 -17.47
CA ILE E 98 -2.73 -47.78 -17.96
C ILE E 98 -1.79 -47.49 -16.81
N THR E 99 -0.97 -48.48 -16.46
CA THR E 99 -0.08 -48.39 -15.31
C THR E 99 1.35 -48.75 -15.70
N ALA E 100 2.31 -48.09 -15.06
CA ALA E 100 3.72 -48.48 -15.16
C ALA E 100 3.91 -49.72 -14.32
N TYR E 101 4.53 -50.75 -14.88
CA TYR E 101 4.63 -52.06 -14.22
C TYR E 101 5.79 -52.17 -13.26
N SER E 102 6.68 -51.18 -13.32
CA SER E 102 7.89 -51.18 -12.52
C SER E 102 8.19 -49.82 -11.92
N SER E 103 7.15 -49.07 -11.59
CA SER E 103 7.33 -47.83 -10.84
C SER E 103 7.86 -48.14 -9.43
N THR E 104 8.54 -47.17 -8.84
CA THR E 104 8.98 -47.28 -7.43
C THR E 104 8.27 -46.27 -6.52
N ARG E 105 7.60 -45.29 -7.10
CA ARG E 105 6.82 -44.29 -6.36
C ARG E 105 5.50 -44.09 -7.07
N PRO E 106 4.46 -43.60 -6.36
CA PRO E 106 3.26 -43.25 -7.09
C PRO E 106 3.50 -42.19 -8.14
N VAL E 107 2.89 -42.39 -9.30
CA VAL E 107 3.01 -41.48 -10.42
C VAL E 107 2.41 -40.15 -10.00
N GLN E 108 3.11 -39.07 -10.32
CA GLN E 108 2.64 -37.72 -9.96
C GLN E 108 2.13 -37.01 -11.18
N VAL E 109 0.86 -36.60 -11.13
CA VAL E 109 0.18 -36.03 -12.29
C VAL E 109 0.41 -34.53 -12.38
N LEU E 110 1.03 -34.11 -13.47
CA LEU E 110 1.43 -32.74 -13.63
C LEU E 110 0.43 -31.90 -14.43
N SER E 111 -0.61 -32.52 -14.97
CA SER E 111 -1.56 -31.81 -15.84
C SER E 111 -3.02 -32.03 -15.47
N PRO E 112 -3.91 -31.15 -15.96
CA PRO E 112 -5.32 -31.23 -15.66
C PRO E 112 -5.98 -32.47 -16.23
N GLN E 113 -6.91 -33.00 -15.46
CA GLN E 113 -7.60 -34.23 -15.78
C GLN E 113 -8.77 -33.89 -16.70
N ILE E 114 -8.46 -33.50 -17.92
CA ILE E 114 -9.47 -33.12 -18.89
C ILE E 114 -9.16 -33.81 -20.21
N ALA E 115 -10.20 -34.33 -20.86
CA ALA E 115 -10.07 -35.03 -22.12
C ALA E 115 -10.84 -34.31 -23.22
N VAL E 116 -10.49 -34.63 -24.47
CA VAL E 116 -11.18 -34.09 -25.63
C VAL E 116 -11.95 -35.22 -26.30
N VAL E 117 -13.27 -35.05 -26.39
CA VAL E 117 -14.15 -36.04 -27.03
C VAL E 117 -14.58 -35.56 -28.42
N THR E 118 -14.37 -36.38 -29.45
CA THR E 118 -14.76 -36.01 -30.83
C THR E 118 -16.06 -36.70 -31.27
N HIS E 119 -16.72 -36.09 -32.26
CA HIS E 119 -18.02 -36.56 -32.77
C HIS E 119 -18.02 -37.99 -33.30
N ASP E 120 -16.85 -38.46 -33.78
CA ASP E 120 -16.69 -39.84 -34.23
C ASP E 120 -16.60 -40.82 -33.06
N GLY E 121 -16.58 -40.28 -31.85
CA GLY E 121 -16.58 -41.10 -30.64
C GLY E 121 -15.19 -41.43 -30.14
N SER E 122 -14.17 -40.77 -30.70
CA SER E 122 -12.81 -40.94 -30.22
C SER E 122 -12.57 -39.99 -29.06
N VAL E 123 -11.80 -40.46 -28.09
CA VAL E 123 -11.43 -39.68 -26.91
C VAL E 123 -9.93 -39.56 -26.94
N MET E 124 -9.44 -38.41 -26.51
CA MET E 124 -8.03 -38.12 -26.53
C MET E 124 -7.67 -37.58 -25.16
N PHE E 125 -6.75 -38.25 -24.48
CA PHE E 125 -6.36 -37.90 -23.12
C PHE E 125 -4.85 -37.90 -23.02
N ILE E 126 -4.26 -36.78 -22.59
CA ILE E 126 -2.81 -36.61 -22.66
C ILE E 126 -2.23 -36.17 -21.32
N PRO E 127 -2.21 -37.07 -20.32
CA PRO E 127 -1.67 -36.73 -19.01
C PRO E 127 -0.17 -36.58 -19.00
N ALA E 128 0.30 -35.50 -18.39
CA ALA E 128 1.73 -35.29 -18.15
C ALA E 128 2.03 -35.88 -16.79
N GLN E 129 3.18 -36.53 -16.66
CA GLN E 129 3.50 -37.21 -15.42
C GLN E 129 4.98 -37.14 -15.07
N ARG E 130 5.27 -37.17 -13.77
CA ARG E 130 6.59 -37.54 -13.30
C ARG E 130 6.56 -38.95 -12.74
N LEU E 131 7.47 -39.80 -13.21
CA LEU E 131 7.55 -41.21 -12.82
C LEU E 131 8.92 -41.57 -12.26
N SER E 132 8.92 -42.33 -11.17
CA SER E 132 10.12 -42.98 -10.68
C SER E 132 9.97 -44.46 -10.98
N PHE E 133 10.96 -45.04 -11.66
CA PHE E 133 10.90 -46.46 -11.98
C PHE E 133 12.28 -47.09 -11.83
N MET E 134 12.31 -48.41 -11.98
CA MET E 134 13.50 -49.22 -11.70
C MET E 134 14.46 -49.13 -12.87
N CYS E 135 15.66 -48.61 -12.59
CA CYS E 135 16.63 -48.32 -13.64
C CYS E 135 18.04 -48.27 -13.08
N ASP E 136 18.94 -49.03 -13.67
CA ASP E 136 20.34 -49.01 -13.30
C ASP E 136 21.08 -48.07 -14.26
N PRO E 137 21.50 -46.88 -13.78
CA PRO E 137 22.18 -45.88 -14.61
C PRO E 137 23.68 -46.12 -14.83
N THR E 138 24.17 -47.30 -14.47
CA THR E 138 25.55 -47.66 -14.73
C THR E 138 25.87 -47.46 -16.20
N GLY E 139 26.92 -46.69 -16.47
CA GLY E 139 27.34 -46.40 -17.85
C GLY E 139 26.90 -45.04 -18.35
N VAL E 140 26.08 -44.33 -17.58
CA VAL E 140 25.52 -43.04 -18.00
C VAL E 140 26.61 -42.00 -18.22
N ASP E 141 27.72 -42.15 -17.48
CA ASP E 141 28.87 -41.24 -17.57
C ASP E 141 29.88 -41.67 -18.62
N SER E 142 29.56 -42.71 -19.38
CA SER E 142 30.39 -43.16 -20.48
C SER E 142 29.73 -42.70 -21.77
N GLU E 143 30.46 -42.83 -22.88
CA GLU E 143 29.94 -42.43 -24.19
C GLU E 143 28.78 -43.31 -24.63
N GLU E 144 28.84 -44.61 -24.35
CA GLU E 144 27.80 -45.54 -24.80
C GLU E 144 26.49 -45.43 -24.00
N GLY E 145 26.58 -44.90 -22.77
CA GLY E 145 25.39 -44.54 -21.99
C GLY E 145 24.79 -45.69 -21.19
N ALA E 146 23.63 -45.41 -20.60
CA ALA E 146 22.87 -46.40 -19.84
C ALA E 146 21.58 -46.72 -20.58
N THR E 147 21.07 -47.92 -20.39
CA THR E 147 19.78 -48.32 -20.94
C THR E 147 18.86 -48.70 -19.80
N CYS E 148 17.60 -48.31 -19.91
CA CYS E 148 16.57 -48.73 -18.96
C CYS E 148 15.25 -48.92 -19.65
N ALA E 149 14.32 -49.60 -18.98
CA ALA E 149 13.08 -50.00 -19.60
C ALA E 149 11.93 -50.05 -18.61
N VAL E 150 10.74 -49.71 -19.08
CA VAL E 150 9.54 -49.80 -18.26
C VAL E 150 8.35 -50.08 -19.14
N LYS E 151 7.53 -51.05 -18.71
CA LYS E 151 6.32 -51.41 -19.41
C LYS E 151 5.13 -50.65 -18.85
N PHE E 152 4.24 -50.28 -19.76
CA PHE E 152 2.94 -49.71 -19.41
C PHE E 152 1.88 -50.59 -20.03
N GLY E 153 0.84 -50.85 -19.26
CA GLY E 153 -0.29 -51.61 -19.76
C GLY E 153 -1.42 -51.54 -18.76
N SER E 154 -2.59 -52.01 -19.18
CA SER E 154 -3.72 -52.10 -18.27
C SER E 154 -3.29 -52.97 -17.12
N TRP E 155 -3.76 -52.63 -15.93
CA TRP E 155 -3.45 -53.41 -14.75
C TRP E 155 -4.37 -54.64 -14.61
N VAL E 156 -5.64 -54.50 -15.01
CA VAL E 156 -6.64 -55.55 -14.79
C VAL E 156 -7.28 -56.14 -16.05
N TYR E 157 -6.89 -55.67 -17.24
CA TYR E 157 -7.46 -56.18 -18.49
C TYR E 157 -6.45 -56.94 -19.33
N SER E 158 -6.83 -58.14 -19.76
CA SER E 158 -5.96 -58.97 -20.59
C SER E 158 -5.96 -58.49 -22.04
N GLY E 159 -5.10 -59.08 -22.86
CA GLY E 159 -5.01 -58.77 -24.28
C GLY E 159 -6.26 -59.11 -25.06
N PHE E 160 -7.12 -59.93 -24.47
CA PHE E 160 -8.46 -60.22 -25.01
C PHE E 160 -9.50 -59.18 -24.60
N GLU E 161 -9.10 -58.16 -23.84
CA GLU E 161 -10.01 -57.13 -23.37
C GLU E 161 -9.53 -55.73 -23.73
N ILE E 162 -8.26 -55.45 -23.50
CA ILE E 162 -7.66 -54.21 -23.96
C ILE E 162 -6.52 -54.54 -24.92
N ASP E 163 -6.69 -54.10 -26.17
CA ASP E 163 -5.71 -54.27 -27.23
C ASP E 163 -4.85 -52.99 -27.31
N LEU E 164 -3.59 -53.07 -26.86
CA LEU E 164 -2.72 -51.89 -26.77
C LEU E 164 -1.85 -51.72 -28.01
N LYS E 165 -1.91 -50.54 -28.62
CA LYS E 165 -1.17 -50.25 -29.85
C LYS E 165 -0.31 -49.01 -29.71
N THR E 166 0.53 -48.80 -30.70
CA THR E 166 1.23 -47.55 -30.93
C THR E 166 0.94 -47.15 -32.37
N ASP E 167 0.97 -45.86 -32.67
CA ASP E 167 0.84 -45.41 -34.06
C ASP E 167 2.21 -45.44 -34.74
N THR E 168 3.25 -45.26 -33.93
CA THR E 168 4.65 -45.33 -34.36
C THR E 168 5.38 -45.91 -33.17
N ASP E 169 6.53 -46.53 -33.40
CA ASP E 169 7.27 -47.08 -32.26
C ASP E 169 8.49 -46.20 -31.89
N GLN E 170 8.58 -45.03 -32.51
CA GLN E 170 9.55 -44.01 -32.14
C GLN E 170 8.92 -43.05 -31.13
N VAL E 171 9.63 -42.82 -30.03
CA VAL E 171 9.17 -41.90 -28.99
C VAL E 171 9.37 -40.46 -29.46
N ASP E 172 8.41 -39.60 -29.20
CA ASP E 172 8.53 -38.19 -29.59
C ASP E 172 9.50 -37.43 -28.67
N LEU E 173 10.57 -36.93 -29.28
CA LEU E 173 11.64 -36.23 -28.57
C LEU E 173 11.75 -34.76 -29.00
N SER E 174 10.76 -34.29 -29.76
CA SER E 174 10.77 -32.92 -30.26
C SER E 174 10.62 -31.88 -29.15
N SER E 175 10.27 -32.31 -27.95
CA SER E 175 10.17 -31.41 -26.80
C SER E 175 11.11 -31.81 -25.67
N TYR E 176 12.10 -32.64 -25.96
CA TYR E 176 13.07 -32.99 -24.92
C TYR E 176 13.83 -31.74 -24.47
N TYR E 177 13.92 -31.56 -23.16
CA TYR E 177 14.52 -30.38 -22.57
C TYR E 177 15.99 -30.28 -22.99
N ALA E 178 16.33 -29.19 -23.69
CA ALA E 178 17.65 -29.03 -24.29
C ALA E 178 18.79 -28.93 -23.27
N SER E 179 18.50 -28.41 -22.08
CA SER E 179 19.55 -28.25 -21.04
C SER E 179 19.37 -29.24 -19.88
N SER E 180 18.77 -30.39 -20.17
CA SER E 180 18.74 -31.51 -19.25
C SER E 180 20.16 -31.97 -18.94
N LYS E 181 20.33 -32.64 -17.81
CA LYS E 181 21.62 -33.22 -17.42
C LYS E 181 21.92 -34.45 -18.29
N TYR E 182 20.88 -35.03 -18.88
CA TYR E 182 21.01 -36.19 -19.74
C TYR E 182 20.47 -35.89 -21.14
N GLU E 183 21.24 -36.27 -22.15
CA GLU E 183 20.78 -36.23 -23.53
C GLU E 183 20.35 -37.63 -23.94
N ILE E 184 19.39 -37.72 -24.84
CA ILE E 184 18.79 -39.00 -25.21
C ILE E 184 19.47 -39.57 -26.46
N LEU E 185 19.97 -40.80 -26.34
CA LEU E 185 20.59 -41.49 -27.46
C LEU E 185 19.52 -42.17 -28.32
N SER E 186 18.49 -42.72 -27.68
CA SER E 186 17.35 -43.29 -28.38
C SER E 186 16.22 -43.61 -27.42
N ALA E 187 15.00 -43.64 -27.95
CA ALA E 187 13.82 -43.89 -27.13
C ALA E 187 12.75 -44.55 -27.99
N THR E 188 12.36 -45.77 -27.65
CA THR E 188 11.39 -46.52 -28.42
C THR E 188 10.19 -46.90 -27.58
N GLN E 189 9.07 -47.16 -28.26
CA GLN E 189 7.83 -47.58 -27.60
C GLN E 189 7.26 -48.76 -28.38
N THR E 190 7.44 -49.96 -27.84
CA THR E 190 7.15 -51.16 -28.60
C THR E 190 6.16 -52.03 -27.86
N ARG E 191 5.15 -52.51 -28.59
CA ARG E 191 4.12 -53.36 -28.02
C ARG E 191 4.65 -54.76 -27.80
N GLN E 192 4.31 -55.35 -26.65
CA GLN E 192 4.64 -56.76 -26.34
C GLN E 192 3.45 -57.53 -25.79
N VAL E 193 3.61 -58.85 -25.77
CA VAL E 193 2.62 -59.77 -25.21
C VAL E 193 3.32 -60.67 -24.21
N GLN E 194 2.64 -60.97 -23.10
CA GLN E 194 3.31 -61.54 -21.92
C GLN E 194 2.32 -62.21 -20.95
N HIS E 195 2.75 -63.29 -20.29
CA HIS E 195 1.91 -64.02 -19.32
C HIS E 195 2.26 -63.67 -17.88
N TYR E 196 1.29 -63.87 -16.98
CA TYR E 196 1.46 -63.55 -15.55
C TYR E 196 0.83 -64.60 -14.64
N SER E 197 1.55 -64.97 -13.58
CA SER E 197 1.15 -66.04 -12.64
C SER E 197 -0.22 -65.82 -12.00
N CYS E 198 -0.61 -64.57 -11.86
CA CYS E 198 -1.94 -64.21 -11.37
C CYS E 198 -3.04 -64.90 -12.17
N CYS E 199 -2.84 -64.93 -13.48
CA CYS E 199 -3.93 -65.07 -14.43
C CYS E 199 -3.52 -65.97 -15.60
N PRO E 200 -4.50 -66.69 -16.17
CA PRO E 200 -4.25 -67.61 -17.30
C PRO E 200 -4.19 -66.96 -18.70
N GLU E 201 -4.56 -65.68 -18.82
CA GLU E 201 -4.60 -65.00 -20.12
C GLU E 201 -3.41 -64.07 -20.28
N PRO E 202 -2.93 -63.90 -21.53
CA PRO E 202 -1.82 -62.99 -21.79
C PRO E 202 -2.25 -61.52 -21.70
N TYR E 203 -1.30 -60.67 -21.35
CA TYR E 203 -1.54 -59.24 -21.22
C TYR E 203 -0.66 -58.48 -22.21
N ILE E 204 -1.11 -57.30 -22.62
CA ILE E 204 -0.37 -56.49 -23.60
C ILE E 204 0.21 -55.25 -22.93
N ASP E 205 1.48 -55.00 -23.17
CA ASP E 205 2.12 -53.79 -22.66
C ASP E 205 2.78 -53.04 -23.78
N VAL E 206 3.12 -51.77 -23.52
CA VAL E 206 3.98 -50.99 -24.40
C VAL E 206 5.29 -50.74 -23.67
N ASN E 207 6.34 -51.40 -24.14
CA ASN E 207 7.67 -51.29 -23.54
C ASN E 207 8.34 -50.00 -24.01
N LEU E 208 8.62 -49.12 -23.05
CA LEU E 208 9.37 -47.89 -23.27
C LEU E 208 10.84 -48.14 -22.93
N VAL E 209 11.71 -48.11 -23.94
CA VAL E 209 13.15 -48.34 -23.77
C VAL E 209 13.94 -47.08 -24.12
N VAL E 210 14.72 -46.58 -23.15
CA VAL E 210 15.41 -45.30 -23.28
C VAL E 210 16.91 -45.45 -23.09
N LYS E 211 17.69 -44.99 -24.06
CA LYS E 211 19.14 -44.95 -23.94
C LYS E 211 19.53 -43.50 -23.74
N PHE E 212 20.30 -43.24 -22.69
CA PHE E 212 20.64 -41.89 -22.31
C PHE E 212 22.01 -41.87 -21.66
N ARG E 213 22.56 -40.66 -21.59
CA ARG E 213 23.85 -40.45 -20.96
C ARG E 213 23.97 -39.00 -20.54
N GLU E 214 25.02 -38.70 -19.79
CA GLU E 214 25.24 -37.36 -19.28
C GLU E 214 25.57 -36.44 -20.43
N ARG E 215 24.82 -35.34 -20.52
CA ARG E 215 25.12 -34.29 -21.45
C ARG E 215 26.48 -33.76 -21.06
N ARG E 216 27.39 -33.70 -22.04
CA ARG E 216 28.75 -33.22 -21.82
C ARG E 216 28.94 -31.93 -22.61
N ASP F 6 24.55 33.64 36.47
CA ASP F 6 23.76 32.38 36.65
C ASP F 6 22.78 32.18 35.50
N LYS F 7 21.98 33.21 35.26
CA LYS F 7 21.01 33.20 34.17
C LYS F 7 21.78 33.49 32.89
N LEU F 8 22.81 34.32 33.02
CA LEU F 8 23.77 34.57 31.93
C LEU F 8 24.54 33.30 31.52
N HIS F 9 24.67 32.34 32.45
CA HIS F 9 25.34 31.08 32.16
C HIS F 9 24.46 30.16 31.33
N SER F 10 23.21 29.99 31.75
CA SER F 10 22.23 29.22 30.99
C SER F 10 22.13 29.73 29.56
N GLN F 11 21.95 31.04 29.41
CA GLN F 11 21.98 31.67 28.08
C GLN F 11 23.22 31.19 27.30
N ALA F 12 24.37 31.29 27.95
CA ALA F 12 25.65 30.93 27.34
C ALA F 12 25.74 29.43 27.07
N ASN F 13 25.24 28.63 28.01
CA ASN F 13 25.22 27.17 27.87
C ASN F 13 24.39 26.71 26.68
N LEU F 14 23.20 27.28 26.54
CA LEU F 14 22.30 26.96 25.43
C LEU F 14 22.91 27.41 24.09
N MET F 15 23.67 28.49 24.12
CA MET F 15 24.33 29.01 22.92
C MET F 15 25.45 28.09 22.42
N ARG F 16 26.24 27.58 23.35
CA ARG F 16 27.35 26.68 23.02
C ARG F 16 26.80 25.34 22.53
N LEU F 17 25.69 24.90 23.13
CA LEU F 17 25.02 23.66 22.73
C LEU F 17 24.61 23.72 21.27
N LYS F 18 23.83 24.75 20.92
CA LYS F 18 23.35 24.91 19.55
C LYS F 18 24.53 25.11 18.61
N SER F 19 25.54 25.81 19.09
CA SER F 19 26.75 25.99 18.31
C SER F 19 27.37 24.63 17.98
N ASP F 20 27.59 23.82 18.99
CA ASP F 20 28.22 22.50 18.81
C ASP F 20 27.35 21.53 18.00
N LEU F 21 26.03 21.65 18.12
CA LEU F 21 25.12 20.75 17.42
C LEU F 21 24.95 21.11 15.95
N PHE F 22 24.94 22.40 15.64
CA PHE F 22 24.65 22.87 14.29
C PHE F 22 25.91 23.05 13.43
N ASN F 23 27.05 23.32 14.06
CA ASN F 23 28.26 23.73 13.31
C ASN F 23 29.41 22.73 13.25
N ARG F 24 29.53 21.85 14.24
CA ARG F 24 30.63 20.89 14.25
C ARG F 24 30.54 19.90 13.10
N SER F 25 29.30 19.52 12.77
CA SER F 25 29.10 18.57 11.69
C SER F 25 28.09 19.05 10.67
N PRO F 26 28.13 18.44 9.47
CA PRO F 26 27.23 18.83 8.40
C PRO F 26 25.84 18.40 8.81
N MET F 27 24.86 19.28 8.64
CA MET F 27 23.49 18.96 9.06
C MET F 27 23.11 17.54 8.54
N TYR F 28 22.25 16.86 9.29
CA TYR F 28 21.58 15.66 8.80
C TYR F 28 21.19 15.96 7.36
N PRO F 29 21.67 15.14 6.40
CA PRO F 29 21.27 15.31 5.00
C PRO F 29 19.96 14.61 4.65
N GLY F 30 19.27 14.09 5.67
CA GLY F 30 18.04 13.35 5.47
C GLY F 30 18.26 11.85 5.58
N PRO F 31 17.15 11.09 5.59
CA PRO F 31 17.20 9.64 5.65
C PRO F 31 17.62 8.99 4.35
N THR F 32 18.07 7.75 4.47
CA THR F 32 18.47 6.97 3.34
C THR F 32 18.05 5.51 3.54
N LYS F 33 18.19 4.72 2.49
CA LYS F 33 17.97 3.29 2.54
C LYS F 33 18.75 2.67 3.70
N ASP F 34 19.95 3.19 3.92
CA ASP F 34 20.86 2.70 4.96
C ASP F 34 20.63 3.30 6.34
N ASP F 35 20.13 4.53 6.40
CA ASP F 35 19.81 5.16 7.68
C ASP F 35 18.38 5.71 7.64
N PRO F 36 17.39 4.81 7.71
CA PRO F 36 15.98 5.20 7.65
C PRO F 36 15.51 5.81 8.94
N LEU F 37 14.49 6.64 8.83
CA LEU F 37 13.94 7.38 9.96
C LEU F 37 12.48 6.98 10.12
N THR F 38 12.02 6.89 11.36
CA THR F 38 10.61 6.63 11.62
C THR F 38 10.01 7.89 12.18
N VAL F 39 8.94 8.34 11.54
CA VAL F 39 8.27 9.56 11.94
C VAL F 39 6.89 9.20 12.42
N THR F 40 6.55 9.65 13.63
CA THR F 40 5.23 9.41 14.21
C THR F 40 4.35 10.61 13.95
N LEU F 41 3.09 10.36 13.59
CA LEU F 41 2.12 11.42 13.35
C LEU F 41 0.93 11.28 14.26
N GLY F 42 0.33 12.40 14.61
CA GLY F 42 -0.92 12.40 15.34
C GLY F 42 -1.66 13.69 15.07
N PHE F 43 -2.98 13.60 14.95
CA PHE F 43 -3.78 14.76 14.65
C PHE F 43 -4.69 15.13 15.81
N THR F 44 -4.78 16.43 16.06
CA THR F 44 -5.75 16.98 16.99
C THR F 44 -6.71 17.81 16.13
N LEU F 45 -7.84 17.23 15.77
CA LEU F 45 -8.79 17.92 14.91
C LEU F 45 -9.47 18.99 15.73
N GLN F 46 -9.37 20.24 15.28
CA GLN F 46 -9.95 21.37 15.99
C GLN F 46 -11.33 21.77 15.48
N ASP F 47 -11.49 21.75 14.17
CA ASP F 47 -12.74 22.21 13.59
C ASP F 47 -12.84 21.85 12.12
N ILE F 48 -14.02 21.39 11.71
CA ILE F 48 -14.39 21.39 10.30
C ILE F 48 -15.05 22.73 10.14
N VAL F 49 -14.44 23.60 9.34
CA VAL F 49 -14.91 24.97 9.18
C VAL F 49 -15.91 25.12 8.06
N LYS F 50 -15.76 24.30 7.02
CA LYS F 50 -16.49 24.53 5.78
C LYS F 50 -16.55 23.25 4.95
N ALA F 51 -17.75 22.97 4.44
CA ALA F 51 -17.99 21.84 3.56
C ALA F 51 -18.73 22.37 2.34
N ASP F 52 -18.02 22.51 1.23
CA ASP F 52 -18.56 23.09 0.02
C ASP F 52 -19.01 21.98 -0.92
N SER F 53 -20.31 21.89 -1.16
CA SER F 53 -20.85 20.84 -2.02
C SER F 53 -20.86 21.23 -3.49
N SER F 54 -20.51 22.49 -3.78
CA SER F 54 -20.44 22.98 -5.16
C SER F 54 -19.09 22.65 -5.79
N THR F 55 -18.06 22.51 -4.97
CA THR F 55 -16.71 22.16 -5.42
C THR F 55 -16.24 20.82 -4.87
N ASN F 56 -17.00 20.26 -3.93
CA ASN F 56 -16.58 19.07 -3.17
C ASN F 56 -15.21 19.24 -2.52
N GLU F 57 -15.12 20.26 -1.68
CA GLU F 57 -13.94 20.55 -0.89
C GLU F 57 -14.39 20.74 0.55
N VAL F 58 -13.66 20.17 1.48
CA VAL F 58 -13.91 20.40 2.89
C VAL F 58 -12.65 20.99 3.53
N ASP F 59 -12.86 21.96 4.42
CA ASP F 59 -11.77 22.68 5.07
C ASP F 59 -11.65 22.28 6.54
N LEU F 60 -10.48 21.76 6.92
CA LEU F 60 -10.22 21.37 8.31
C LEU F 60 -9.25 22.32 8.94
N VAL F 61 -9.33 22.46 10.25
CA VAL F 61 -8.27 23.08 11.04
C VAL F 61 -7.89 22.07 12.11
N TYR F 62 -6.60 21.75 12.17
CA TYR F 62 -6.09 20.74 13.08
C TYR F 62 -4.67 21.13 13.42
N TYR F 63 -4.09 20.48 14.43
CA TYR F 63 -2.64 20.46 14.50
C TYR F 63 -2.11 19.05 14.44
N GLU F 64 -0.94 18.94 13.82
CA GLU F 64 -0.35 17.67 13.42
C GLU F 64 0.95 17.49 14.16
N GLN F 65 0.96 16.57 15.10
CA GLN F 65 2.16 16.33 15.89
C GLN F 65 3.11 15.43 15.10
N GLN F 66 4.34 15.87 14.92
CA GLN F 66 5.36 15.07 14.23
C GLN F 66 6.51 14.79 15.18
N ARG F 67 7.00 13.55 15.17
CA ARG F 67 8.06 13.13 16.08
C ARG F 67 9.10 12.26 15.41
N TRP F 68 10.36 12.56 15.65
CA TRP F 68 11.44 11.73 15.16
C TRP F 68 12.67 11.90 16.04
N LYS F 69 13.63 11.01 15.83
CA LYS F 69 14.82 10.98 16.66
C LYS F 69 16.06 10.85 15.79
N LEU F 70 17.02 11.74 16.03
CA LEU F 70 18.29 11.72 15.31
C LEU F 70 19.44 11.54 16.31
N ASN F 71 20.31 10.59 16.03
CA ASN F 71 21.52 10.41 16.82
C ASN F 71 22.39 11.68 16.86
N SER F 72 22.27 12.52 15.83
CA SER F 72 23.08 13.73 15.73
C SER F 72 22.55 14.89 16.58
N LEU F 73 21.39 14.71 17.22
CA LEU F 73 20.84 15.75 18.08
C LEU F 73 20.94 15.39 19.56
N MET F 74 21.66 14.30 19.86
CA MET F 74 21.88 13.83 21.23
C MET F 74 22.90 14.68 21.98
N TRP F 75 22.68 14.84 23.28
CA TRP F 75 23.69 15.46 24.15
C TRP F 75 23.53 15.02 25.61
N ASP F 76 24.58 15.27 26.38
CA ASP F 76 24.63 14.98 27.80
C ASP F 76 24.31 16.27 28.57
N PRO F 77 23.15 16.33 29.23
CA PRO F 77 22.79 17.53 30.00
C PRO F 77 23.83 17.93 31.05
N ASN F 78 24.61 16.96 31.53
CA ASN F 78 25.71 17.22 32.46
C ASN F 78 26.74 18.15 31.87
N GLU F 79 27.02 17.95 30.58
CA GLU F 79 28.01 18.76 29.89
C GLU F 79 27.49 20.15 29.51
N TYR F 80 26.19 20.40 29.69
CA TYR F 80 25.57 21.63 29.19
C TYR F 80 24.60 22.27 30.17
N GLY F 81 25.07 22.49 31.40
CA GLY F 81 24.28 23.19 32.42
C GLY F 81 22.94 22.55 32.70
N ASN F 82 22.85 21.24 32.52
CA ASN F 82 21.62 20.50 32.75
C ASN F 82 20.46 20.98 31.88
N ILE F 83 20.76 21.41 30.67
CA ILE F 83 19.74 21.73 29.69
C ILE F 83 19.21 20.42 29.14
N THR F 84 17.93 20.14 29.39
CA THR F 84 17.33 18.87 28.99
C THR F 84 16.68 18.96 27.62
N ASP F 85 16.37 20.17 27.17
CA ASP F 85 15.76 20.37 25.87
C ASP F 85 15.79 21.85 25.49
N PHE F 86 15.60 22.12 24.21
CA PHE F 86 15.58 23.50 23.76
C PHE F 86 14.64 23.72 22.60
N ARG F 87 14.15 24.94 22.51
CA ARG F 87 13.31 25.36 21.41
C ARG F 87 14.18 25.95 20.32
N THR F 88 13.87 25.65 19.08
CA THR F 88 14.62 26.15 17.96
C THR F 88 13.76 26.27 16.72
N SER F 89 14.07 27.27 15.93
CA SER F 89 13.39 27.50 14.67
C SER F 89 13.46 26.26 13.78
N ALA F 90 12.38 25.99 13.06
CA ALA F 90 12.29 24.80 12.20
C ALA F 90 13.23 24.85 10.98
N ALA F 91 13.71 26.04 10.65
CA ALA F 91 14.65 26.21 9.52
C ALA F 91 16.08 25.80 9.89
N ASP F 92 16.36 25.75 11.19
CA ASP F 92 17.69 25.39 11.69
C ASP F 92 17.96 23.88 11.67
N ILE F 93 16.89 23.08 11.66
CA ILE F 93 17.02 21.62 11.65
C ILE F 93 16.38 20.99 10.40
N TRP F 94 16.53 19.68 10.25
CA TRP F 94 15.86 18.94 9.20
C TRP F 94 14.46 18.61 9.69
N THR F 95 13.49 18.74 8.82
CA THR F 95 12.11 18.41 9.12
C THR F 95 11.61 17.56 7.96
N PRO F 96 10.66 16.65 8.22
CA PRO F 96 10.10 15.78 7.18
C PRO F 96 9.10 16.47 6.24
N ASP F 97 9.00 15.97 5.01
CA ASP F 97 8.15 16.60 3.98
C ASP F 97 6.75 15.99 3.96
N ILE F 98 6.12 15.89 5.13
CA ILE F 98 4.80 15.29 5.25
C ILE F 98 3.78 16.19 4.57
N THR F 99 3.09 15.63 3.58
CA THR F 99 2.22 16.35 2.70
C THR F 99 0.85 15.70 2.70
N ALA F 100 -0.19 16.49 2.46
CA ALA F 100 -1.54 15.96 2.31
C ALA F 100 -1.69 15.64 0.83
N TYR F 101 -2.13 14.43 0.54
CA TYR F 101 -2.12 13.95 -0.82
C TYR F 101 -3.28 14.37 -1.70
N SER F 102 -4.35 14.91 -1.10
CA SER F 102 -5.50 15.36 -1.87
C SER F 102 -5.91 16.79 -1.50
N SER F 103 -4.93 17.61 -1.13
CA SER F 103 -5.18 19.03 -0.87
C SER F 103 -5.60 19.70 -2.17
N THR F 104 -6.49 20.66 -2.07
CA THR F 104 -6.93 21.43 -3.23
C THR F 104 -6.35 22.85 -3.19
N ARG F 105 -5.67 23.16 -2.10
CA ARG F 105 -5.25 24.50 -1.80
C ARG F 105 -3.95 24.37 -1.03
N PRO F 106 -3.08 25.39 -1.12
CA PRO F 106 -1.90 25.39 -0.28
C PRO F 106 -2.28 25.45 1.18
N VAL F 107 -1.64 24.65 2.00
CA VAL F 107 -1.89 24.64 3.42
C VAL F 107 -1.57 26.01 3.99
N GLN F 108 -2.41 26.47 4.91
CA GLN F 108 -2.17 27.72 5.57
C GLN F 108 -1.67 27.44 6.98
N VAL F 109 -0.52 28.02 7.30
CA VAL F 109 0.18 27.79 8.55
C VAL F 109 -0.40 28.70 9.62
N LEU F 110 -0.84 28.10 10.73
CA LEU F 110 -1.47 28.86 11.81
C LEU F 110 -0.62 29.01 13.06
N SER F 111 0.55 28.35 13.10
CA SER F 111 1.40 28.34 14.28
C SER F 111 2.87 28.70 13.96
N PRO F 112 3.61 29.19 14.96
CA PRO F 112 5.01 29.47 14.75
C PRO F 112 5.78 28.23 14.33
N GLN F 113 6.82 28.41 13.54
CA GLN F 113 7.63 27.27 13.08
C GLN F 113 8.88 27.08 13.89
N ILE F 114 8.64 26.65 15.12
CA ILE F 114 9.67 26.40 16.08
C ILE F 114 9.45 24.95 16.50
N ALA F 115 10.53 24.17 16.58
CA ALA F 115 10.47 22.81 17.08
C ALA F 115 11.05 22.80 18.49
N VAL F 116 10.87 21.68 19.17
CA VAL F 116 11.48 21.43 20.46
C VAL F 116 12.41 20.23 20.30
N VAL F 117 13.69 20.41 20.59
CA VAL F 117 14.68 19.33 20.49
C VAL F 117 14.98 18.86 21.90
N THR F 118 14.91 17.54 22.13
CA THR F 118 15.21 17.00 23.46
C THR F 118 16.57 16.29 23.47
N HIS F 119 17.16 16.22 24.66
CA HIS F 119 18.55 15.82 24.80
C HIS F 119 18.86 14.40 24.31
N ASP F 120 17.86 13.54 24.25
CA ASP F 120 18.03 12.19 23.67
C ASP F 120 18.00 12.18 22.13
N GLY F 121 17.86 13.36 21.53
CA GLY F 121 17.90 13.51 20.07
C GLY F 121 16.52 13.53 19.42
N SER F 122 15.46 13.51 20.23
CA SER F 122 14.12 13.51 19.67
C SER F 122 13.68 14.92 19.37
N VAL F 123 12.81 15.05 18.36
CA VAL F 123 12.29 16.34 17.92
C VAL F 123 10.78 16.26 17.88
N MET F 124 10.14 17.31 18.37
CA MET F 124 8.70 17.44 18.31
C MET F 124 8.35 18.75 17.63
N PHE F 125 7.56 18.66 16.57
CA PHE F 125 7.14 19.81 15.78
C PHE F 125 5.64 19.69 15.53
N ILE F 126 4.88 20.68 15.99
CA ILE F 126 3.41 20.59 15.94
C ILE F 126 2.82 21.75 15.15
N PRO F 127 2.90 21.67 13.81
CA PRO F 127 2.31 22.73 12.98
C PRO F 127 0.81 22.66 12.96
N ALA F 128 0.18 23.81 13.19
CA ALA F 128 -1.26 23.97 13.14
C ALA F 128 -1.63 24.46 11.75
N GLN F 129 -2.56 23.78 11.11
CA GLN F 129 -2.86 24.06 9.70
C GLN F 129 -4.34 24.19 9.40
N ARG F 130 -4.65 24.98 8.37
CA ARG F 130 -5.95 24.93 7.72
C ARG F 130 -5.78 24.25 6.38
N LEU F 131 -6.55 23.20 6.16
CA LEU F 131 -6.40 22.38 4.96
C LEU F 131 -7.69 22.33 4.18
N SER F 132 -7.61 22.61 2.88
CA SER F 132 -8.71 22.36 1.96
C SER F 132 -8.41 21.08 1.21
N PHE F 133 -9.33 20.11 1.24
CA PHE F 133 -9.08 18.84 0.54
C PHE F 133 -10.33 18.23 -0.09
N MET F 134 -10.09 17.31 -1.01
CA MET F 134 -11.15 16.67 -1.80
C MET F 134 -12.08 15.82 -0.92
N CYS F 135 -13.35 16.21 -0.90
CA CYS F 135 -14.33 15.57 -0.06
C CYS F 135 -15.73 15.84 -0.59
N ASP F 136 -16.50 14.77 -0.78
CA ASP F 136 -17.91 14.88 -1.14
C ASP F 136 -18.74 14.90 0.15
N PRO F 137 -19.27 16.08 0.54
CA PRO F 137 -19.98 16.16 1.80
C PRO F 137 -21.42 15.65 1.73
N THR F 138 -21.76 14.85 0.71
CA THR F 138 -23.10 14.32 0.56
C THR F 138 -23.46 13.48 1.79
N GLY F 139 -24.62 13.78 2.37
CA GLY F 139 -25.10 13.10 3.56
C GLY F 139 -24.86 13.85 4.86
N VAL F 140 -24.17 14.99 4.78
CA VAL F 140 -23.85 15.78 5.98
C VAL F 140 -25.12 16.22 6.74
N ASP F 141 -26.23 16.38 6.03
CA ASP F 141 -27.49 16.79 6.65
C ASP F 141 -28.36 15.58 7.02
N SER F 142 -27.78 14.38 7.02
CA SER F 142 -28.50 13.16 7.39
C SER F 142 -27.98 12.69 8.74
N GLU F 143 -28.60 11.65 9.26
CA GLU F 143 -28.22 11.12 10.56
C GLU F 143 -26.98 10.24 10.48
N GLU F 144 -26.80 9.60 9.34
CA GLU F 144 -25.65 8.75 9.10
C GLU F 144 -24.43 9.64 8.84
N GLY F 145 -24.66 10.79 8.23
CA GLY F 145 -23.61 11.81 8.07
C GLY F 145 -22.77 11.63 6.82
N ALA F 146 -21.71 12.43 6.74
CA ALA F 146 -20.76 12.35 5.62
C ALA F 146 -19.51 11.63 6.05
N THR F 147 -18.75 11.13 5.08
CA THR F 147 -17.43 10.58 5.37
C THR F 147 -16.39 11.14 4.42
N CYS F 148 -15.26 11.57 4.95
CA CYS F 148 -14.18 12.05 4.12
C CYS F 148 -12.87 11.47 4.55
N ALA F 149 -11.92 11.47 3.62
CA ALA F 149 -10.62 10.85 3.84
C ALA F 149 -9.52 11.60 3.14
N VAL F 150 -8.39 11.73 3.81
CA VAL F 150 -7.22 12.34 3.21
C VAL F 150 -5.99 11.67 3.76
N LYS F 151 -5.09 11.30 2.86
CA LYS F 151 -3.84 10.64 3.21
C LYS F 151 -2.72 11.66 3.43
N PHE F 152 -1.84 11.33 4.36
CA PHE F 152 -0.66 12.14 4.64
C PHE F 152 0.59 11.29 4.54
N GLY F 153 1.64 11.85 3.96
CA GLY F 153 2.93 11.18 3.92
C GLY F 153 3.98 12.01 3.21
N SER F 154 5.18 11.45 3.11
CA SER F 154 6.28 12.08 2.41
C SER F 154 5.93 12.21 0.95
N TRP F 155 6.31 13.32 0.36
CA TRP F 155 6.12 13.53 -1.07
C TRP F 155 7.20 12.82 -1.88
N VAL F 156 8.44 12.85 -1.38
CA VAL F 156 9.60 12.34 -2.14
C VAL F 156 10.27 11.08 -1.59
N TYR F 157 10.01 10.69 -0.35
CA TYR F 157 10.63 9.47 0.21
C TYR F 157 9.70 8.25 0.16
N SER F 158 10.30 7.07 0.09
CA SER F 158 9.56 5.82 0.16
C SER F 158 9.71 5.20 1.55
N GLY F 159 9.05 4.06 1.75
CA GLY F 159 9.13 3.32 3.00
C GLY F 159 10.52 2.87 3.35
N PHE F 160 11.39 2.79 2.34
CA PHE F 160 12.79 2.45 2.57
C PHE F 160 13.58 3.55 3.30
N GLU F 161 13.16 4.80 3.14
CA GLU F 161 13.87 5.91 3.79
C GLU F 161 13.06 6.48 4.94
N ILE F 162 11.75 6.62 4.77
CA ILE F 162 10.90 7.10 5.84
C ILE F 162 9.77 6.14 6.08
N ASP F 163 9.60 5.77 7.35
CA ASP F 163 8.51 4.92 7.78
C ASP F 163 7.62 5.78 8.63
N LEU F 164 6.32 5.55 8.59
CA LEU F 164 5.40 6.33 9.40
C LEU F 164 4.79 5.47 10.47
N LYS F 165 4.30 6.12 11.49
CA LYS F 165 3.72 5.45 12.62
C LYS F 165 2.72 6.38 13.28
N THR F 166 1.74 5.79 13.93
CA THR F 166 0.83 6.52 14.80
C THR F 166 0.95 5.87 16.16
N ASP F 167 0.69 6.61 17.22
CA ASP F 167 0.68 6.02 18.57
C ASP F 167 -0.62 5.29 18.80
N THR F 168 -1.68 5.89 18.27
CA THR F 168 -3.01 5.39 18.40
C THR F 168 -3.66 5.58 17.05
N ASP F 169 -4.81 4.97 16.84
CA ASP F 169 -5.57 5.20 15.62
C ASP F 169 -6.73 6.14 15.89
N GLN F 170 -6.86 6.58 17.13
CA GLN F 170 -7.93 7.47 17.50
C GLN F 170 -7.42 8.91 17.47
N VAL F 171 -8.02 9.71 16.61
CA VAL F 171 -7.71 11.12 16.53
C VAL F 171 -8.17 11.81 17.80
N ASP F 172 -7.34 12.73 18.27
CA ASP F 172 -7.62 13.48 19.48
C ASP F 172 -8.72 14.48 19.19
N LEU F 173 -9.89 14.24 19.81
CA LEU F 173 -11.03 15.13 19.65
C LEU F 173 -11.25 15.97 20.91
N SER F 174 -10.25 16.03 21.78
CA SER F 174 -10.37 16.74 23.05
C SER F 174 -10.28 18.27 22.92
N SER F 175 -9.82 18.77 21.77
CA SER F 175 -9.84 20.22 21.50
C SER F 175 -10.83 20.60 20.41
N TYR F 176 -11.79 19.73 20.12
CA TYR F 176 -12.75 19.99 19.04
C TYR F 176 -13.76 21.07 19.45
N TYR F 177 -14.03 21.97 18.52
CA TYR F 177 -14.85 23.15 18.77
C TYR F 177 -16.30 22.79 19.06
N ALA F 178 -16.71 22.97 20.31
CA ALA F 178 -18.04 22.54 20.77
C ALA F 178 -19.19 23.22 20.03
N SER F 179 -18.98 24.45 19.55
CA SER F 179 -20.00 25.18 18.79
C SER F 179 -19.69 25.26 17.28
N SER F 180 -19.02 24.24 16.77
CA SER F 180 -18.79 24.10 15.33
C SER F 180 -20.08 23.79 14.59
N LYS F 181 -20.11 24.07 13.30
CA LYS F 181 -21.29 23.77 12.47
C LYS F 181 -21.46 22.28 12.24
N TYR F 182 -20.35 21.55 12.36
CA TYR F 182 -20.35 20.10 12.17
C TYR F 182 -19.94 19.40 13.45
N GLU F 183 -20.63 18.32 13.78
CA GLU F 183 -20.23 17.47 14.90
C GLU F 183 -19.54 16.21 14.37
N ILE F 184 -18.54 15.73 15.10
CA ILE F 184 -17.71 14.60 14.67
C ILE F 184 -18.30 13.30 15.19
N LEU F 185 -18.62 12.40 14.27
CA LEU F 185 -19.14 11.09 14.63
C LEU F 185 -17.99 10.12 14.89
N SER F 186 -16.95 10.18 14.07
CA SER F 186 -15.74 9.42 14.33
C SER F 186 -14.54 10.03 13.59
N ALA F 187 -13.36 9.86 14.15
CA ALA F 187 -12.13 10.39 13.59
C ALA F 187 -10.99 9.40 13.81
N THR F 188 -10.49 8.80 12.73
CA THR F 188 -9.40 7.84 12.83
C THR F 188 -8.17 8.25 12.02
N GLN F 189 -7.02 7.71 12.41
CA GLN F 189 -5.73 7.98 11.76
C GLN F 189 -4.94 6.66 11.62
N THR F 190 -4.86 6.15 10.40
CA THR F 190 -4.38 4.77 10.20
C THR F 190 -3.21 4.64 9.23
N ARG F 191 -2.09 4.15 9.76
CA ARG F 191 -0.93 3.76 8.95
C ARG F 191 -1.31 2.73 7.89
N GLN F 192 -0.86 2.96 6.66
CA GLN F 192 -1.15 2.09 5.53
C GLN F 192 0.10 1.92 4.70
N VAL F 193 0.26 0.74 4.10
CA VAL F 193 1.38 0.47 3.20
C VAL F 193 0.85 0.29 1.78
N GLN F 194 1.58 0.82 0.80
CA GLN F 194 1.14 0.78 -0.59
C GLN F 194 2.16 0.08 -1.49
N HIS F 195 1.68 -0.89 -2.25
CA HIS F 195 2.51 -1.66 -3.18
C HIS F 195 2.09 -1.35 -4.62
N TYR F 196 3.06 -0.90 -5.43
CA TYR F 196 2.82 -0.54 -6.83
C TYR F 196 3.62 -1.42 -7.78
N SER F 197 2.94 -1.94 -8.81
CA SER F 197 3.56 -2.80 -9.85
C SER F 197 4.94 -2.37 -10.33
N CYS F 198 5.11 -1.06 -10.48
CA CYS F 198 6.36 -0.47 -11.00
C CYS F 198 7.57 -0.61 -10.11
N CYS F 199 7.35 -0.77 -8.81
CA CYS F 199 8.33 -0.32 -7.84
C CYS F 199 8.49 -1.28 -6.64
N PRO F 200 9.73 -1.77 -6.41
CA PRO F 200 10.02 -2.67 -5.29
C PRO F 200 9.81 -2.06 -3.92
N GLU F 201 10.10 -0.76 -3.82
CA GLU F 201 9.96 -0.05 -2.56
C GLU F 201 8.49 0.09 -2.17
N PRO F 202 8.19 -0.06 -0.87
CA PRO F 202 6.86 0.23 -0.37
C PRO F 202 6.67 1.72 -0.18
N TYR F 203 5.44 2.12 0.13
CA TYR F 203 5.10 3.50 0.39
C TYR F 203 4.16 3.57 1.58
N ILE F 204 4.52 4.39 2.56
CA ILE F 204 3.73 4.49 3.78
C ILE F 204 2.98 5.80 3.78
N ASP F 205 1.72 5.74 4.19
CA ASP F 205 0.95 6.95 4.47
C ASP F 205 0.12 6.79 5.74
N VAL F 206 -0.40 7.88 6.27
CA VAL F 206 -1.38 7.83 7.34
C VAL F 206 -2.70 8.34 6.77
N ASN F 207 -3.76 7.58 6.97
CA ASN F 207 -5.08 7.87 6.37
C ASN F 207 -6.02 8.42 7.42
N LEU F 208 -6.31 9.71 7.29
CA LEU F 208 -7.21 10.41 8.19
C LEU F 208 -8.62 10.28 7.67
N VAL F 209 -9.48 9.60 8.42
CA VAL F 209 -10.88 9.42 8.02
C VAL F 209 -11.73 10.09 9.06
N VAL F 210 -12.60 11.01 8.63
CA VAL F 210 -13.50 11.72 9.54
C VAL F 210 -14.95 11.54 9.12
N LYS F 211 -15.80 11.24 10.10
CA LYS F 211 -17.24 11.12 9.88
C LYS F 211 -17.92 12.22 10.66
N PHE F 212 -18.83 12.91 10.00
CA PHE F 212 -19.42 14.12 10.56
C PHE F 212 -20.76 14.44 9.92
N ARG F 213 -21.47 15.38 10.53
CA ARG F 213 -22.77 15.82 10.03
C ARG F 213 -23.12 17.19 10.58
N GLU F 214 -24.05 17.86 9.92
CA GLU F 214 -24.53 19.15 10.42
C GLU F 214 -24.98 19.02 11.86
N ARG F 215 -24.57 19.97 12.67
CA ARG F 215 -24.92 19.98 14.09
CA ARG F 215 -24.91 20.00 14.09
C ARG F 215 -26.36 20.43 14.28
N ARG F 216 -27.03 19.83 15.26
CA ARG F 216 -28.46 20.12 15.52
C ARG F 216 -28.67 20.94 16.81
N ASP G 5 26.86 68.58 14.53
CA ASP G 5 27.95 68.17 15.45
C ASP G 5 27.35 67.31 16.56
N ASP G 6 26.49 67.91 17.38
CA ASP G 6 25.86 67.24 18.54
C ASP G 6 24.75 66.27 18.13
N LYS G 7 24.05 66.62 17.06
CA LYS G 7 23.06 65.72 16.47
C LYS G 7 23.76 64.53 15.83
N LEU G 8 24.83 64.83 15.10
CA LEU G 8 25.72 63.81 14.54
C LEU G 8 26.28 62.92 15.67
N HIS G 9 26.35 63.47 16.89
CA HIS G 9 26.68 62.68 18.09
C HIS G 9 25.56 61.74 18.51
N SER G 10 24.39 62.30 18.82
CA SER G 10 23.21 61.50 19.19
C SER G 10 23.03 60.38 18.18
N GLN G 11 22.97 60.74 16.90
CA GLN G 11 22.94 59.76 15.82
C GLN G 11 24.11 58.79 15.93
N ALA G 12 25.30 59.32 16.22
CA ALA G 12 26.51 58.49 16.38
C ALA G 12 26.40 57.58 17.61
N ASN G 13 25.95 58.14 18.73
CA ASN G 13 25.73 57.39 19.96
C ASN G 13 24.75 56.25 19.72
N LEU G 14 23.53 56.60 19.33
CA LEU G 14 22.47 55.63 19.09
C LEU G 14 22.92 54.52 18.12
N MET G 15 23.61 54.90 17.05
CA MET G 15 24.20 53.93 16.13
C MET G 15 25.14 52.97 16.88
N ARG G 16 25.88 53.52 17.85
CA ARG G 16 26.84 52.76 18.64
C ARG G 16 26.13 51.79 19.58
N LEU G 17 25.21 52.32 20.39
CA LEU G 17 24.34 51.52 21.27
C LEU G 17 23.85 50.24 20.60
N LYS G 18 23.17 50.42 19.47
CA LYS G 18 22.61 49.32 18.70
C LYS G 18 23.67 48.29 18.32
N SER G 19 24.80 48.79 17.83
CA SER G 19 25.89 47.93 17.40
C SER G 19 26.44 47.08 18.56
N ASP G 20 26.37 47.61 19.77
CA ASP G 20 26.88 46.89 20.95
C ASP G 20 25.92 45.79 21.42
N LEU G 21 24.62 46.11 21.46
CA LEU G 21 23.59 45.15 21.86
C LEU G 21 23.36 44.06 20.82
N PHE G 22 23.42 44.42 19.54
CA PHE G 22 23.04 43.51 18.47
C PHE G 22 24.22 42.78 17.83
N ASN G 23 25.11 43.55 17.19
CA ASN G 23 26.15 43.01 16.31
C ASN G 23 27.33 42.38 17.06
N ARG G 24 27.59 42.84 18.28
CA ARG G 24 28.72 42.36 19.08
C ARG G 24 28.32 41.20 20.00
N SER G 25 27.17 41.36 20.68
CA SER G 25 26.68 40.36 21.62
C SER G 25 25.87 39.31 20.89
N TYR G 28 20.71 36.08 22.32
CA TYR G 28 19.68 35.59 23.23
C TYR G 28 18.94 34.42 22.57
N PRO G 29 19.17 33.19 23.07
CA PRO G 29 18.53 32.05 22.44
C PRO G 29 17.08 31.83 22.86
N GLY G 30 16.49 32.81 23.55
CA GLY G 30 15.14 32.69 24.11
C GLY G 30 15.20 32.29 25.58
N PRO G 31 14.05 32.27 26.25
CA PRO G 31 14.02 31.83 27.64
C PRO G 31 14.30 30.34 27.79
N THR G 32 14.85 29.99 28.96
CA THR G 32 15.09 28.61 29.37
C THR G 32 14.43 28.42 30.72
N LYS G 33 14.49 27.21 31.28
CA LYS G 33 13.87 26.98 32.60
C LYS G 33 14.66 27.62 33.74
N ASP G 34 15.97 27.80 33.56
CA ASP G 34 16.80 28.53 34.51
C ASP G 34 16.79 30.05 34.26
N ASP G 35 16.24 30.46 33.12
CA ASP G 35 16.12 31.89 32.79
C ASP G 35 14.75 32.19 32.18
N PRO G 36 13.68 31.89 32.96
CA PRO G 36 12.32 32.08 32.45
C PRO G 36 12.02 33.55 32.23
N LEU G 37 10.96 33.80 31.46
CA LEU G 37 10.59 35.15 31.04
C LEU G 37 9.09 35.34 31.23
N THR G 38 8.71 36.55 31.64
CA THR G 38 7.31 36.86 31.85
C THR G 38 6.89 37.91 30.86
N VAL G 39 5.83 37.63 30.11
CA VAL G 39 5.32 38.56 29.13
C VAL G 39 3.99 39.08 29.64
N THR G 40 3.79 40.38 29.57
CA THR G 40 2.53 40.96 29.96
C THR G 40 1.73 41.24 28.71
N LEU G 41 0.55 40.63 28.61
CA LEU G 41 -0.33 40.82 27.46
C LEU G 41 -1.49 41.71 27.82
N GLY G 42 -1.93 42.49 26.85
CA GLY G 42 -3.12 43.33 26.99
C GLY G 42 -3.73 43.52 25.62
N PHE G 43 -5.04 43.69 25.57
CA PHE G 43 -5.75 43.81 24.30
C PHE G 43 -6.55 45.09 24.17
N THR G 44 -6.49 45.67 22.99
CA THR G 44 -7.31 46.80 22.64
C THR G 44 -8.12 46.41 21.41
N LEU G 45 -9.39 46.12 21.63
CA LEU G 45 -10.28 45.70 20.57
C LEU G 45 -10.79 46.93 19.82
N GLN G 46 -10.60 46.92 18.51
CA GLN G 46 -10.96 48.06 17.66
C GLN G 46 -12.26 47.81 16.92
N ASP G 47 -12.46 46.59 16.44
CA ASP G 47 -13.64 46.30 15.63
C ASP G 47 -13.91 44.80 15.53
N ILE G 48 -15.20 44.47 15.49
CA ILE G 48 -15.67 43.19 15.02
C ILE G 48 -16.18 43.52 13.64
N VAL G 49 -15.47 43.06 12.62
CA VAL G 49 -15.75 43.45 11.25
C VAL G 49 -16.83 42.55 10.64
N LYS G 50 -16.86 41.30 11.10
CA LYS G 50 -17.59 40.27 10.41
C LYS G 50 -17.82 39.05 11.30
N ALA G 51 -19.08 38.67 11.45
CA ALA G 51 -19.45 37.41 12.06
C ALA G 51 -20.10 36.62 10.96
N ASP G 52 -19.66 35.39 10.74
CA ASP G 52 -20.19 34.55 9.67
C ASP G 52 -20.85 33.32 10.26
N SER G 53 -22.18 33.31 10.22
CA SER G 53 -22.95 32.23 10.85
C SER G 53 -22.95 30.95 10.02
N SER G 54 -22.55 31.03 8.76
CA SER G 54 -22.51 29.85 7.89
C SER G 54 -21.27 28.98 8.13
N THR G 55 -20.19 29.59 8.61
CA THR G 55 -18.97 28.85 8.94
C THR G 55 -18.60 28.93 10.42
N ASN G 56 -19.24 29.83 11.16
CA ASN G 56 -18.92 30.12 12.55
C ASN G 56 -17.50 30.67 12.72
N GLU G 57 -17.19 31.70 11.92
CA GLU G 57 -15.94 32.42 12.04
C GLU G 57 -16.26 33.90 12.26
N VAL G 58 -15.62 34.52 13.24
CA VAL G 58 -15.71 35.97 13.45
C VAL G 58 -14.34 36.61 13.24
N ASP G 59 -14.33 37.82 12.69
CA ASP G 59 -13.09 38.54 12.38
C ASP G 59 -12.96 39.77 13.28
N LEU G 60 -11.87 39.82 14.07
CA LEU G 60 -11.58 40.98 14.91
C LEU G 60 -10.36 41.74 14.43
N VAL G 61 -10.44 43.06 14.49
CA VAL G 61 -9.28 43.92 14.40
C VAL G 61 -9.00 44.39 15.83
N TYR G 62 -7.73 44.39 16.22
CA TYR G 62 -7.33 44.75 17.58
C TYR G 62 -5.81 44.92 17.60
N TYR G 63 -5.30 45.47 18.70
CA TYR G 63 -3.86 45.37 18.93
C TYR G 63 -3.51 44.79 20.27
N GLU G 64 -2.27 44.30 20.33
CA GLU G 64 -1.81 43.44 21.36
C GLU G 64 -0.59 44.06 22.00
N GLN G 65 -0.74 44.63 23.19
CA GLN G 65 0.42 45.17 23.88
C GLN G 65 1.20 44.00 24.48
N GLN G 66 2.48 43.90 24.13
CA GLN G 66 3.36 42.87 24.65
C GLN G 66 4.51 43.55 25.36
N ARG G 67 4.84 43.06 26.54
CA ARG G 67 5.86 43.71 27.35
C ARG G 67 6.73 42.66 28.05
N TRP G 68 8.05 42.85 27.98
CA TRP G 68 8.99 41.94 28.64
C TRP G 68 10.32 42.64 28.88
N LYS G 69 11.18 41.99 29.66
CA LYS G 69 12.44 42.57 30.08
C LYS G 69 13.57 41.58 29.91
N LEU G 70 14.66 42.04 29.31
CA LEU G 70 15.84 41.20 29.07
C LEU G 70 17.07 41.89 29.61
N ASN G 71 17.77 41.25 30.52
CA ASN G 71 18.97 41.84 31.10
C ASN G 71 20.04 42.12 30.05
N SER G 72 20.04 41.33 28.98
CA SER G 72 21.01 41.51 27.90
C SER G 72 20.66 42.68 26.96
N LEU G 73 19.68 43.50 27.34
CA LEU G 73 19.36 44.73 26.59
C LEU G 73 19.53 45.94 27.49
N MET G 74 20.34 45.78 28.55
CA MET G 74 20.57 46.86 29.51
C MET G 74 21.82 47.62 29.10
N TRP G 75 21.74 48.94 29.20
CA TRP G 75 22.88 49.82 28.97
C TRP G 75 22.81 50.96 29.98
N ASP G 76 23.96 51.54 30.28
CA ASP G 76 24.02 52.76 31.09
C ASP G 76 23.91 53.93 30.13
N PRO G 77 22.87 54.77 30.29
CA PRO G 77 22.78 55.96 29.44
C PRO G 77 24.04 56.83 29.39
N ASN G 78 24.79 56.90 30.50
CA ASN G 78 26.04 57.68 30.57
C ASN G 78 27.12 57.21 29.60
N GLU G 79 27.13 55.93 29.28
CA GLU G 79 28.01 55.41 28.24
C GLU G 79 27.56 55.80 26.82
N TYR G 80 26.34 56.35 26.67
CA TYR G 80 25.73 56.59 25.35
C TYR G 80 24.98 57.91 25.18
N GLY G 81 25.60 59.02 25.57
CA GLY G 81 24.99 60.34 25.38
C GLY G 81 23.61 60.48 26.03
N ASN G 82 23.37 59.70 27.08
CA ASN G 82 22.12 59.76 27.84
C ASN G 82 20.85 59.40 27.06
N ILE G 83 20.95 58.39 26.21
CA ILE G 83 19.80 57.88 25.51
C ILE G 83 19.03 56.97 26.45
N THR G 84 17.72 57.17 26.54
CA THR G 84 16.87 56.41 27.46
C THR G 84 16.11 55.28 26.76
N ASP G 85 15.88 55.45 25.47
CA ASP G 85 15.18 54.44 24.70
C ASP G 85 15.37 54.64 23.20
N PHE G 86 15.13 53.60 22.43
CA PHE G 86 15.17 53.69 20.98
C PHE G 86 14.15 52.76 20.35
N ARG G 87 13.87 53.01 19.09
CA ARG G 87 13.02 52.13 18.29
C ARG G 87 13.89 51.22 17.47
N THR G 88 13.40 50.03 17.21
CA THR G 88 14.12 49.09 16.38
C THR G 88 13.17 48.09 15.74
N SER G 89 13.50 47.72 14.51
CA SER G 89 12.79 46.66 13.81
C SER G 89 12.67 45.46 14.74
N ALA G 90 11.46 44.91 14.85
CA ALA G 90 11.22 43.74 15.70
C ALA G 90 12.07 42.55 15.30
N ALA G 91 12.54 42.54 14.05
CA ALA G 91 13.46 41.52 13.55
C ALA G 91 14.89 41.62 14.12
N ASP G 92 15.23 42.76 14.71
CA ASP G 92 16.55 42.98 15.30
C ASP G 92 16.67 42.40 16.71
N ILE G 93 15.53 42.00 17.28
CA ILE G 93 15.50 41.43 18.62
C ILE G 93 14.68 40.13 18.62
N TRP G 94 14.72 39.43 19.75
CA TRP G 94 13.90 38.28 19.98
C TRP G 94 12.53 38.78 20.42
N THR G 95 11.48 38.13 19.94
CA THR G 95 10.09 38.46 20.27
C THR G 95 9.35 37.17 20.61
N PRO G 96 8.35 37.24 21.50
CA PRO G 96 7.59 36.05 21.88
C PRO G 96 6.65 35.57 20.78
N ASP G 97 6.42 34.26 20.76
CA ASP G 97 5.57 33.61 19.75
C ASP G 97 4.11 33.48 20.20
N ILE G 98 3.52 34.60 20.61
CA ILE G 98 2.14 34.60 21.12
C ILE G 98 1.14 34.29 20.01
N THR G 99 0.52 33.13 20.09
CA THR G 99 -0.33 32.64 19.02
C THR G 99 -1.76 32.51 19.52
N ALA G 100 -2.72 32.73 18.64
CA ALA G 100 -4.13 32.45 18.96
C ALA G 100 -4.34 30.95 18.76
N TYR G 101 -5.05 30.31 19.69
CA TYR G 101 -5.20 28.85 19.67
C TYR G 101 -6.33 28.33 18.78
N SER G 102 -7.23 29.22 18.35
CA SER G 102 -8.37 28.80 17.56
C SER G 102 -8.58 29.73 16.37
N SER G 103 -7.49 30.15 15.74
CA SER G 103 -7.59 30.89 14.51
C SER G 103 -8.00 29.91 13.44
N THR G 104 -8.68 30.41 12.42
CA THR G 104 -9.05 29.60 11.29
C THR G 104 -8.29 30.05 10.05
N ARG G 105 -7.53 31.12 10.19
CA ARG G 105 -6.76 31.67 9.07
C ARG G 105 -5.47 32.32 9.59
N PRO G 106 -4.47 32.46 8.72
CA PRO G 106 -3.27 33.16 9.16
C PRO G 106 -3.58 34.58 9.59
N VAL G 107 -3.01 35.01 10.70
CA VAL G 107 -3.19 36.37 11.18
C VAL G 107 -2.64 37.37 10.16
N GLN G 108 -3.28 38.53 10.07
CA GLN G 108 -2.88 39.57 9.14
C GLN G 108 -2.41 40.80 9.91
N VAL G 109 -1.23 41.30 9.54
CA VAL G 109 -0.55 42.37 10.28
C VAL G 109 -0.91 43.73 9.67
N LEU G 110 -1.38 44.64 10.51
CA LEU G 110 -1.85 45.94 10.04
C LEU G 110 -0.90 47.07 10.42
N SER G 111 0.13 46.78 11.19
CA SER G 111 1.03 47.80 11.69
C SER G 111 2.49 47.45 11.42
N PRO G 112 3.37 48.45 11.47
CA PRO G 112 4.80 48.24 11.41
C PRO G 112 5.31 47.32 12.53
N GLN G 113 6.32 46.53 12.21
CA GLN G 113 6.94 45.61 13.15
C GLN G 113 8.12 46.30 13.81
N ILE G 114 7.80 47.29 14.65
CA ILE G 114 8.82 48.07 15.33
C ILE G 114 8.54 48.04 16.82
N ALA G 115 9.58 47.85 17.62
CA ALA G 115 9.49 47.82 19.07
C ALA G 115 10.31 48.94 19.69
N VAL G 116 9.97 49.31 20.92
CA VAL G 116 10.71 50.31 21.69
C VAL G 116 11.50 49.62 22.78
N VAL G 117 12.81 49.82 22.78
CA VAL G 117 13.65 49.23 23.81
C VAL G 117 14.08 50.34 24.77
N THR G 118 13.94 50.08 26.08
CA THR G 118 14.29 51.05 27.11
C THR G 118 15.53 50.60 27.91
N HIS G 119 16.34 51.55 28.34
CA HIS G 119 17.67 51.28 28.93
C HIS G 119 17.73 50.22 30.03
N ASP G 120 16.60 49.94 30.69
CA ASP G 120 16.50 48.88 31.70
C ASP G 120 16.38 47.47 31.11
N GLY G 121 16.33 47.37 29.79
CA GLY G 121 16.17 46.09 29.11
C GLY G 121 14.73 45.72 28.81
N SER G 122 13.79 46.60 29.17
CA SER G 122 12.36 46.34 28.96
C SER G 122 11.94 46.71 27.54
N VAL G 123 11.04 45.91 26.99
CA VAL G 123 10.64 46.04 25.60
C VAL G 123 9.14 46.17 25.53
N MET G 124 8.65 46.93 24.56
CA MET G 124 7.22 47.04 24.32
C MET G 124 6.92 46.94 22.83
N PHE G 125 6.02 46.02 22.48
CA PHE G 125 5.71 45.72 21.08
C PHE G 125 4.19 45.65 20.96
N ILE G 126 3.61 46.42 20.04
CA ILE G 126 2.16 46.56 19.95
C ILE G 126 1.62 46.33 18.54
N PRO G 127 1.65 45.08 18.08
CA PRO G 127 1.17 44.79 16.74
C PRO G 127 -0.34 44.86 16.61
N ALA G 128 -0.81 45.56 15.59
CA ALA G 128 -2.21 45.54 15.19
C ALA G 128 -2.43 44.38 14.21
N GLN G 129 -3.58 43.71 14.32
CA GLN G 129 -3.85 42.52 13.49
C GLN G 129 -5.32 42.28 13.22
N ARG G 130 -5.63 41.66 12.09
CA ARG G 130 -6.95 41.08 11.87
C ARG G 130 -6.88 39.57 12.06
N LEU G 131 -7.84 39.04 12.81
CA LEU G 131 -7.87 37.61 13.19
C LEU G 131 -9.22 36.99 12.87
N SER G 132 -9.21 35.89 12.13
CA SER G 132 -10.40 35.06 11.98
C SER G 132 -10.33 33.93 12.97
N PHE G 133 -11.40 33.72 13.75
CA PHE G 133 -11.39 32.68 14.77
C PHE G 133 -12.75 32.06 15.03
N MET G 134 -12.75 30.97 15.79
CA MET G 134 -13.93 30.13 15.96
C MET G 134 -14.96 30.76 16.91
N CYS G 135 -16.06 31.19 16.31
CA CYS G 135 -17.10 31.90 17.02
C CYS G 135 -18.44 31.52 16.43
N ASP G 136 -19.33 31.04 17.28
CA ASP G 136 -20.72 30.86 16.92
C ASP G 136 -21.43 32.15 17.31
N PRO G 137 -21.90 32.93 16.33
CA PRO G 137 -22.52 34.20 16.63
C PRO G 137 -24.04 34.11 16.83
N THR G 138 -24.55 32.93 17.16
CA THR G 138 -25.98 32.77 17.42
C THR G 138 -26.39 33.61 18.61
N GLY G 139 -27.51 34.31 18.49
CA GLY G 139 -28.00 35.17 19.56
C GLY G 139 -27.37 36.54 19.53
N VAL G 140 -26.69 36.86 18.44
CA VAL G 140 -26.09 38.18 18.24
C VAL G 140 -27.18 39.18 17.86
N ASP G 141 -28.31 38.67 17.35
CA ASP G 141 -29.47 39.48 16.96
C ASP G 141 -30.53 39.49 18.06
N SER G 142 -30.10 39.30 19.30
CA SER G 142 -30.96 39.35 20.46
C SER G 142 -30.36 40.40 21.38
N GLU G 143 -30.98 40.65 22.52
CA GLU G 143 -30.43 41.63 23.44
C GLU G 143 -29.40 40.98 24.37
N GLU G 144 -29.53 39.66 24.56
CA GLU G 144 -28.56 38.91 25.35
C GLU G 144 -27.21 38.81 24.64
N GLY G 145 -27.24 38.79 23.31
CA GLY G 145 -26.02 38.83 22.52
C GLY G 145 -25.40 37.46 22.39
N ALA G 146 -24.26 37.40 21.71
CA ALA G 146 -23.51 36.15 21.54
C ALA G 146 -22.23 36.25 22.33
N THR G 147 -21.75 35.10 22.82
CA THR G 147 -20.50 35.06 23.55
C THR G 147 -19.51 34.19 22.78
N CYS G 148 -18.27 34.69 22.69
CA CYS G 148 -17.19 33.98 22.02
C CYS G 148 -15.89 34.18 22.76
N ALA G 149 -14.95 33.27 22.54
CA ALA G 149 -13.70 33.29 23.27
C ALA G 149 -12.55 32.78 22.43
N VAL G 150 -11.36 33.29 22.72
CA VAL G 150 -10.16 32.87 22.03
C VAL G 150 -8.96 33.08 22.95
N LYS G 151 -8.09 32.08 23.05
CA LYS G 151 -6.95 32.17 23.96
C LYS G 151 -5.62 32.31 23.24
N PHE G 152 -4.76 33.13 23.83
CA PHE G 152 -3.49 33.52 23.23
C PHE G 152 -2.40 33.10 24.17
N GLY G 153 -1.40 32.41 23.65
CA GLY G 153 -0.24 32.03 24.44
C GLY G 153 0.92 31.69 23.55
N SER G 154 2.07 31.44 24.16
CA SER G 154 3.21 30.92 23.43
C SER G 154 2.83 29.55 22.93
N TRP G 155 3.27 29.24 21.72
CA TRP G 155 2.94 27.97 21.09
C TRP G 155 3.96 26.88 21.45
N VAL G 156 5.21 27.27 21.65
CA VAL G 156 6.28 26.28 21.83
C VAL G 156 6.91 26.27 23.21
N TYR G 157 6.63 27.28 24.03
CA TYR G 157 7.23 27.39 25.36
C TYR G 157 6.22 27.12 26.46
N SER G 158 6.56 26.21 27.36
CA SER G 158 5.76 25.94 28.54
C SER G 158 5.88 27.07 29.56
N GLY G 159 5.06 26.99 30.60
CA GLY G 159 5.10 27.96 31.70
C GLY G 159 6.43 27.99 32.43
N PHE G 160 7.30 27.03 32.16
CA PHE G 160 8.66 27.02 32.70
C PHE G 160 9.62 27.91 31.92
N GLU G 161 9.25 28.27 30.70
CA GLU G 161 10.06 29.17 29.89
C GLU G 161 9.39 30.53 29.72
N ILE G 162 8.08 30.54 29.44
CA ILE G 162 7.34 31.79 29.25
C ILE G 162 6.07 31.81 30.08
N ASP G 163 6.02 32.72 31.07
CA ASP G 163 4.82 32.97 31.85
C ASP G 163 4.11 34.20 31.31
N LEU G 164 2.78 34.20 31.39
CA LEU G 164 1.99 35.32 30.90
C LEU G 164 1.33 36.03 32.06
N LYS G 165 1.13 37.34 31.93
CA LYS G 165 0.29 38.06 32.88
C LYS G 165 -0.38 39.29 32.28
N THR G 166 -1.43 39.74 32.95
CA THR G 166 -2.16 40.92 32.55
C THR G 166 -1.89 42.01 33.57
N ASP G 167 -2.20 43.25 33.22
CA ASP G 167 -2.16 44.37 34.16
C ASP G 167 -3.54 44.63 34.70
N THR G 168 -4.51 44.56 33.80
CA THR G 168 -5.92 44.62 34.14
C THR G 168 -6.61 43.39 33.54
N ASP G 169 -7.72 42.97 34.15
CA ASP G 169 -8.50 41.84 33.60
C ASP G 169 -9.55 42.35 32.60
N GLN G 170 -9.50 43.65 32.32
CA GLN G 170 -10.49 44.32 31.50
C GLN G 170 -9.83 44.70 30.17
N VAL G 171 -10.38 44.23 29.06
CA VAL G 171 -9.93 44.63 27.74
C VAL G 171 -10.21 46.11 27.52
N ASP G 172 -9.25 46.80 26.91
CA ASP G 172 -9.38 48.22 26.62
C ASP G 172 -10.35 48.44 25.46
N LEU G 173 -11.47 49.09 25.74
CA LEU G 173 -12.52 49.35 24.74
C LEU G 173 -12.64 50.83 24.41
N SER G 174 -11.60 51.60 24.73
CA SER G 174 -11.64 53.04 24.53
C SER G 174 -11.50 53.44 23.06
N SER G 175 -10.91 52.57 22.24
CA SER G 175 -10.75 52.86 20.81
C SER G 175 -11.73 52.08 19.93
N TYR G 176 -12.74 51.44 20.52
CA TYR G 176 -13.64 50.62 19.74
C TYR G 176 -14.43 51.46 18.75
N TYR G 177 -14.50 50.96 17.51
CA TYR G 177 -15.15 51.68 16.43
C TYR G 177 -16.62 51.93 16.76
N ALA G 178 -16.95 53.20 16.97
CA ALA G 178 -18.29 53.59 17.38
C ALA G 178 -19.37 53.25 16.35
N SER G 179 -18.99 53.11 15.08
CA SER G 179 -19.95 52.81 14.03
C SER G 179 -19.75 51.39 13.49
N SER G 180 -19.32 50.49 14.36
CA SER G 180 -19.25 49.07 14.02
C SER G 180 -20.65 48.48 13.92
N LYS G 181 -20.76 47.37 13.21
CA LYS G 181 -22.03 46.66 13.11
C LYS G 181 -22.34 46.01 14.45
N TYR G 182 -21.29 45.73 15.20
CA TYR G 182 -21.42 45.06 16.49
C TYR G 182 -20.94 45.97 17.61
N GLU G 183 -21.78 46.12 18.62
CA GLU G 183 -21.39 46.83 19.83
C GLU G 183 -20.93 45.79 20.85
N ILE G 184 -20.02 46.20 21.72
CA ILE G 184 -19.43 45.28 22.69
C ILE G 184 -20.16 45.39 24.03
N LEU G 185 -20.74 44.28 24.47
CA LEU G 185 -21.39 44.24 25.78
C LEU G 185 -20.38 44.08 26.90
N SER G 186 -19.39 43.20 26.71
CA SER G 186 -18.30 43.06 27.67
C SER G 186 -17.11 42.33 27.06
N ALA G 187 -15.94 42.52 27.67
CA ALA G 187 -14.70 41.98 27.13
C ALA G 187 -13.65 41.79 28.23
N THR G 188 -13.32 40.54 28.51
CA THR G 188 -12.34 40.24 29.54
C THR G 188 -11.12 39.54 28.97
N GLN G 189 -10.03 39.65 29.72
CA GLN G 189 -8.78 38.99 29.36
C GLN G 189 -8.26 38.33 30.64
N THR G 190 -8.23 36.99 30.62
CA THR G 190 -7.95 36.24 31.84
C THR G 190 -6.90 35.17 31.56
N ARG G 191 -5.89 35.13 32.44
CA ARG G 191 -4.79 34.18 32.36
C ARG G 191 -5.24 32.78 32.77
N GLN G 192 -4.66 31.77 32.13
CA GLN G 192 -4.99 30.37 32.42
C GLN G 192 -3.78 29.45 32.27
N VAL G 193 -3.81 28.37 33.04
CA VAL G 193 -2.77 27.35 33.02
C VAL G 193 -3.39 26.05 32.53
N GLN G 194 -2.82 25.46 31.50
CA GLN G 194 -3.42 24.30 30.88
C GLN G 194 -2.41 23.26 30.48
N HIS G 195 -2.85 22.01 30.54
CA HIS G 195 -2.03 20.87 30.18
C HIS G 195 -2.61 20.21 28.95
N TYR G 196 -1.76 19.94 27.96
CA TYR G 196 -2.16 19.27 26.76
C TYR G 196 -1.47 17.91 26.68
N SER G 197 -1.96 17.05 25.80
CA SER G 197 -1.60 15.62 25.83
C SER G 197 -0.25 15.31 25.16
N CYS G 198 0.35 16.30 24.52
CA CYS G 198 1.68 16.13 23.93
C CYS G 198 2.73 16.13 25.00
N CYS G 199 2.42 16.80 26.10
CA CYS G 199 3.45 17.34 26.96
C CYS G 199 3.04 17.26 28.44
N PRO G 200 4.02 17.02 29.32
CA PRO G 200 3.81 17.00 30.77
C PRO G 200 3.73 18.38 31.44
N GLU G 201 4.15 19.40 30.71
CA GLU G 201 4.41 20.72 31.28
C GLU G 201 3.20 21.63 31.09
N PRO G 202 2.98 22.58 32.01
CA PRO G 202 1.90 23.54 31.81
C PRO G 202 2.24 24.51 30.67
N TYR G 203 1.23 24.92 29.91
CA TYR G 203 1.37 26.04 28.98
C TYR G 203 0.44 27.15 29.47
N ILE G 204 0.87 28.41 29.32
CA ILE G 204 0.10 29.55 29.82
C ILE G 204 -0.55 30.31 28.68
N ASP G 205 -1.83 30.64 28.86
CA ASP G 205 -2.58 31.41 27.87
C ASP G 205 -3.33 32.54 28.57
N VAL G 206 -3.81 33.47 27.77
CA VAL G 206 -4.70 34.50 28.27
C VAL G 206 -5.95 34.39 27.41
N ASN G 207 -7.05 34.05 28.06
CA ASN G 207 -8.33 33.86 27.40
C ASN G 207 -9.04 35.19 27.25
N LEU G 208 -9.37 35.55 26.02
CA LEU G 208 -10.08 36.76 25.71
C LEU G 208 -11.54 36.39 25.43
N VAL G 209 -12.44 36.83 26.29
CA VAL G 209 -13.86 36.50 26.15
C VAL G 209 -14.62 37.75 25.75
N VAL G 210 -15.45 37.66 24.70
CA VAL G 210 -16.20 38.82 24.21
C VAL G 210 -17.69 38.51 24.18
N LYS G 211 -18.48 39.49 24.60
CA LYS G 211 -19.94 39.43 24.51
C LYS G 211 -20.37 40.58 23.63
N PHE G 212 -21.08 40.26 22.56
CA PHE G 212 -21.38 41.29 21.57
C PHE G 212 -22.70 41.01 20.87
N ARG G 213 -23.25 42.06 20.28
CA ARG G 213 -24.49 41.95 19.56
C ARG G 213 -24.57 43.03 18.49
N GLU G 214 -25.54 42.84 17.60
CA GLU G 214 -25.76 43.78 16.53
C GLU G 214 -26.07 45.16 17.12
N ARG G 215 -25.69 46.19 16.38
CA ARG G 215 -25.96 47.56 16.81
C ARG G 215 -27.39 47.94 16.41
N ARG G 216 -28.05 48.73 17.25
CA ARG G 216 -29.41 49.23 16.96
C ARG G 216 -29.66 50.57 17.66
N ASP H 5 30.76 58.47 -23.81
CA ASP H 5 32.07 58.72 -23.13
C ASP H 5 31.88 59.72 -21.97
N ASP H 6 31.42 60.93 -22.31
CA ASP H 6 30.99 61.91 -21.29
C ASP H 6 29.78 61.39 -20.52
N LYS H 7 28.98 60.53 -21.16
CA LYS H 7 27.87 59.85 -20.50
C LYS H 7 28.35 58.82 -19.49
N LEU H 8 29.37 58.05 -19.86
CA LEU H 8 29.98 57.08 -18.95
C LEU H 8 30.62 57.81 -17.75
N HIS H 9 31.08 59.04 -17.99
CA HIS H 9 31.59 59.95 -16.94
C HIS H 9 30.55 60.30 -15.87
N SER H 10 29.31 60.51 -16.28
CA SER H 10 28.25 60.96 -15.36
C SER H 10 27.66 59.81 -14.55
N GLN H 11 27.67 58.61 -15.15
CA GLN H 11 27.35 57.38 -14.42
C GLN H 11 28.34 57.16 -13.31
N ALA H 12 29.62 57.38 -13.64
CA ALA H 12 30.69 57.24 -12.67
C ALA H 12 30.40 58.12 -11.45
N ASN H 13 30.01 59.36 -11.71
CA ASN H 13 29.68 60.31 -10.64
C ASN H 13 28.53 59.83 -9.78
N LEU H 14 27.46 59.39 -10.44
CA LEU H 14 26.27 58.90 -9.75
C LEU H 14 26.58 57.64 -8.93
N MET H 15 27.26 56.68 -9.56
CA MET H 15 27.72 55.48 -8.86
C MET H 15 28.52 55.88 -7.62
N ARG H 16 29.44 56.81 -7.82
CA ARG H 16 30.34 57.24 -6.75
C ARG H 16 29.55 57.87 -5.61
N LEU H 17 28.51 58.63 -5.96
CA LEU H 17 27.68 59.32 -4.97
C LEU H 17 26.83 58.34 -4.18
N LYS H 18 26.21 57.39 -4.89
CA LYS H 18 25.35 56.40 -4.23
C LYS H 18 26.15 55.49 -3.31
N SER H 19 27.36 55.13 -3.72
CA SER H 19 28.23 54.29 -2.88
C SER H 19 28.78 55.10 -1.68
N ASP H 20 29.00 56.40 -1.88
CA ASP H 20 29.42 57.29 -0.79
C ASP H 20 28.32 57.48 0.26
N LEU H 21 27.08 57.66 -0.18
CA LEU H 21 25.98 57.88 0.76
C LEU H 21 25.54 56.63 1.50
N PHE H 22 25.62 55.48 0.85
CA PHE H 22 25.03 54.24 1.39
C PHE H 22 26.02 53.28 2.05
N ASN H 23 27.25 53.24 1.54
CA ASN H 23 28.25 52.28 2.03
C ASN H 23 29.26 52.90 2.98
N ARG H 24 29.13 54.20 3.24
CA ARG H 24 30.15 54.95 3.98
C ARG H 24 29.90 55.02 5.48
N SER H 25 28.65 55.29 5.86
CA SER H 25 28.30 55.47 7.28
C SER H 25 27.26 54.45 7.72
N PRO H 26 27.27 54.08 9.02
CA PRO H 26 26.23 53.16 9.47
C PRO H 26 24.92 53.90 9.27
N MET H 27 23.97 53.27 8.59
CA MET H 27 22.78 53.99 8.11
C MET H 27 22.00 54.67 9.25
N TYR H 28 21.27 55.71 8.87
CA TYR H 28 20.46 56.53 9.78
C TYR H 28 19.59 55.69 10.73
N PRO H 29 19.77 55.86 12.05
CA PRO H 29 19.02 55.09 13.04
C PRO H 29 17.56 55.49 13.24
N GLY H 30 17.11 56.56 12.57
CA GLY H 30 15.78 57.09 12.81
C GLY H 30 15.87 58.26 13.77
N PRO H 31 14.78 59.04 13.89
CA PRO H 31 14.79 60.23 14.70
C PRO H 31 14.77 59.94 16.19
N THR H 32 15.21 60.92 16.95
CA THR H 32 15.23 60.87 18.40
C THR H 32 14.72 62.21 18.92
N LYS H 33 14.55 62.30 20.22
CA LYS H 33 14.07 63.52 20.84
C LYS H 33 15.12 64.62 20.73
N ASP H 34 16.38 64.22 20.74
CA ASP H 34 17.50 65.14 20.51
C ASP H 34 17.60 65.58 19.04
N ASP H 35 17.13 64.73 18.14
CA ASP H 35 17.20 65.00 16.69
C ASP H 35 15.87 64.69 15.99
N PRO H 36 14.83 65.51 16.24
CA PRO H 36 13.49 65.27 15.68
C PRO H 36 13.41 65.49 14.17
N LEU H 37 12.32 65.02 13.59
CA LEU H 37 12.14 64.97 12.15
C LEU H 37 10.70 65.35 11.80
N THR H 38 10.56 66.22 10.80
CA THR H 38 9.25 66.64 10.35
C THR H 38 8.95 65.91 9.05
N VAL H 39 7.79 65.28 8.97
CA VAL H 39 7.37 64.57 7.79
C VAL H 39 6.11 65.23 7.27
N THR H 40 6.12 65.65 6.01
CA THR H 40 4.94 66.23 5.38
C THR H 40 4.20 65.12 4.65
N LEU H 41 2.87 65.11 4.80
CA LEU H 41 1.99 64.14 4.16
C LEU H 41 1.01 64.87 3.24
N GLY H 42 0.64 64.22 2.15
CA GLY H 42 -0.37 64.73 1.22
C GLY H 42 -1.06 63.57 0.57
N PHE H 43 -2.37 63.67 0.40
CA PHE H 43 -3.14 62.59 -0.21
C PHE H 43 -3.77 63.01 -1.51
N THR H 44 -3.57 62.16 -2.52
CA THR H 44 -4.22 62.31 -3.81
C THR H 44 -5.12 61.11 -3.94
N LEU H 45 -6.41 61.36 -4.04
CA LEU H 45 -7.40 60.30 -4.06
C LEU H 45 -7.78 59.95 -5.50
N GLN H 46 -7.56 58.70 -5.87
CA GLN H 46 -7.86 58.20 -7.22
C GLN H 46 -9.26 57.60 -7.32
N ASP H 47 -9.64 56.80 -6.32
CA ASP H 47 -10.89 56.05 -6.40
C ASP H 47 -11.37 55.52 -5.05
N ILE H 48 -12.69 55.60 -4.84
CA ILE H 48 -13.37 54.81 -3.83
C ILE H 48 -13.97 53.65 -4.61
N VAL H 49 -13.44 52.46 -4.38
CA VAL H 49 -13.76 51.30 -5.22
C VAL H 49 -14.95 50.53 -4.69
N LYS H 50 -15.06 50.47 -3.37
CA LYS H 50 -16.03 49.63 -2.71
C LYS H 50 -16.48 50.24 -1.38
N ALA H 51 -17.77 50.10 -1.10
CA ALA H 51 -18.35 50.53 0.17
C ALA H 51 -19.26 49.42 0.66
N ASP H 52 -18.78 48.66 1.64
CA ASP H 52 -19.51 47.49 2.11
C ASP H 52 -20.26 47.82 3.39
N SER H 53 -21.60 47.80 3.30
CA SER H 53 -22.46 48.14 4.42
C SER H 53 -22.89 46.94 5.25
N SER H 54 -22.31 45.77 4.98
CA SER H 54 -22.56 44.56 5.76
C SER H 54 -21.45 44.35 6.79
N THR H 55 -20.28 44.92 6.49
CA THR H 55 -19.10 44.88 7.37
C THR H 55 -18.62 46.28 7.75
N ASN H 56 -19.21 47.31 7.15
CA ASN H 56 -18.79 48.70 7.40
C ASN H 56 -17.30 48.95 7.09
N GLU H 57 -16.89 48.50 5.91
CA GLU H 57 -15.56 48.69 5.38
C GLU H 57 -15.66 49.43 4.07
N VAL H 58 -14.71 50.33 3.81
CA VAL H 58 -14.62 51.02 2.53
C VAL H 58 -13.19 50.89 2.01
N ASP H 59 -13.05 50.79 0.68
CA ASP H 59 -11.75 50.60 0.04
C ASP H 59 -11.34 51.81 -0.81
N LEU H 60 -10.19 52.42 -0.49
CA LEU H 60 -9.64 53.56 -1.25
C LEU H 60 -8.37 53.20 -2.00
N VAL H 61 -8.26 53.71 -3.22
CA VAL H 61 -6.98 53.77 -3.93
C VAL H 61 -6.54 55.24 -3.89
N TYR H 62 -5.26 55.47 -3.58
CA TYR H 62 -4.76 56.84 -3.45
C TYR H 62 -3.24 56.91 -3.46
N TYR H 63 -2.69 58.08 -3.76
CA TYR H 63 -1.25 58.31 -3.58
C TYR H 63 -0.98 59.04 -2.30
N GLU H 64 0.07 58.61 -1.62
CA GLU H 64 0.45 59.19 -0.35
C GLU H 64 1.83 59.82 -0.47
N GLN H 65 1.84 61.11 -0.75
CA GLN H 65 3.09 61.84 -0.88
C GLN H 65 3.70 62.06 0.52
N GLN H 66 4.91 61.52 0.71
CA GLN H 66 5.67 61.70 1.94
C GLN H 66 6.97 62.40 1.57
N ARG H 67 7.27 63.52 2.20
CA ARG H 67 8.60 64.10 2.10
C ARG H 67 9.18 64.46 3.47
N TRP H 68 10.50 64.34 3.58
CA TRP H 68 11.23 64.61 4.81
C TRP H 68 12.68 64.93 4.45
N LYS H 69 13.50 65.23 5.45
CA LYS H 69 14.88 65.66 5.18
C LYS H 69 15.91 65.20 6.21
N LEU H 70 17.04 64.68 5.69
CA LEU H 70 18.15 64.19 6.51
C LEU H 70 19.48 64.87 6.18
N ASN H 71 20.22 65.24 7.22
CA ASN H 71 21.53 65.85 7.05
C ASN H 71 22.60 64.87 6.60
N SER H 72 22.32 63.57 6.74
CA SER H 72 23.23 62.50 6.29
C SER H 72 23.03 62.18 4.81
N LEU H 73 21.96 62.72 4.21
CA LEU H 73 21.74 62.59 2.76
C LEU H 73 22.17 63.83 1.95
N MET H 74 22.82 64.79 2.60
CA MET H 74 23.29 66.00 1.92
C MET H 74 24.57 65.73 1.12
N TRP H 75 24.72 66.46 0.01
CA TRP H 75 25.98 66.47 -0.69
C TRP H 75 26.09 67.75 -1.49
N ASP H 76 27.33 68.11 -1.83
CA ASP H 76 27.60 69.27 -2.69
C ASP H 76 27.70 68.80 -4.14
N PRO H 77 26.75 69.21 -5.00
CA PRO H 77 26.82 68.80 -6.41
C PRO H 77 28.12 69.19 -7.11
N ASN H 78 28.88 70.14 -6.58
CA ASN H 78 30.17 70.51 -7.15
C ASN H 78 31.19 69.40 -7.10
N GLU H 79 31.01 68.46 -6.18
CA GLU H 79 31.93 67.33 -6.04
C GLU H 79 31.44 66.08 -6.76
N TYR H 80 30.27 66.15 -7.40
CA TYR H 80 29.69 64.99 -8.07
C TYR H 80 29.07 65.34 -9.44
N GLY H 81 29.77 66.14 -10.23
CA GLY H 81 29.37 66.40 -11.62
C GLY H 81 28.02 67.08 -11.81
N ASN H 82 27.70 68.03 -10.92
CA ASN H 82 26.45 68.79 -10.96
C ASN H 82 25.18 67.94 -10.75
N ILE H 83 25.32 66.80 -10.09
CA ILE H 83 24.17 65.96 -9.78
C ILE H 83 23.42 66.58 -8.62
N THR H 84 22.14 66.83 -8.84
CA THR H 84 21.28 67.49 -7.85
C THR H 84 20.28 66.54 -7.20
N ASP H 85 20.12 65.35 -7.77
CA ASP H 85 19.24 64.35 -7.19
C ASP H 85 19.41 62.98 -7.85
N PHE H 86 18.79 61.97 -7.26
CA PHE H 86 18.73 60.66 -7.91
C PHE H 86 17.53 59.87 -7.46
N ARG H 87 17.18 58.87 -8.26
CA ARG H 87 16.16 57.90 -7.92
C ARG H 87 16.84 56.75 -7.24
N THR H 88 16.20 56.21 -6.20
CA THR H 88 16.72 55.01 -5.58
C THR H 88 15.59 54.18 -4.99
N SER H 89 15.87 52.90 -4.80
CA SER H 89 14.91 51.99 -4.19
C SER H 89 14.62 52.43 -2.76
N ALA H 90 13.35 52.43 -2.37
CA ALA H 90 12.98 52.87 -1.02
C ALA H 90 13.58 52.00 0.09
N ALA H 91 13.96 50.76 -0.23
CA ALA H 91 14.62 49.88 0.72
C ALA H 91 16.08 50.29 1.04
N ASP H 92 16.65 51.18 0.22
CA ASP H 92 18.03 51.65 0.42
C ASP H 92 18.12 52.68 1.53
N ILE H 93 16.98 53.24 1.91
CA ILE H 93 16.96 54.36 2.84
C ILE H 93 15.95 54.17 3.94
N TRP H 94 16.13 54.92 5.01
CA TRP H 94 15.15 54.94 6.08
C TRP H 94 13.88 55.59 5.56
N THR H 95 12.73 55.04 5.92
CA THR H 95 11.45 55.65 5.60
C THR H 95 10.59 55.73 6.85
N PRO H 96 9.69 56.71 6.92
CA PRO H 96 8.79 56.82 8.07
C PRO H 96 7.76 55.70 8.13
N ASP H 97 7.29 55.41 9.34
CA ASP H 97 6.31 54.34 9.57
C ASP H 97 4.91 54.91 9.68
N ILE H 98 4.50 55.65 8.66
CA ILE H 98 3.18 56.27 8.64
C ILE H 98 2.18 55.16 8.38
N THR H 99 1.24 55.02 9.30
CA THR H 99 0.28 53.93 9.25
C THR H 99 -1.13 54.49 9.37
N ALA H 100 -2.06 53.83 8.71
CA ALA H 100 -3.48 54.09 8.93
C ALA H 100 -3.87 53.50 10.29
N TYR H 101 -4.64 54.25 11.08
CA TYR H 101 -5.01 53.82 12.44
C TYR H 101 -6.29 53.00 12.54
N SER H 102 -7.09 52.95 11.49
CA SER H 102 -8.31 52.17 11.52
C SER H 102 -8.48 51.36 10.25
N SER H 103 -7.39 50.75 9.79
CA SER H 103 -7.46 49.86 8.66
C SER H 103 -8.05 48.53 9.12
N THR H 104 -8.53 47.75 8.16
CA THR H 104 -9.07 46.42 8.44
C THR H 104 -8.38 45.31 7.65
N ARG H 105 -7.62 45.68 6.61
CA ARG H 105 -6.86 44.73 5.82
C ARG H 105 -5.45 45.26 5.66
N PRO H 106 -4.49 44.38 5.34
CA PRO H 106 -3.17 44.90 5.04
C PRO H 106 -3.19 45.79 3.82
N VAL H 107 -2.41 46.86 3.86
CA VAL H 107 -2.35 47.85 2.80
C VAL H 107 -1.60 47.28 1.61
N GLN H 108 -2.18 47.43 0.42
CA GLN H 108 -1.63 46.86 -0.80
C GLN H 108 -0.95 47.95 -1.63
N VAL H 109 0.32 47.72 -1.97
CA VAL H 109 1.12 48.67 -2.73
C VAL H 109 0.92 48.44 -4.22
N LEU H 110 0.37 49.46 -4.89
CA LEU H 110 0.03 49.36 -6.31
C LEU H 110 1.15 49.86 -7.21
N SER H 111 2.16 50.48 -6.61
CA SER H 111 3.21 51.16 -7.37
C SER H 111 4.60 50.70 -6.96
N PRO H 112 5.62 50.99 -7.80
CA PRO H 112 7.01 50.78 -7.42
C PRO H 112 7.35 51.62 -6.20
N GLN H 113 8.38 51.22 -5.47
CA GLN H 113 8.77 51.92 -4.26
C GLN H 113 10.15 52.52 -4.40
N ILE H 114 10.13 53.71 -4.98
CA ILE H 114 11.32 54.42 -5.40
C ILE H 114 11.22 55.84 -4.89
N ALA H 115 12.23 56.28 -4.14
CA ALA H 115 12.30 57.64 -3.63
C ALA H 115 13.15 58.53 -4.53
N VAL H 116 12.98 59.83 -4.39
CA VAL H 116 13.87 60.82 -5.01
C VAL H 116 14.56 61.57 -3.90
N VAL H 117 15.89 61.52 -3.90
CA VAL H 117 16.72 62.21 -2.92
C VAL H 117 17.39 63.42 -3.57
N THR H 118 17.21 64.58 -2.95
CA THR H 118 17.80 65.81 -3.46
C THR H 118 19.00 66.18 -2.59
N HIS H 119 19.94 66.90 -3.21
CA HIS H 119 21.23 67.22 -2.60
C HIS H 119 21.15 67.96 -1.26
N ASP H 120 20.04 68.61 -0.98
CA ASP H 120 19.82 69.22 0.35
C ASP H 120 19.48 68.16 1.41
N GLY H 121 19.27 66.91 0.99
CA GLY H 121 18.98 65.82 1.90
C GLY H 121 17.51 65.47 1.99
N SER H 122 16.68 66.20 1.22
CA SER H 122 15.24 65.96 1.23
C SER H 122 14.94 64.73 0.42
N VAL H 123 13.95 63.99 0.88
CA VAL H 123 13.52 62.77 0.23
C VAL H 123 12.05 62.95 -0.06
N MET H 124 11.63 62.55 -1.25
CA MET H 124 10.21 62.50 -1.57
C MET H 124 9.83 61.13 -2.07
N PHE H 125 8.76 60.61 -1.51
CA PHE H 125 8.36 59.23 -1.72
C PHE H 125 6.84 59.21 -1.88
N ILE H 126 6.36 58.67 -2.99
CA ILE H 126 4.93 58.71 -3.34
C ILE H 126 4.36 57.35 -3.77
N PRO H 127 4.13 56.44 -2.81
CA PRO H 127 3.50 55.16 -3.11
C PRO H 127 2.01 55.25 -3.37
N ALA H 128 1.54 54.46 -4.33
CA ALA H 128 0.12 54.33 -4.60
C ALA H 128 -0.36 53.10 -3.84
N GLN H 129 -1.53 53.19 -3.21
CA GLN H 129 -1.98 52.16 -2.27
C GLN H 129 -3.46 51.89 -2.34
N ARG H 130 -3.86 50.66 -2.03
CA ARG H 130 -5.24 50.33 -1.72
C ARG H 130 -5.38 50.09 -0.23
N LEU H 131 -6.37 50.73 0.38
CA LEU H 131 -6.60 50.65 1.81
C LEU H 131 -8.03 50.24 2.07
N SER H 132 -8.22 49.33 3.01
CA SER H 132 -9.54 49.07 3.57
C SER H 132 -9.56 49.62 4.99
N PHE H 133 -10.61 50.37 5.33
CA PHE H 133 -10.72 50.91 6.68
C PHE H 133 -12.17 51.00 7.12
N MET H 134 -12.35 51.41 8.36
CA MET H 134 -13.65 51.40 9.01
C MET H 134 -14.48 52.62 8.59
N CYS H 135 -15.58 52.34 7.90
CA CYS H 135 -16.43 53.36 7.31
C CYS H 135 -17.86 52.84 7.29
N ASP H 136 -18.75 53.46 8.07
CA ASP H 136 -20.19 53.19 7.98
C ASP H 136 -20.73 54.02 6.85
N PRO H 137 -21.01 53.41 5.69
CA PRO H 137 -21.39 54.19 4.52
C PRO H 137 -22.88 54.57 4.54
N THR H 138 -23.54 54.50 5.69
CA THR H 138 -24.92 54.95 5.80
C THR H 138 -25.02 56.39 5.33
N GLY H 139 -25.93 56.61 4.37
CA GLY H 139 -26.13 57.92 3.77
C GLY H 139 -25.54 58.09 2.38
N VAL H 140 -24.90 57.03 1.86
CA VAL H 140 -24.20 57.08 0.56
C VAL H 140 -25.18 57.22 -0.61
N ASP H 141 -26.33 56.58 -0.50
CA ASP H 141 -27.37 56.62 -1.52
C ASP H 141 -28.29 57.84 -1.36
N SER H 142 -28.05 58.64 -0.32
CA SER H 142 -28.76 59.89 -0.13
C SER H 142 -28.00 60.96 -0.88
N GLU H 143 -28.58 62.14 -0.95
CA GLU H 143 -27.97 63.27 -1.65
C GLU H 143 -26.97 63.98 -0.73
N GLU H 144 -27.18 63.87 0.58
CA GLU H 144 -26.29 64.49 1.57
C GLU H 144 -25.00 63.65 1.69
N GLY H 145 -25.05 62.39 1.26
CA GLY H 145 -23.87 61.54 1.19
C GLY H 145 -23.43 60.93 2.51
N ALA H 146 -22.39 60.10 2.44
CA ALA H 146 -21.81 59.45 3.62
C ALA H 146 -20.55 60.18 4.03
N THR H 147 -20.17 60.04 5.30
CA THR H 147 -18.95 60.66 5.82
C THR H 147 -18.13 59.68 6.65
N CYS H 148 -16.96 59.32 6.15
CA CYS H 148 -16.02 58.52 6.91
C CYS H 148 -14.69 59.20 7.04
N ALA H 149 -13.85 58.69 7.93
CA ALA H 149 -12.59 59.33 8.24
C ALA H 149 -11.59 58.32 8.76
N VAL H 150 -10.32 58.58 8.48
CA VAL H 150 -9.22 57.71 8.87
C VAL H 150 -8.01 58.58 9.18
N LYS H 151 -7.34 58.26 10.29
CA LYS H 151 -6.15 58.96 10.72
C LYS H 151 -4.88 58.28 10.24
N PHE H 152 -3.86 59.07 9.96
CA PHE H 152 -2.55 58.57 9.56
C PHE H 152 -1.50 59.15 10.47
N GLY H 153 -0.55 58.33 10.90
CA GLY H 153 0.54 58.81 11.74
C GLY H 153 1.60 57.77 11.95
N SER H 154 2.67 58.14 12.63
CA SER H 154 3.69 57.17 13.01
C SER H 154 3.04 56.18 13.95
N TRP H 155 3.43 54.92 13.81
CA TRP H 155 2.92 53.89 14.70
C TRP H 155 3.71 53.86 16.00
N VAL H 156 5.02 54.13 15.93
CA VAL H 156 5.87 54.03 17.12
C VAL H 156 6.54 55.33 17.61
N TYR H 157 6.43 56.43 16.87
CA TYR H 157 7.06 57.69 17.30
C TYR H 157 6.04 58.72 17.77
N SER H 158 6.35 59.37 18.89
CA SER H 158 5.53 60.48 19.40
C SER H 158 5.85 61.77 18.67
N GLY H 159 5.16 62.84 19.07
CA GLY H 159 5.38 64.17 18.51
C GLY H 159 6.74 64.77 18.82
N PHE H 160 7.41 64.25 19.84
CA PHE H 160 8.79 64.66 20.13
C PHE H 160 9.83 64.06 19.17
N GLU H 161 9.46 63.02 18.44
CA GLU H 161 10.38 62.40 17.49
C GLU H 161 10.00 62.69 16.05
N ILE H 162 8.75 62.43 15.69
CA ILE H 162 8.25 62.75 14.36
C ILE H 162 7.11 63.73 14.46
N ASP H 163 7.27 64.88 13.82
CA ASP H 163 6.20 65.87 13.68
C ASP H 163 5.61 65.72 12.28
N LEU H 164 4.29 65.64 12.21
CA LEU H 164 3.62 65.63 10.93
C LEU H 164 3.31 67.04 10.50
N LYS H 165 3.09 67.18 9.21
CA LYS H 165 2.85 68.46 8.59
C LYS H 165 2.06 68.23 7.32
N THR H 166 1.25 69.20 6.96
CA THR H 166 0.63 69.25 5.65
C THR H 166 1.08 70.54 4.98
N ASP H 167 0.96 70.58 3.66
CA ASP H 167 1.24 71.80 2.90
C ASP H 167 -0.06 72.53 2.63
N THR H 168 -1.15 71.78 2.64
CA THR H 168 -2.48 72.27 2.38
C THR H 168 -3.35 71.36 3.23
N ASP H 169 -4.60 71.75 3.45
CA ASP H 169 -5.52 70.84 4.10
C ASP H 169 -6.55 70.32 3.10
N GLN H 170 -6.37 70.69 1.84
CA GLN H 170 -7.28 70.29 0.78
C GLN H 170 -6.66 69.06 0.09
N VAL H 171 -7.43 67.98 0.04
CA VAL H 171 -7.01 66.74 -0.61
C VAL H 171 -7.13 66.87 -2.12
N ASP H 172 -6.08 66.44 -2.83
CA ASP H 172 -6.04 66.54 -4.28
C ASP H 172 -7.01 65.57 -4.95
N LEU H 173 -8.05 66.12 -5.58
CA LEU H 173 -9.06 65.31 -6.26
C LEU H 173 -8.93 65.40 -7.79
N SER H 174 -7.84 65.99 -8.27
CA SER H 174 -7.67 66.24 -9.70
C SER H 174 -7.41 64.99 -10.53
N SER H 175 -7.14 63.86 -9.89
CA SER H 175 -6.97 62.59 -10.60
C SER H 175 -8.06 61.59 -10.28
N TYR H 176 -9.07 62.02 -9.52
CA TYR H 176 -10.16 61.15 -9.12
C TYR H 176 -10.88 60.52 -10.33
N TYR H 177 -10.95 59.20 -10.34
CA TYR H 177 -11.52 58.48 -11.46
C TYR H 177 -12.89 59.06 -11.78
N ALA H 178 -13.04 59.57 -12.99
CA ALA H 178 -14.28 60.27 -13.38
C ALA H 178 -15.49 59.36 -13.39
N SER H 179 -15.29 58.06 -13.58
CA SER H 179 -16.39 57.11 -13.67
C SER H 179 -16.40 56.16 -12.48
N SER H 180 -15.85 56.62 -11.36
CA SER H 180 -15.98 55.87 -10.12
C SER H 180 -17.45 55.63 -9.82
N LYS H 181 -17.71 54.59 -9.03
CA LYS H 181 -19.06 54.30 -8.57
C LYS H 181 -19.55 55.33 -7.55
N TYR H 182 -18.59 56.07 -6.99
CA TYR H 182 -18.86 57.08 -5.98
C TYR H 182 -18.25 58.41 -6.39
N GLU H 183 -19.03 59.48 -6.30
CA GLU H 183 -18.48 60.81 -6.47
C GLU H 183 -18.16 61.41 -5.10
N ILE H 184 -17.09 62.21 -5.06
CA ILE H 184 -16.58 62.82 -3.83
C ILE H 184 -17.19 64.22 -3.63
N LEU H 185 -17.88 64.42 -2.52
CA LEU H 185 -18.41 65.75 -2.19
C LEU H 185 -17.32 66.63 -1.58
N SER H 186 -16.48 66.05 -0.73
CA SER H 186 -15.35 66.79 -0.13
C SER H 186 -14.33 65.84 0.49
N ALA H 187 -13.07 66.24 0.48
CA ALA H 187 -11.99 65.44 1.07
C ALA H 187 -10.96 66.38 1.70
N THR H 188 -10.66 66.19 2.99
CA THR H 188 -9.73 67.06 3.70
C THR H 188 -8.67 66.26 4.42
N GLN H 189 -7.56 66.93 4.72
CA GLN H 189 -6.44 66.30 5.45
C GLN H 189 -5.97 67.32 6.47
N THR H 190 -6.01 66.96 7.75
CA THR H 190 -5.89 67.97 8.79
C THR H 190 -5.06 67.47 9.98
N ARG H 191 -4.01 68.21 10.28
CA ARG H 191 -3.08 67.87 11.35
C ARG H 191 -3.75 68.04 12.72
N GLN H 192 -3.46 67.10 13.64
CA GLN H 192 -4.10 67.04 14.96
C GLN H 192 -3.10 66.64 16.05
N VAL H 193 -3.21 67.29 17.20
CA VAL H 193 -2.41 66.92 18.37
C VAL H 193 -3.32 66.45 19.49
N GLN H 194 -2.95 65.31 20.09
CA GLN H 194 -3.74 64.71 21.16
C GLN H 194 -2.77 64.12 22.16
N HIS H 195 -3.05 64.32 23.45
CA HIS H 195 -2.32 63.62 24.50
C HIS H 195 -3.11 62.36 24.87
N TYR H 196 -2.40 61.35 25.38
CA TYR H 196 -3.01 60.07 25.78
C TYR H 196 -2.75 59.74 27.26
N SER H 197 -3.73 59.10 27.89
CA SER H 197 -3.67 58.79 29.33
C SER H 197 -2.42 58.04 29.79
N CYS H 198 -1.88 57.16 28.93
CA CYS H 198 -0.71 56.34 29.30
C CYS H 198 0.57 57.14 29.46
N CYS H 199 0.64 58.26 28.75
CA CYS H 199 1.90 58.85 28.36
C CYS H 199 1.81 60.38 28.26
N PRO H 200 2.76 61.11 28.87
CA PRO H 200 2.75 62.58 28.82
C PRO H 200 3.24 63.22 27.50
N GLU H 201 3.86 62.43 26.65
CA GLU H 201 4.28 62.91 25.32
C GLU H 201 3.03 63.21 24.48
N PRO H 202 3.10 64.23 23.60
CA PRO H 202 2.00 64.46 22.67
C PRO H 202 2.11 63.55 21.46
N TYR H 203 0.99 63.38 20.75
CA TYR H 203 0.92 62.47 19.62
C TYR H 203 0.26 63.18 18.43
N ILE H 204 0.69 62.82 17.21
CA ILE H 204 0.34 63.59 16.01
C ILE H 204 -0.16 62.74 14.86
N ASP H 205 -1.29 63.13 14.29
CA ASP H 205 -1.85 62.46 13.14
C ASP H 205 -2.36 63.45 12.11
N VAL H 206 -2.62 62.96 10.90
CA VAL H 206 -3.33 63.69 9.88
C VAL H 206 -4.63 62.94 9.64
N ASN H 207 -5.74 63.52 10.10
CA ASN H 207 -7.06 62.92 9.92
C ASN H 207 -7.54 63.25 8.51
N LEU H 208 -7.96 62.22 7.77
CA LEU H 208 -8.41 62.34 6.38
C LEU H 208 -9.90 62.08 6.33
N VAL H 209 -10.70 63.14 6.15
CA VAL H 209 -12.16 63.03 6.14
C VAL H 209 -12.66 63.09 4.71
N VAL H 210 -13.59 62.20 4.37
CA VAL H 210 -14.10 62.10 3.01
C VAL H 210 -15.61 62.02 3.03
N LYS H 211 -16.26 62.87 2.24
CA LYS H 211 -17.71 62.76 2.04
C LYS H 211 -17.96 62.36 0.61
N PHE H 212 -18.84 61.39 0.41
CA PHE H 212 -19.08 60.83 -0.91
C PHE H 212 -20.49 60.27 -1.00
N ARG H 213 -20.92 59.99 -2.22
CA ARG H 213 -22.20 59.37 -2.49
C ARG H 213 -22.18 58.61 -3.80
N GLU H 214 -23.21 57.78 -4.00
CA GLU H 214 -23.38 57.03 -5.24
C GLU H 214 -23.60 58.02 -6.38
N ARG H 215 -22.79 57.90 -7.43
CA ARG H 215 -22.63 58.97 -8.43
C ARG H 215 -23.89 59.27 -9.27
N ARG H 216 -24.67 58.23 -9.60
CA ARG H 216 -25.93 58.39 -10.37
C ARG H 216 -25.74 59.12 -11.71
N ASP I 6 34.66 21.20 -23.63
CA ASP I 6 33.95 21.57 -24.89
C ASP I 6 32.63 22.32 -24.58
N LYS I 7 31.52 21.59 -24.45
CA LYS I 7 30.26 22.17 -24.00
C LYS I 7 30.40 22.65 -22.55
N LEU I 8 31.33 22.02 -21.84
CA LEU I 8 31.74 22.44 -20.50
C LEU I 8 32.53 23.76 -20.48
N HIS I 9 33.26 24.06 -21.56
CA HIS I 9 33.95 25.36 -21.69
C HIS I 9 32.93 26.50 -21.90
N SER I 10 31.98 26.30 -22.82
CA SER I 10 30.90 27.26 -23.06
C SER I 10 30.09 27.50 -21.78
N GLN I 11 29.91 26.44 -21.01
CA GLN I 11 29.36 26.51 -19.67
C GLN I 11 30.18 27.47 -18.79
N ALA I 12 31.50 27.37 -18.89
CA ALA I 12 32.44 28.14 -18.08
C ALA I 12 32.64 29.59 -18.54
N ASN I 13 32.61 29.83 -19.85
CA ASN I 13 32.67 31.20 -20.38
C ASN I 13 31.46 31.99 -19.94
N LEU I 14 30.33 31.29 -19.80
CA LEU I 14 29.09 31.94 -19.40
C LEU I 14 29.21 32.48 -17.98
N MET I 15 29.67 31.64 -17.05
CA MET I 15 29.82 32.10 -15.67
C MET I 15 31.05 33.02 -15.51
N ARG I 16 31.86 33.14 -16.56
CA ARG I 16 32.84 34.22 -16.64
C ARG I 16 32.15 35.48 -17.18
N LEU I 17 31.59 35.40 -18.38
CA LEU I 17 30.86 36.52 -18.98
C LEU I 17 29.94 37.14 -17.94
N LYS I 18 29.15 36.30 -17.28
CA LYS I 18 28.21 36.74 -16.26
C LYS I 18 28.90 37.34 -15.04
N SER I 19 30.09 36.84 -14.70
CA SER I 19 30.89 37.43 -13.62
C SER I 19 31.47 38.79 -14.02
N ASP I 20 32.00 38.88 -15.24
CA ASP I 20 32.54 40.14 -15.76
C ASP I 20 31.51 41.25 -15.72
N LEU I 21 30.28 40.93 -16.13
CA LEU I 21 29.25 41.94 -16.29
C LEU I 21 28.67 42.46 -14.99
N PHE I 22 28.32 41.57 -14.06
CA PHE I 22 27.60 41.98 -12.83
C PHE I 22 28.49 42.16 -11.61
N ASN I 23 29.12 41.06 -11.20
CA ASN I 23 29.91 41.04 -9.98
C ASN I 23 31.03 42.08 -10.01
N ARG I 24 31.76 42.09 -11.12
CA ARG I 24 33.04 42.82 -11.22
C ARG I 24 32.88 44.31 -11.49
N SER I 25 31.97 44.65 -12.40
CA SER I 25 31.73 46.05 -12.76
C SER I 25 30.88 46.74 -11.68
N PRO I 26 30.89 48.09 -11.66
CA PRO I 26 30.01 48.82 -10.74
C PRO I 26 28.54 48.77 -11.22
N MET I 27 27.61 48.82 -10.26
CA MET I 27 26.18 48.68 -10.58
C MET I 27 25.63 49.85 -11.41
N TYR I 28 24.76 49.51 -12.35
CA TYR I 28 24.04 50.48 -13.15
C TYR I 28 23.06 51.22 -12.22
N PRO I 29 23.15 52.57 -12.17
CA PRO I 29 22.31 53.31 -11.23
C PRO I 29 20.99 53.74 -11.84
N GLY I 30 20.68 53.25 -13.04
CA GLY I 30 19.51 53.68 -13.78
C GLY I 30 19.87 54.81 -14.74
N PRO I 31 18.88 55.27 -15.51
CA PRO I 31 19.03 56.37 -16.46
C PRO I 31 19.07 57.75 -15.81
N THR I 32 19.76 58.68 -16.47
CA THR I 32 19.78 60.07 -16.07
C THR I 32 19.37 60.96 -17.24
N LYS I 33 19.26 62.25 -16.99
CA LYS I 33 19.02 63.21 -18.05
C LYS I 33 20.20 63.18 -19.01
N ASP I 34 21.39 62.96 -18.43
CA ASP I 34 22.63 62.81 -19.20
C ASP I 34 22.72 61.48 -19.93
N ASP I 35 22.17 60.43 -19.35
CA ASP I 35 22.20 59.10 -19.97
C ASP I 35 20.79 58.53 -20.09
N PRO I 36 19.97 59.09 -21.01
CA PRO I 36 18.61 58.60 -21.16
C PRO I 36 18.55 57.20 -21.75
N LEU I 37 17.39 56.59 -21.58
CA LEU I 37 17.17 55.21 -21.97
C LEU I 37 15.83 55.11 -22.69
N THR I 38 15.83 54.45 -23.84
CA THR I 38 14.61 54.20 -24.57
C THR I 38 14.08 52.81 -24.18
N VAL I 39 12.81 52.76 -23.81
CA VAL I 39 12.17 51.49 -23.48
C VAL I 39 11.00 51.27 -24.42
N THR I 40 11.04 50.19 -25.19
CA THR I 40 9.96 49.88 -26.13
C THR I 40 8.95 48.91 -25.52
N LEU I 41 7.67 49.23 -25.66
CA LEU I 41 6.61 48.57 -24.93
C LEU I 41 5.59 47.99 -25.90
N GLY I 42 5.05 46.83 -25.58
CA GLY I 42 4.03 46.20 -26.42
C GLY I 42 3.24 45.16 -25.65
N PHE I 43 1.93 45.10 -25.90
CA PHE I 43 1.02 44.20 -25.19
C PHE I 43 0.44 43.13 -26.09
N THR I 44 0.38 41.90 -25.57
CA THR I 44 -0.42 40.84 -26.18
C THR I 44 -1.58 40.50 -25.23
N LEU I 45 -2.79 40.85 -25.64
CA LEU I 45 -3.97 40.64 -24.83
C LEU I 45 -4.50 39.23 -25.06
N GLN I 46 -4.63 38.47 -23.96
CA GLN I 46 -5.11 37.10 -24.01
C GLN I 46 -6.57 36.97 -23.61
N ASP I 47 -6.99 37.73 -22.60
CA ASP I 47 -8.34 37.58 -22.10
C ASP I 47 -8.80 38.77 -21.26
N ILE I 48 -10.07 39.13 -21.43
CA ILE I 48 -10.76 39.91 -20.43
C ILE I 48 -11.51 38.89 -19.60
N VAL I 49 -11.11 38.74 -18.34
CA VAL I 49 -11.62 37.66 -17.51
C VAL I 49 -12.91 38.08 -16.80
N LYS I 50 -12.92 39.32 -16.35
CA LYS I 50 -13.96 39.77 -15.45
C LYS I 50 -14.21 41.26 -15.60
N ALA I 51 -15.48 41.64 -15.62
CA ALA I 51 -15.88 43.03 -15.63
C ALA I 51 -16.94 43.18 -14.56
N ASP I 52 -16.63 43.96 -13.53
CA ASP I 52 -17.49 44.07 -12.36
C ASP I 52 -18.13 45.45 -12.32
N SER I 53 -19.43 45.49 -12.62
CA SER I 53 -20.17 46.75 -12.66
C SER I 53 -20.67 47.22 -11.28
N SER I 54 -20.30 46.50 -10.22
CA SER I 54 -20.62 46.91 -8.84
C SER I 54 -19.49 47.70 -8.18
N THR I 55 -18.26 47.48 -8.67
CA THR I 55 -17.09 48.23 -8.21
C THR I 55 -16.41 49.01 -9.34
N ASN I 56 -16.87 48.80 -10.57
CA ASN I 56 -16.23 49.35 -11.77
C ASN I 56 -14.75 48.98 -11.85
N GLU I 57 -14.49 47.67 -11.84
CA GLU I 57 -13.16 47.13 -12.05
C GLU I 57 -13.25 46.08 -13.14
N VAL I 58 -12.29 46.08 -14.05
CA VAL I 58 -12.19 45.07 -15.10
C VAL I 58 -10.84 44.37 -14.99
N ASP I 59 -10.83 43.05 -15.22
CA ASP I 59 -9.64 42.22 -15.10
C ASP I 59 -9.14 41.79 -16.47
N LEU I 60 -7.86 42.06 -16.74
CA LEU I 60 -7.23 41.65 -17.98
C LEU I 60 -6.10 40.69 -17.73
N VAL I 61 -5.84 39.80 -18.68
CA VAL I 61 -4.65 38.95 -18.67
C VAL I 61 -3.91 39.17 -19.98
N TYR I 62 -2.61 39.45 -19.89
CA TYR I 62 -1.82 39.83 -21.06
C TYR I 62 -0.33 39.56 -20.86
N TYR I 63 0.43 39.58 -21.95
CA TYR I 63 1.88 39.65 -21.87
C TYR I 63 2.32 41.05 -22.23
N GLU I 64 3.36 41.52 -21.56
CA GLU I 64 3.90 42.83 -21.78
C GLU I 64 5.34 42.70 -22.22
N GLN I 65 5.60 42.98 -23.50
CA GLN I 65 6.94 42.96 -24.05
C GLN I 65 7.66 44.28 -23.76
N GLN I 66 8.81 44.20 -23.12
CA GLN I 66 9.63 45.36 -22.83
C GLN I 66 11.01 45.16 -23.44
N ARG I 67 11.53 46.20 -24.09
CA ARG I 67 12.87 46.20 -24.67
C ARG I 67 13.63 47.48 -24.37
N TRP I 68 14.89 47.32 -23.96
CA TRP I 68 15.81 48.42 -23.76
C TRP I 68 17.25 47.95 -24.02
N LYS I 69 18.20 48.87 -23.88
CA LYS I 69 19.59 48.58 -24.26
C LYS I 69 20.55 49.34 -23.35
N LEU I 70 21.50 48.63 -22.77
CA LEU I 70 22.54 49.24 -21.96
C LEU I 70 23.91 48.98 -22.58
N ASN I 71 24.71 50.03 -22.67
CA ASN I 71 26.09 49.89 -23.12
C ASN I 71 26.89 49.06 -22.12
N SER I 72 26.44 49.09 -20.87
CA SER I 72 27.06 48.31 -19.82
C SER I 72 26.73 46.80 -19.88
N LEU I 73 25.86 46.40 -20.80
CA LEU I 73 25.57 44.97 -20.99
C LEU I 73 26.17 44.43 -22.29
N MET I 74 27.14 45.14 -22.86
CA MET I 74 27.74 44.76 -24.15
C MET I 74 28.96 43.87 -23.93
N TRP I 75 29.18 42.98 -24.89
CA TRP I 75 30.38 42.16 -24.92
C TRP I 75 30.66 41.73 -26.35
N ASP I 76 31.92 41.39 -26.62
CA ASP I 76 32.33 40.82 -27.90
C ASP I 76 32.18 39.31 -27.79
N PRO I 77 31.26 38.73 -28.59
CA PRO I 77 31.09 37.28 -28.56
C PRO I 77 32.41 36.52 -28.65
N ASN I 78 33.30 36.97 -29.52
CA ASN I 78 34.61 36.33 -29.76
C ASN I 78 35.43 36.18 -28.47
N GLU I 79 35.21 37.11 -27.56
CA GLU I 79 35.91 37.15 -26.27
C GLU I 79 35.34 36.18 -25.23
N TYR I 80 34.24 35.51 -25.58
CA TYR I 80 33.54 34.62 -24.66
C TYR I 80 33.03 33.35 -25.31
N GLY I 81 33.70 32.90 -26.37
CA GLY I 81 33.40 31.61 -26.99
C GLY I 81 32.17 31.63 -27.88
N ASN I 82 31.94 32.73 -28.59
CA ASN I 82 30.75 32.90 -29.42
C ASN I 82 29.48 32.69 -28.61
N ILE I 83 29.43 33.26 -27.41
CA ILE I 83 28.18 33.39 -26.70
C ILE I 83 27.59 34.71 -27.15
N THR I 84 26.44 34.64 -27.81
CA THR I 84 25.78 35.83 -28.34
C THR I 84 24.63 36.30 -27.43
N ASP I 85 24.21 35.46 -26.49
CA ASP I 85 23.17 35.83 -25.56
C ASP I 85 23.10 34.88 -24.37
N PHE I 86 22.28 35.24 -23.38
CA PHE I 86 22.00 34.36 -22.26
C PHE I 86 20.73 34.76 -21.55
N ARG I 87 20.30 33.87 -20.66
CA ARG I 87 19.13 34.08 -19.84
C ARG I 87 19.59 34.45 -18.44
N THR I 88 18.84 35.29 -17.77
CA THR I 88 19.16 35.61 -16.40
C THR I 88 17.92 36.01 -15.64
N SER I 89 17.96 35.80 -14.33
CA SER I 89 16.84 36.17 -13.47
C SER I 89 16.66 37.69 -13.56
N ALA I 90 15.41 38.13 -13.71
CA ALA I 90 15.11 39.54 -13.92
C ALA I 90 15.57 40.42 -12.76
N ALA I 91 15.69 39.82 -11.58
CA ALA I 91 16.16 40.54 -10.38
C ALA I 91 17.70 40.73 -10.37
N ASP I 92 18.43 39.99 -11.19
CA ASP I 92 19.89 40.14 -11.28
C ASP I 92 20.31 41.35 -12.13
N ILE I 93 19.36 41.94 -12.86
CA ILE I 93 19.64 43.10 -13.69
C ILE I 93 18.73 44.26 -13.29
N TRP I 94 18.91 45.40 -13.94
CA TRP I 94 18.03 46.56 -13.76
C TRP I 94 16.81 46.38 -14.66
N THR I 95 15.66 46.84 -14.18
CA THR I 95 14.48 46.83 -15.01
C THR I 95 13.73 48.13 -14.85
N PRO I 96 13.01 48.53 -15.90
CA PRO I 96 12.25 49.78 -15.84
C PRO I 96 11.01 49.65 -14.95
N ASP I 97 10.73 50.72 -14.23
CA ASP I 97 9.59 50.79 -13.31
C ASP I 97 8.32 51.15 -14.07
N ILE I 98 7.98 50.36 -15.09
CA ILE I 98 6.79 50.63 -15.91
C ILE I 98 5.54 50.17 -15.18
N THR I 99 4.60 51.08 -14.94
CA THR I 99 3.43 50.76 -14.12
C THR I 99 2.13 51.18 -14.77
N ALA I 100 1.08 50.39 -14.53
CA ALA I 100 -0.28 50.82 -14.81
C ALA I 100 -0.61 51.95 -13.84
N TYR I 101 -1.17 53.04 -14.35
CA TYR I 101 -1.43 54.24 -13.52
C TYR I 101 -2.78 54.26 -12.85
N SER I 102 -3.62 53.26 -13.10
CA SER I 102 -4.97 53.25 -12.56
C SER I 102 -5.46 51.83 -12.19
N SER I 103 -4.54 51.03 -11.68
CA SER I 103 -4.87 49.71 -11.17
C SER I 103 -5.58 49.85 -9.83
N THR I 104 -6.31 48.82 -9.45
CA THR I 104 -7.01 48.79 -8.18
C THR I 104 -6.50 47.68 -7.25
N ARG I 105 -5.75 46.73 -7.83
CA ARG I 105 -5.15 45.60 -7.11
CA ARG I 105 -5.12 45.66 -7.07
C ARG I 105 -3.68 45.47 -7.53
N PRO I 106 -2.84 44.85 -6.67
CA PRO I 106 -1.48 44.63 -7.14
C PRO I 106 -1.46 43.64 -8.30
N VAL I 107 -0.60 43.90 -9.27
CA VAL I 107 -0.47 43.02 -10.43
C VAL I 107 -0.07 41.62 -9.97
N GLN I 108 -0.66 40.61 -10.58
CA GLN I 108 -0.28 39.23 -10.31
C GLN I 108 0.56 38.71 -11.47
N VAL I 109 1.77 38.24 -11.17
CA VAL I 109 2.68 37.75 -12.19
C VAL I 109 2.33 36.31 -12.51
N LEU I 110 2.19 36.02 -13.80
CA LEU I 110 1.82 34.68 -14.25
C LEU I 110 2.96 33.94 -14.91
N SER I 111 4.11 34.59 -15.07
CA SER I 111 5.24 33.97 -15.78
C SER I 111 6.54 34.11 -15.03
N PRO I 112 7.54 33.29 -15.38
CA PRO I 112 8.84 33.43 -14.77
C PRO I 112 9.48 34.77 -15.03
N GLN I 113 10.25 35.20 -14.05
CA GLN I 113 10.90 36.50 -14.05
C GLN I 113 12.31 36.34 -14.58
N ILE I 114 12.39 36.01 -15.86
CA ILE I 114 13.65 35.75 -16.54
C ILE I 114 13.73 36.61 -17.79
N ALA I 115 14.85 37.29 -17.98
CA ALA I 115 15.05 38.10 -19.18
C ALA I 115 16.16 37.51 -20.05
N VAL I 116 16.16 37.89 -21.31
CA VAL I 116 17.19 37.48 -22.27
C VAL I 116 18.06 38.69 -22.57
N VAL I 117 19.38 38.53 -22.41
CA VAL I 117 20.32 39.61 -22.68
C VAL I 117 21.20 39.26 -23.87
N THR I 118 21.17 40.09 -24.91
CA THR I 118 21.94 39.86 -26.13
C THR I 118 23.25 40.66 -26.11
N HIS I 119 24.21 40.22 -26.92
CA HIS I 119 25.60 40.73 -26.87
C HIS I 119 25.76 42.20 -27.26
N ASP I 120 24.82 42.74 -28.02
CA ASP I 120 24.77 44.19 -28.31
C ASP I 120 24.31 45.02 -27.11
N GLY I 121 23.87 44.35 -26.06
CA GLY I 121 23.51 45.01 -24.80
C GLY I 121 22.02 45.22 -24.58
N SER I 122 21.21 44.71 -25.51
CA SER I 122 19.77 44.83 -25.39
C SER I 122 19.21 43.77 -24.47
N VAL I 123 18.01 44.03 -23.97
CA VAL I 123 17.33 43.14 -23.04
C VAL I 123 15.88 42.96 -23.51
N MET I 124 15.39 41.74 -23.43
CA MET I 124 13.99 41.47 -23.68
C MET I 124 13.42 40.82 -22.45
N PHE I 125 12.26 41.30 -22.04
CA PHE I 125 11.61 40.85 -20.83
C PHE I 125 10.11 40.89 -21.04
N ILE I 126 9.46 39.73 -20.91
CA ILE I 126 8.05 39.60 -21.27
C ILE I 126 7.27 38.92 -20.15
N PRO I 127 6.91 39.68 -19.10
CA PRO I 127 6.06 39.18 -18.03
C PRO I 127 4.59 39.05 -18.43
N ALA I 128 3.97 37.93 -18.05
CA ALA I 128 2.52 37.79 -18.19
C ALA I 128 1.90 38.21 -16.87
N GLN I 129 0.77 38.91 -16.94
CA GLN I 129 0.16 39.49 -15.73
C GLN I 129 -1.36 39.41 -15.78
N ARG I 130 -1.97 39.45 -14.59
CA ARG I 130 -3.38 39.76 -14.46
C ARG I 130 -3.49 41.10 -13.75
N LEU I 131 -4.18 42.04 -14.37
CA LEU I 131 -4.33 43.39 -13.87
C LEU I 131 -5.80 43.68 -13.62
N SER I 132 -6.09 44.32 -12.48
CA SER I 132 -7.40 44.85 -12.18
C SER I 132 -7.27 46.35 -12.18
N PHE I 133 -8.05 47.03 -13.02
CA PHE I 133 -7.95 48.48 -13.15
C PHE I 133 -9.32 49.12 -13.24
N MET I 134 -9.33 50.45 -13.22
CA MET I 134 -10.56 51.24 -13.16
C MET I 134 -11.28 51.29 -14.49
N CYS I 135 -12.50 50.77 -14.51
CA CYS I 135 -13.24 50.62 -15.72
C CYS I 135 -14.71 50.51 -15.41
N ASP I 136 -15.50 51.41 -16.01
CA ASP I 136 -16.95 51.29 -16.00
C ASP I 136 -17.34 50.46 -17.22
N PRO I 137 -17.91 49.26 -17.02
CA PRO I 137 -18.28 48.40 -18.15
C PRO I 137 -19.68 48.65 -18.71
N THR I 138 -20.36 49.71 -18.27
CA THR I 138 -21.68 50.05 -18.79
C THR I 138 -21.69 50.01 -20.32
N GLY I 139 -22.67 49.32 -20.87
CA GLY I 139 -22.79 49.16 -22.32
C GLY I 139 -22.10 47.91 -22.85
N VAL I 140 -21.47 47.15 -21.96
CA VAL I 140 -20.78 45.91 -22.35
C VAL I 140 -21.74 44.84 -22.90
N ASP I 141 -23.02 44.95 -22.56
CA ASP I 141 -24.05 44.05 -23.08
C ASP I 141 -24.81 44.62 -24.28
N SER I 142 -24.39 45.78 -24.77
CA SER I 142 -24.94 46.36 -25.99
C SER I 142 -24.11 45.95 -27.18
N GLU I 143 -24.66 46.14 -28.37
CA GLU I 143 -23.95 45.85 -29.61
C GLU I 143 -22.74 46.76 -29.77
N GLU I 144 -22.83 48.00 -29.30
CA GLU I 144 -21.72 48.94 -29.42
C GLU I 144 -20.65 48.73 -28.35
N GLY I 145 -21.01 48.13 -27.22
CA GLY I 145 -20.03 47.63 -26.26
C GLY I 145 -19.55 48.64 -25.24
N ALA I 146 -18.51 48.25 -24.50
CA ALA I 146 -17.90 49.11 -23.48
C ALA I 146 -16.50 49.50 -23.90
N THR I 147 -16.00 50.59 -23.31
CA THR I 147 -14.65 51.06 -23.57
C THR I 147 -13.95 51.33 -22.26
N CYS I 148 -12.79 50.74 -22.08
CA CYS I 148 -11.94 51.06 -20.95
C CYS I 148 -10.53 51.34 -21.41
N ALA I 149 -9.82 52.12 -20.60
CA ALA I 149 -8.50 52.61 -20.96
C ALA I 149 -7.62 52.64 -19.71
N VAL I 150 -6.37 52.25 -19.89
CA VAL I 150 -5.37 52.31 -18.81
C VAL I 150 -4.03 52.73 -19.39
N LYS I 151 -3.36 53.64 -18.69
CA LYS I 151 -2.07 54.15 -19.10
C LYS I 151 -0.95 53.42 -18.38
N PHE I 152 0.16 53.25 -19.09
CA PHE I 152 1.38 52.68 -18.55
C PHE I 152 2.50 53.65 -18.76
N GLY I 153 3.47 53.64 -17.85
CA GLY I 153 4.62 54.50 -17.96
C GLY I 153 5.43 54.40 -16.70
N SER I 154 6.60 55.05 -16.68
CA SER I 154 7.42 55.07 -15.49
C SER I 154 6.68 55.78 -14.38
N TRP I 155 6.91 55.33 -13.16
CA TRP I 155 6.35 55.98 -12.01
C TRP I 155 7.21 57.21 -11.64
N VAL I 156 8.52 57.10 -11.74
CA VAL I 156 9.41 58.16 -11.23
C VAL I 156 10.38 58.75 -12.26
N TYR I 157 10.33 58.30 -13.50
CA TYR I 157 11.23 58.81 -14.52
C TYR I 157 10.48 59.63 -15.57
N SER I 158 11.06 60.77 -15.94
CA SER I 158 10.46 61.64 -16.95
C SER I 158 10.85 61.18 -18.35
N GLY I 159 10.35 61.88 -19.35
CA GLY I 159 10.65 61.56 -20.74
C GLY I 159 12.10 61.82 -21.11
N PHE I 160 12.78 62.62 -20.29
CA PHE I 160 14.21 62.92 -20.50
C PHE I 160 15.13 61.89 -19.89
N GLU I 161 14.56 60.97 -19.12
CA GLU I 161 15.32 59.87 -18.51
C GLU I 161 14.93 58.52 -19.13
N ILE I 162 13.63 58.27 -19.24
CA ILE I 162 13.13 57.09 -19.93
C ILE I 162 12.18 57.53 -21.04
N ASP I 163 12.56 57.22 -22.28
CA ASP I 163 11.70 57.52 -23.41
C ASP I 163 10.92 56.26 -23.75
N LEU I 164 9.61 56.31 -23.48
CA LEU I 164 8.70 55.21 -23.81
C LEU I 164 8.45 55.18 -25.28
N LYS I 165 8.32 53.99 -25.84
CA LYS I 165 8.00 53.83 -27.25
C LYS I 165 7.17 52.59 -27.54
N THR I 166 6.50 52.62 -28.69
CA THR I 166 5.77 51.47 -29.19
C THR I 166 6.26 51.16 -30.60
N ASP I 167 6.30 49.88 -30.95
CA ASP I 167 6.62 49.44 -32.32
C ASP I 167 5.44 49.67 -33.25
N THR I 168 4.24 49.49 -32.72
CA THR I 168 3.00 49.69 -33.45
C THR I 168 1.98 50.13 -32.42
N ASP I 169 0.88 50.73 -32.88
CA ASP I 169 -0.17 51.17 -31.97
C ASP I 169 -1.34 50.18 -31.94
N GLN I 170 -1.14 49.04 -32.60
CA GLN I 170 -2.10 47.94 -32.58
C GLN I 170 -1.68 46.86 -31.59
N VAL I 171 -2.56 46.58 -30.63
CA VAL I 171 -2.35 45.51 -29.65
C VAL I 171 -2.49 44.16 -30.33
N ASP I 172 -1.60 43.23 -30.01
CA ASP I 172 -1.62 41.90 -30.63
C ASP I 172 -2.76 41.06 -30.08
N LEU I 173 -3.71 40.70 -30.95
CA LEU I 173 -4.89 39.92 -30.56
C LEU I 173 -4.83 38.51 -31.11
N SER I 174 -3.65 38.07 -31.53
CA SER I 174 -3.49 36.75 -32.14
C SER I 174 -3.57 35.61 -31.12
N SER I 175 -3.30 35.89 -29.85
CA SER I 175 -3.43 34.89 -28.78
C SER I 175 -4.64 35.18 -27.88
N TYR I 176 -5.58 35.97 -28.37
CA TYR I 176 -6.77 36.27 -27.59
C TYR I 176 -7.68 35.05 -27.49
N TYR I 177 -8.07 34.73 -26.26
CA TYR I 177 -8.87 33.55 -26.01
C TYR I 177 -10.17 33.59 -26.79
N ALA I 178 -10.32 32.62 -27.70
CA ALA I 178 -11.45 32.56 -28.62
C ALA I 178 -12.81 32.35 -27.95
N SER I 179 -12.83 31.70 -26.79
CA SER I 179 -14.08 31.39 -26.11
C SER I 179 -14.26 32.17 -24.80
N SER I 180 -13.55 33.30 -24.69
CA SER I 180 -13.73 34.21 -23.57
C SER I 180 -15.17 34.72 -23.45
N LYS I 181 -15.51 35.18 -22.25
CA LYS I 181 -16.82 35.79 -22.06
C LYS I 181 -16.99 37.08 -22.85
N TYR I 182 -15.87 37.75 -23.10
CA TYR I 182 -15.89 39.04 -23.78
C TYR I 182 -15.20 39.05 -25.13
N GLU I 183 -15.88 39.64 -26.11
CA GLU I 183 -15.42 39.76 -27.48
C GLU I 183 -14.72 41.11 -27.64
N ILE I 184 -13.54 41.13 -28.28
CA ILE I 184 -12.79 42.37 -28.48
C ILE I 184 -13.16 43.04 -29.80
N LEU I 185 -13.57 44.30 -29.73
CA LEU I 185 -13.89 45.10 -30.92
C LEU I 185 -12.66 45.86 -31.39
N SER I 186 -11.94 46.48 -30.47
CA SER I 186 -10.63 47.04 -30.78
C SER I 186 -9.73 47.14 -29.55
N ALA I 187 -8.42 47.16 -29.79
CA ALA I 187 -7.42 47.27 -28.74
C ALA I 187 -6.21 48.03 -29.27
N THR I 188 -6.08 49.29 -28.88
CA THR I 188 -4.96 50.11 -29.34
C THR I 188 -4.02 50.38 -28.20
N GLN I 189 -2.78 50.70 -28.57
CA GLN I 189 -1.77 51.11 -27.60
C GLN I 189 -1.10 52.36 -28.17
N THR I 190 -1.55 53.53 -27.69
CA THR I 190 -1.12 54.79 -28.26
C THR I 190 -0.19 55.54 -27.33
N ARG I 191 0.94 55.94 -27.88
CA ARG I 191 1.93 56.70 -27.15
C ARG I 191 1.50 58.17 -27.07
N GLN I 192 1.70 58.79 -25.90
CA GLN I 192 1.32 60.18 -25.65
C GLN I 192 2.46 60.94 -24.99
N VAL I 193 2.66 62.19 -25.40
CA VAL I 193 3.67 63.06 -24.82
C VAL I 193 2.96 64.31 -24.32
N GLN I 194 3.20 64.66 -23.06
CA GLN I 194 2.51 65.80 -22.47
C GLN I 194 3.48 66.67 -21.69
N HIS I 195 3.15 67.94 -21.58
CA HIS I 195 3.97 68.88 -20.84
C HIS I 195 3.12 69.57 -19.76
N TYR I 196 3.76 69.86 -18.63
CA TYR I 196 3.06 70.46 -17.50
C TYR I 196 3.72 71.77 -17.10
N SER I 197 2.91 72.81 -16.94
CA SER I 197 3.40 74.15 -16.56
C SER I 197 4.48 74.12 -15.48
N CYS I 198 4.33 73.25 -14.48
CA CYS I 198 5.28 73.14 -13.36
C CYS I 198 6.69 72.80 -13.81
N CYS I 199 6.80 72.08 -14.91
CA CYS I 199 7.92 71.22 -15.15
C CYS I 199 8.49 71.35 -16.58
N PRO I 200 9.81 71.19 -16.73
CA PRO I 200 10.50 71.38 -18.02
C PRO I 200 10.61 70.17 -18.95
N GLU I 201 10.09 69.02 -18.54
CA GLU I 201 10.35 67.77 -19.24
C GLU I 201 9.05 67.14 -19.72
N PRO I 202 9.12 66.36 -20.81
CA PRO I 202 7.92 65.72 -21.30
C PRO I 202 7.61 64.49 -20.47
N TYR I 203 6.34 64.12 -20.43
CA TYR I 203 5.90 62.94 -19.71
C TYR I 203 5.20 62.05 -20.71
N ILE I 204 5.68 60.82 -20.80
CA ILE I 204 5.29 59.88 -21.82
C ILE I 204 4.49 58.79 -21.15
N ASP I 205 3.50 58.26 -21.87
CA ASP I 205 2.81 57.06 -21.42
C ASP I 205 2.22 56.40 -22.65
N VAL I 206 1.82 55.14 -22.49
CA VAL I 206 1.18 54.39 -23.55
C VAL I 206 -0.22 54.03 -23.10
N ASN I 207 -1.22 54.50 -23.85
CA ASN I 207 -2.60 54.33 -23.45
C ASN I 207 -3.23 53.13 -24.11
N LEU I 208 -3.47 52.11 -23.28
CA LEU I 208 -4.12 50.89 -23.71
C LEU I 208 -5.61 51.15 -23.66
N VAL I 209 -6.25 51.19 -24.83
CA VAL I 209 -7.69 51.40 -24.90
C VAL I 209 -8.33 50.17 -25.52
N VAL I 210 -9.32 49.62 -24.83
CA VAL I 210 -9.94 48.37 -25.22
C VAL I 210 -11.45 48.50 -25.36
N LYS I 211 -11.97 48.29 -26.57
CA LYS I 211 -13.42 48.20 -26.80
C LYS I 211 -13.86 46.75 -26.87
N PHE I 212 -14.79 46.38 -26.01
CA PHE I 212 -15.22 44.99 -25.89
C PHE I 212 -16.70 44.88 -25.56
N ARG I 213 -17.24 43.68 -25.79
CA ARG I 213 -18.63 43.38 -25.42
C ARG I 213 -18.83 41.90 -25.11
N GLU I 214 -19.95 41.62 -24.44
CA GLU I 214 -20.37 40.24 -24.17
C GLU I 214 -20.53 39.46 -25.47
N ARG I 215 -19.92 38.28 -25.52
CA ARG I 215 -19.88 37.47 -26.71
C ARG I 215 -21.18 36.68 -26.87
N ARG I 216 -21.65 36.57 -28.12
CA ARG I 216 -22.79 35.70 -28.54
C ARG I 216 -23.60 36.33 -29.67
N ASP J 6 27.95 2.76 11.44
CA ASP J 6 27.44 2.49 10.07
C ASP J 6 26.58 3.64 9.53
N LYS J 7 25.82 4.28 10.41
CA LYS J 7 24.89 5.35 10.02
C LYS J 7 25.64 6.66 9.74
N LEU J 8 26.55 7.03 10.65
CA LEU J 8 27.48 8.14 10.41
C LEU J 8 28.22 7.94 9.09
N HIS J 9 28.55 6.69 8.78
CA HIS J 9 29.26 6.33 7.55
C HIS J 9 28.42 6.60 6.30
N SER J 10 27.21 6.05 6.26
CA SER J 10 26.30 6.28 5.13
C SER J 10 25.95 7.77 5.02
N GLN J 11 25.87 8.43 6.16
CA GLN J 11 25.62 9.88 6.20
C GLN J 11 26.78 10.67 5.61
N ALA J 12 28.01 10.26 5.92
CA ALA J 12 29.21 10.98 5.47
C ALA J 12 29.41 10.93 3.97
N ASN J 13 29.05 9.79 3.38
CA ASN J 13 29.15 9.62 1.93
C ASN J 13 28.18 10.52 1.18
N LEU J 14 26.98 10.72 1.73
CA LEU J 14 25.98 11.56 1.09
C LEU J 14 26.37 13.02 1.20
N MET J 15 26.74 13.44 2.41
CA MET J 15 27.23 14.80 2.62
C MET J 15 28.46 15.08 1.74
N ARG J 16 29.28 14.07 1.49
CA ARG J 16 30.44 14.23 0.59
C ARG J 16 30.02 14.23 -0.88
N LEU J 17 29.11 13.32 -1.26
CA LEU J 17 28.58 13.26 -2.62
C LEU J 17 27.90 14.58 -2.99
N LYS J 18 27.04 15.06 -2.11
CA LYS J 18 26.32 16.31 -2.37
C LYS J 18 27.26 17.50 -2.41
N SER J 19 28.28 17.50 -1.55
CA SER J 19 29.25 18.59 -1.50
C SER J 19 30.14 18.68 -2.75
N ASP J 20 30.55 17.53 -3.29
CA ASP J 20 31.31 17.50 -4.54
C ASP J 20 30.50 18.04 -5.72
N LEU J 21 29.22 17.66 -5.76
CA LEU J 21 28.33 18.08 -6.85
C LEU J 21 28.00 19.58 -6.82
N PHE J 22 27.71 20.12 -5.63
CA PHE J 22 27.24 21.50 -5.51
C PHE J 22 28.37 22.47 -5.22
N ASN J 23 29.04 22.25 -4.10
CA ASN J 23 29.95 23.23 -3.51
C ASN J 23 31.26 23.31 -4.27
N ARG J 24 31.69 22.19 -4.83
CA ARG J 24 32.98 22.12 -5.51
C ARG J 24 32.85 22.19 -7.04
N SER J 25 31.69 22.59 -7.55
CA SER J 25 31.51 22.56 -9.02
C SER J 25 30.84 23.78 -9.62
N PRO J 26 31.10 24.02 -10.93
CA PRO J 26 30.38 24.99 -11.76
C PRO J 26 28.91 24.66 -11.93
N MET J 27 28.05 25.60 -11.54
CA MET J 27 26.61 25.42 -11.66
C MET J 27 26.25 25.38 -13.14
N TYR J 28 25.17 24.67 -13.43
CA TYR J 28 24.66 24.54 -14.78
C TYR J 28 23.75 25.73 -15.10
N PRO J 29 24.05 26.50 -16.17
CA PRO J 29 23.23 27.69 -16.42
C PRO J 29 21.92 27.48 -17.20
N GLY J 30 21.71 26.28 -17.72
CA GLY J 30 20.56 26.02 -18.56
C GLY J 30 21.00 25.71 -19.98
N PRO J 31 20.04 25.33 -20.84
CA PRO J 31 20.36 24.94 -22.21
C PRO J 31 20.73 26.09 -23.14
N THR J 32 21.66 25.81 -24.04
CA THR J 32 22.03 26.71 -25.12
C THR J 32 21.63 26.04 -26.43
N LYS J 33 21.86 26.71 -27.56
CA LYS J 33 21.72 26.05 -28.85
C LYS J 33 22.83 25.02 -29.07
N ASP J 34 23.99 25.29 -28.47
CA ASP J 34 25.11 24.36 -28.48
C ASP J 34 24.84 23.11 -27.63
N ASP J 35 24.08 23.28 -26.57
CA ASP J 35 23.85 22.22 -25.59
C ASP J 35 22.38 22.18 -25.16
N PRO J 36 21.49 21.80 -26.09
CA PRO J 36 20.05 21.75 -25.83
C PRO J 36 19.69 20.65 -24.83
N LEU J 37 18.55 20.81 -24.16
CA LEU J 37 18.13 19.88 -23.12
C LEU J 37 16.75 19.32 -23.42
N THR J 38 16.59 18.03 -23.21
CA THR J 38 15.30 17.39 -23.33
C THR J 38 14.66 17.26 -21.95
N VAL J 39 13.55 17.98 -21.74
CA VAL J 39 12.73 17.81 -20.57
C VAL J 39 11.51 17.01 -20.99
N THR J 40 11.18 16.00 -20.19
CA THR J 40 10.00 15.18 -20.41
C THR J 40 8.94 15.51 -19.36
N LEU J 41 7.68 15.63 -19.81
CA LEU J 41 6.56 15.99 -18.96
C LEU J 41 5.49 14.93 -19.00
N GLY J 42 4.78 14.79 -17.90
CA GLY J 42 3.58 13.97 -17.84
C GLY J 42 2.67 14.42 -16.72
N PHE J 43 1.37 14.45 -16.99
CA PHE J 43 0.41 14.95 -16.04
C PHE J 43 -0.41 13.83 -15.43
N THR J 44 -0.71 14.00 -14.13
CA THR J 44 -1.62 13.13 -13.42
C THR J 44 -2.74 14.02 -12.87
N LEU J 45 -3.88 13.98 -13.56
CA LEU J 45 -5.03 14.78 -13.19
C LEU J 45 -5.67 14.15 -11.98
N GLN J 46 -5.79 14.94 -10.91
CA GLN J 46 -6.41 14.51 -9.66
C GLN J 46 -7.84 14.98 -9.53
N ASP J 47 -8.10 16.23 -9.89
CA ASP J 47 -9.43 16.79 -9.76
C ASP J 47 -9.69 17.99 -10.66
N ILE J 48 -10.93 18.09 -11.14
CA ILE J 48 -11.46 19.36 -11.62
C ILE J 48 -12.30 19.89 -10.48
N VAL J 49 -11.77 20.87 -9.78
CA VAL J 49 -12.36 21.37 -8.55
C VAL J 49 -13.56 22.23 -8.83
N LYS J 50 -13.47 23.02 -9.89
CA LYS J 50 -14.42 24.10 -10.10
C LYS J 50 -14.38 24.64 -11.51
N ALA J 51 -15.57 24.86 -12.07
CA ALA J 51 -15.75 25.42 -13.40
C ALA J 51 -16.65 26.63 -13.28
N ASP J 52 -16.12 27.82 -13.59
CA ASP J 52 -16.86 29.08 -13.45
C ASP J 52 -17.27 29.62 -14.82
N SER J 53 -18.56 29.52 -15.14
CA SER J 53 -19.07 29.91 -16.46
C SER J 53 -19.39 31.40 -16.56
N SER J 54 -19.21 32.15 -15.48
CA SER J 54 -19.40 33.60 -15.51
C SER J 54 -18.11 34.31 -15.89
N THR J 55 -16.97 33.66 -15.70
CA THR J 55 -15.67 34.21 -16.09
C THR J 55 -14.93 33.33 -17.12
N ASN J 56 -15.44 32.12 -17.36
CA ASN J 56 -14.73 31.11 -18.16
C ASN J 56 -13.33 30.80 -17.62
N GLU J 57 -13.30 30.42 -16.35
CA GLU J 57 -12.11 29.93 -15.70
C GLU J 57 -12.42 28.56 -15.12
N VAL J 58 -11.51 27.61 -15.31
CA VAL J 58 -11.65 26.30 -14.68
C VAL J 58 -10.43 26.00 -13.79
N ASP J 59 -10.67 25.35 -12.67
CA ASP J 59 -9.62 25.07 -11.69
C ASP J 59 -9.29 23.58 -11.65
N LEU J 60 -8.00 23.27 -11.83
CA LEU J 60 -7.52 21.89 -11.85
C LEU J 60 -6.55 21.64 -10.71
N VAL J 61 -6.57 20.41 -10.19
CA VAL J 61 -5.52 19.91 -9.32
C VAL J 61 -4.86 18.70 -10.00
N TYR J 62 -3.53 18.75 -10.07
CA TYR J 62 -2.77 17.74 -10.81
C TYR J 62 -1.30 17.81 -10.37
N TYR J 63 -0.60 16.69 -10.47
CA TYR J 63 0.86 16.78 -10.36
C TYR J 63 1.55 16.52 -11.70
N GLU J 64 2.66 17.22 -11.86
CA GLU J 64 3.35 17.34 -13.13
C GLU J 64 4.73 16.74 -12.98
N GLN J 65 4.93 15.63 -13.67
CA GLN J 65 6.20 14.93 -13.60
C GLN J 65 7.17 15.53 -14.59
N GLN J 66 8.32 15.99 -14.11
CA GLN J 66 9.36 16.57 -14.98
C GLN J 66 10.64 15.77 -14.86
N ARG J 67 11.23 15.37 -15.98
CA ARG J 67 12.54 14.71 -15.92
C ARG J 67 13.52 15.15 -16.99
N TRP J 68 14.79 15.16 -16.60
CA TRP J 68 15.87 15.63 -17.45
C TRP J 68 17.21 15.10 -16.93
N LYS J 69 18.23 15.17 -17.76
CA LYS J 69 19.51 14.54 -17.47
C LYS J 69 20.70 15.45 -17.75
N LEU J 70 21.57 15.59 -16.75
CA LEU J 70 22.73 16.45 -16.83
C LEU J 70 23.99 15.65 -16.49
N ASN J 71 25.02 15.79 -17.34
CA ASN J 71 26.34 15.21 -17.06
C ASN J 71 26.95 15.84 -15.82
N SER J 72 26.63 17.12 -15.63
CA SER J 72 26.97 17.87 -14.44
C SER J 72 26.64 17.11 -13.15
N LEU J 73 25.61 16.26 -13.19
CA LEU J 73 25.09 15.58 -11.99
C LEU J 73 25.35 14.06 -11.95
N MET J 74 26.26 13.58 -12.79
CA MET J 74 26.62 12.16 -12.83
C MET J 74 27.60 11.81 -11.72
N TRP J 75 27.55 10.55 -11.27
CA TRP J 75 28.56 10.07 -10.31
C TRP J 75 28.62 8.54 -10.30
N ASP J 76 29.79 8.03 -9.94
CA ASP J 76 30.01 6.59 -9.79
C ASP J 76 29.60 6.20 -8.37
N PRO J 77 28.58 5.33 -8.23
CA PRO J 77 28.10 4.95 -6.91
C PRO J 77 29.17 4.37 -5.99
N ASN J 78 30.17 3.73 -6.59
CA ASN J 78 31.24 3.10 -5.84
C ASN J 78 32.15 4.09 -5.14
N GLU J 79 32.29 5.28 -5.70
CA GLU J 79 33.14 6.31 -5.10
C GLU J 79 32.39 6.98 -3.95
N TYR J 80 31.17 6.53 -3.67
CA TYR J 80 30.29 7.20 -2.71
C TYR J 80 29.43 6.24 -1.89
N GLY J 81 30.01 5.12 -1.46
CA GLY J 81 29.29 4.15 -0.64
C GLY J 81 28.07 3.55 -1.31
N ASN J 82 28.16 3.36 -2.62
CA ASN J 82 27.09 2.76 -3.43
C ASN J 82 25.75 3.51 -3.36
N ILE J 83 25.82 4.84 -3.21
CA ILE J 83 24.64 5.68 -3.25
C ILE J 83 24.23 5.83 -4.71
N THR J 84 22.99 5.46 -5.00
CA THR J 84 22.45 5.47 -6.36
C THR J 84 21.56 6.67 -6.59
N ASP J 85 21.06 7.27 -5.52
CA ASP J 85 20.31 8.53 -5.63
C ASP J 85 20.23 9.25 -4.29
N PHE J 86 19.72 10.47 -4.34
CA PHE J 86 19.41 11.22 -3.14
C PHE J 86 18.29 12.21 -3.38
N ARG J 87 17.73 12.72 -2.30
CA ARG J 87 16.74 13.79 -2.34
C ARG J 87 17.43 15.09 -2.00
N THR J 88 17.03 16.15 -2.70
CA THR J 88 17.56 17.47 -2.43
C THR J 88 16.57 18.55 -2.81
N SER J 89 16.69 19.67 -2.11
CA SER J 89 15.88 20.85 -2.37
C SER J 89 16.05 21.31 -3.82
N ALA J 90 14.94 21.69 -4.46
CA ALA J 90 14.96 22.12 -5.85
C ALA J 90 15.74 23.43 -6.08
N ALA J 91 16.08 24.13 -5.00
CA ALA J 91 16.83 25.38 -5.09
C ALA J 91 18.33 25.11 -5.20
N ASP J 92 18.75 23.90 -4.83
CA ASP J 92 20.14 23.48 -4.95
C ASP J 92 20.54 23.17 -6.39
N ILE J 93 19.53 23.00 -7.25
CA ILE J 93 19.76 22.61 -8.63
C ILE J 93 18.98 23.47 -9.59
N TRP J 94 19.33 23.36 -10.87
CA TRP J 94 18.63 24.03 -11.93
C TRP J 94 17.37 23.26 -12.27
N THR J 95 16.27 24.00 -12.39
CA THR J 95 15.00 23.42 -12.78
C THR J 95 14.53 24.18 -14.01
N PRO J 96 13.71 23.53 -14.87
CA PRO J 96 13.12 24.23 -16.00
C PRO J 96 11.98 25.16 -15.61
N ASP J 97 11.71 26.14 -16.45
CA ASP J 97 10.69 27.17 -16.21
C ASP J 97 9.39 26.84 -16.94
N ILE J 98 8.89 25.62 -16.75
CA ILE J 98 7.68 25.18 -17.45
C ILE J 98 6.50 26.00 -16.95
N THR J 99 5.76 26.59 -17.88
CA THR J 99 4.70 27.53 -17.54
C THR J 99 3.44 27.20 -18.29
N ALA J 100 2.31 27.31 -17.60
CA ALA J 100 1.02 27.28 -18.25
C ALA J 100 0.91 28.57 -19.04
N TYR J 101 0.44 28.47 -20.28
CA TYR J 101 0.39 29.61 -21.19
C TYR J 101 -0.91 30.40 -21.12
N SER J 102 -1.94 29.83 -20.50
CA SER J 102 -3.23 30.51 -20.40
C SER J 102 -3.82 30.44 -18.98
N SER J 103 -2.95 30.55 -17.99
CA SER J 103 -3.39 30.69 -16.61
C SER J 103 -4.03 32.05 -16.42
N THR J 104 -5.02 32.11 -15.54
CA THR J 104 -5.64 33.38 -15.19
C THR J 104 -5.27 33.83 -13.78
N ARG J 105 -4.57 32.96 -13.03
CA ARG J 105 -4.07 33.25 -11.68
CA ARG J 105 -4.03 33.32 -11.72
C ARG J 105 -2.68 32.68 -11.52
N PRO J 106 -1.89 33.19 -10.55
CA PRO J 106 -0.63 32.51 -10.29
C PRO J 106 -0.86 31.07 -9.86
N VAL J 107 0.03 30.19 -10.28
CA VAL J 107 -0.04 28.78 -9.95
C VAL J 107 0.17 28.61 -8.45
N GLN J 108 -0.62 27.75 -7.82
CA GLN J 108 -0.49 27.51 -6.39
C GLN J 108 0.10 26.12 -6.19
N VAL J 109 1.22 26.09 -5.46
CA VAL J 109 2.02 24.88 -5.31
C VAL J 109 1.60 24.13 -4.07
N LEU J 110 1.35 22.83 -4.24
CA LEU J 110 0.73 22.02 -3.19
C LEU J 110 1.70 21.06 -2.53
N SER J 111 2.89 20.93 -3.12
CA SER J 111 3.86 19.93 -2.68
C SER J 111 5.22 20.53 -2.39
N PRO J 112 6.02 19.83 -1.58
CA PRO J 112 7.38 20.18 -1.28
C PRO J 112 8.22 20.37 -2.53
N GLN J 113 9.13 21.34 -2.46
CA GLN J 113 9.97 21.70 -3.58
C GLN J 113 11.26 20.88 -3.51
N ILE J 114 11.12 19.57 -3.72
CA ILE J 114 12.24 18.63 -3.55
C ILE J 114 12.31 17.72 -4.77
N ALA J 115 13.52 17.48 -5.28
CA ALA J 115 13.70 16.61 -6.42
C ALA J 115 14.55 15.40 -6.04
N VAL J 116 14.49 14.38 -6.90
CA VAL J 116 15.31 13.20 -6.74
C VAL J 116 16.32 13.14 -7.88
N VAL J 117 17.59 13.05 -7.52
CA VAL J 117 18.69 12.99 -8.46
C VAL J 117 19.29 11.58 -8.44
N THR J 118 19.55 11.00 -9.62
CA THR J 118 20.10 9.64 -9.72
C THR J 118 21.52 9.69 -10.27
N HIS J 119 22.27 8.62 -10.08
CA HIS J 119 23.71 8.60 -10.38
C HIS J 119 24.07 8.74 -11.87
N ASP J 120 23.14 8.40 -12.76
CA ASP J 120 23.31 8.68 -14.19
C ASP J 120 23.04 10.15 -14.52
N GLY J 121 22.64 10.92 -13.51
CA GLY J 121 22.45 12.36 -13.65
C GLY J 121 21.04 12.81 -13.97
N SER J 122 20.09 11.86 -14.03
CA SER J 122 18.69 12.20 -14.30
C SER J 122 18.05 12.81 -13.07
N VAL J 123 17.10 13.71 -13.29
CA VAL J 123 16.46 14.44 -12.21
C VAL J 123 14.95 14.30 -12.33
N MET J 124 14.29 13.97 -11.21
CA MET J 124 12.84 13.82 -11.17
C MET J 124 12.19 14.77 -10.18
N PHE J 125 11.45 15.73 -10.72
CA PHE J 125 10.78 16.74 -9.91
C PHE J 125 9.28 16.64 -10.24
N ILE J 126 8.45 16.40 -9.21
CA ILE J 126 7.01 16.17 -9.38
C ILE J 126 6.16 17.12 -8.52
N PRO J 127 6.07 18.39 -8.93
CA PRO J 127 5.22 19.35 -8.21
C PRO J 127 3.70 19.19 -8.42
N ALA J 128 2.96 19.22 -7.32
CA ALA J 128 1.52 19.24 -7.33
C ALA J 128 1.08 20.68 -7.42
N GLN J 129 0.08 20.94 -8.25
CA GLN J 129 -0.35 22.32 -8.49
C GLN J 129 -1.86 22.51 -8.59
N ARG J 130 -2.33 23.68 -8.15
CA ARG J 130 -3.66 24.12 -8.50
C ARG J 130 -3.56 25.24 -9.52
N LEU J 131 -4.21 25.03 -10.66
CA LEU J 131 -4.18 25.96 -11.78
C LEU J 131 -5.57 26.49 -12.11
N SER J 132 -5.67 27.80 -12.26
CA SER J 132 -6.82 28.44 -12.91
C SER J 132 -6.41 28.78 -14.35
N PHE J 133 -7.27 28.44 -15.30
CA PHE J 133 -6.95 28.71 -16.70
C PHE J 133 -8.21 28.99 -17.50
N MET J 134 -7.99 29.48 -18.71
CA MET J 134 -9.07 29.88 -19.60
C MET J 134 -9.75 28.65 -20.17
N CYS J 135 -11.01 28.49 -19.79
CA CYS J 135 -11.81 27.35 -20.20
C CYS J 135 -13.27 27.77 -20.21
N ASP J 136 -13.93 27.54 -21.35
CA ASP J 136 -15.38 27.75 -21.45
C ASP J 136 -16.07 26.41 -21.14
N PRO J 137 -16.78 26.34 -20.01
CA PRO J 137 -17.40 25.08 -19.59
C PRO J 137 -18.77 24.77 -20.23
N THR J 138 -19.11 25.43 -21.34
CA THR J 138 -20.40 25.19 -21.97
C THR J 138 -20.51 23.74 -22.42
N GLY J 139 -21.65 23.13 -22.12
CA GLY J 139 -21.90 21.73 -22.48
C GLY J 139 -21.49 20.73 -21.43
N VAL J 140 -21.05 21.22 -20.26
CA VAL J 140 -20.60 20.36 -19.16
C VAL J 140 -21.80 19.63 -18.52
N ASP J 141 -23.00 20.20 -18.69
CA ASP J 141 -24.24 19.58 -18.25
C ASP J 141 -24.93 18.81 -19.41
N SER J 142 -24.13 18.31 -20.33
CA SER J 142 -24.62 17.50 -21.44
C SER J 142 -23.84 16.20 -21.46
N GLU J 143 -24.33 15.21 -22.20
CA GLU J 143 -23.61 13.95 -22.28
C GLU J 143 -22.28 14.09 -23.03
N GLU J 144 -22.19 15.06 -23.95
CA GLU J 144 -20.96 15.26 -24.73
C GLU J 144 -19.90 16.04 -23.99
N GLY J 145 -20.33 16.87 -23.04
CA GLY J 145 -19.42 17.54 -22.12
C GLY J 145 -18.78 18.77 -22.69
N ALA J 146 -17.89 19.38 -21.92
CA ALA J 146 -17.10 20.52 -22.36
C ALA J 146 -15.69 20.06 -22.70
N THR J 147 -14.98 20.88 -23.47
CA THR J 147 -13.58 20.63 -23.79
C THR J 147 -12.76 21.88 -23.55
N CYS J 148 -11.64 21.71 -22.85
CA CYS J 148 -10.72 22.81 -22.66
C CYS J 148 -9.30 22.34 -22.89
N ALA J 149 -8.41 23.33 -23.02
CA ALA J 149 -7.05 23.06 -23.41
C ALA J 149 -6.12 24.12 -22.82
N VAL J 150 -4.92 23.69 -22.45
CA VAL J 150 -3.92 24.59 -21.93
C VAL J 150 -2.53 24.05 -22.30
N LYS J 151 -1.67 24.94 -22.76
CA LYS J 151 -0.33 24.56 -23.18
C LYS J 151 0.64 24.82 -22.05
N PHE J 152 1.57 23.90 -21.86
CA PHE J 152 2.65 24.08 -20.92
C PHE J 152 3.94 24.05 -21.70
N GLY J 153 4.86 24.93 -21.36
CA GLY J 153 6.15 24.96 -22.04
C GLY J 153 7.06 25.94 -21.38
N SER J 154 8.29 26.00 -21.86
CA SER J 154 9.27 26.93 -21.32
C SER J 154 8.84 28.33 -21.70
N TRP J 155 9.02 29.26 -20.77
CA TRP J 155 8.67 30.64 -21.02
C TRP J 155 9.79 31.37 -21.77
N VAL J 156 11.05 31.05 -21.51
CA VAL J 156 12.14 31.83 -22.10
C VAL J 156 13.07 31.06 -23.04
N TYR J 157 12.88 29.76 -23.19
CA TYR J 157 13.72 28.94 -24.08
C TYR J 157 12.96 28.41 -25.29
N SER J 158 13.55 28.56 -26.47
CA SER J 158 12.89 28.12 -27.70
C SER J 158 13.04 26.62 -27.92
N GLY J 159 12.42 26.13 -28.99
CA GLY J 159 12.51 24.72 -29.37
C GLY J 159 13.87 24.24 -29.84
N PHE J 160 14.88 25.11 -29.75
CA PHE J 160 16.26 24.76 -30.04
C PHE J 160 17.07 24.69 -28.76
N GLU J 161 16.47 25.11 -27.65
CA GLU J 161 17.14 25.14 -26.36
C GLU J 161 16.51 24.13 -25.43
N ILE J 162 15.17 24.08 -25.43
CA ILE J 162 14.45 23.07 -24.67
C ILE J 162 13.55 22.25 -25.60
N ASP J 163 13.86 20.96 -25.69
CA ASP J 163 13.06 19.99 -26.43
C ASP J 163 12.12 19.30 -25.46
N LEU J 164 10.82 19.49 -25.64
CA LEU J 164 9.81 18.98 -24.71
C LEU J 164 9.19 17.70 -25.25
N LYS J 165 9.15 16.66 -24.43
CA LYS J 165 8.50 15.42 -24.83
C LYS J 165 7.54 14.87 -23.80
N THR J 166 6.80 13.88 -24.24
CA THR J 166 5.93 13.09 -23.40
C THR J 166 6.35 11.65 -23.62
N ASP J 167 6.42 10.90 -22.53
CA ASP J 167 6.67 9.45 -22.63
C ASP J 167 5.44 8.78 -23.21
N THR J 168 4.29 9.41 -22.96
CA THR J 168 3.02 8.88 -23.43
C THR J 168 2.09 10.04 -23.79
N ASP J 169 1.11 9.75 -24.63
CA ASP J 169 0.12 10.74 -25.04
C ASP J 169 -1.13 10.74 -24.16
N GLN J 170 -1.20 9.79 -23.23
CA GLN J 170 -2.35 9.69 -22.32
C GLN J 170 -2.01 10.27 -20.96
N VAL J 171 -2.88 11.17 -20.49
CA VAL J 171 -2.79 11.71 -19.15
C VAL J 171 -3.18 10.60 -18.18
N ASP J 172 -2.43 10.48 -17.09
CA ASP J 172 -2.72 9.49 -16.06
C ASP J 172 -3.96 9.92 -15.27
N LEU J 173 -5.02 9.11 -15.37
CA LEU J 173 -6.29 9.37 -14.70
C LEU J 173 -6.57 8.33 -13.60
N SER J 174 -5.52 7.63 -13.19
CA SER J 174 -5.65 6.55 -12.23
C SER J 174 -5.67 7.03 -10.78
N SER J 175 -5.54 8.34 -10.56
CA SER J 175 -5.73 8.95 -9.24
C SER J 175 -6.79 10.04 -9.26
N TYR J 176 -7.59 10.08 -10.31
CA TYR J 176 -8.60 11.12 -10.43
C TYR J 176 -9.67 10.89 -9.37
N TYR J 177 -9.97 11.96 -8.62
CA TYR J 177 -10.93 11.88 -7.54
C TYR J 177 -12.27 11.31 -8.01
N ALA J 178 -12.62 10.14 -7.49
CA ALA J 178 -13.81 9.42 -7.93
C ALA J 178 -15.14 10.09 -7.52
N SER J 179 -15.11 10.94 -6.51
CA SER J 179 -16.31 11.65 -6.07
C SER J 179 -16.23 13.15 -6.41
N SER J 180 -15.52 13.45 -7.48
CA SER J 180 -15.41 14.82 -8.01
C SER J 180 -16.72 15.23 -8.67
N LYS J 181 -16.91 16.53 -8.84
CA LYS J 181 -18.13 17.04 -9.45
C LYS J 181 -18.13 16.76 -10.94
N TYR J 182 -16.94 16.65 -11.51
CA TYR J 182 -16.82 16.41 -12.93
C TYR J 182 -16.07 15.11 -13.17
N GLU J 183 -16.63 14.27 -14.05
CA GLU J 183 -15.95 13.06 -14.46
C GLU J 183 -15.20 13.35 -15.76
N ILE J 184 -14.08 12.67 -15.95
CA ILE J 184 -13.26 12.87 -17.12
C ILE J 184 -13.70 11.90 -18.21
N LEU J 185 -13.97 12.42 -19.39
CA LEU J 185 -14.30 11.60 -20.55
C LEU J 185 -13.02 11.22 -21.26
N SER J 186 -12.06 12.15 -21.33
CA SER J 186 -10.74 11.88 -21.90
C SER J 186 -9.78 13.02 -21.62
N ALA J 187 -8.49 12.71 -21.61
CA ALA J 187 -7.46 13.70 -21.28
C ALA J 187 -6.13 13.34 -21.95
N THR J 188 -5.62 14.22 -22.81
CA THR J 188 -4.39 13.95 -23.56
C THR J 188 -3.29 14.98 -23.30
N GLN J 189 -2.06 14.57 -23.53
CA GLN J 189 -0.88 15.43 -23.43
C GLN J 189 -0.06 15.27 -24.70
N THR J 190 0.05 16.33 -25.48
CA THR J 190 0.60 16.21 -26.81
C THR J 190 1.53 17.36 -27.16
N ARG J 191 2.70 16.98 -27.65
CA ARG J 191 3.72 17.94 -28.04
C ARG J 191 3.33 18.64 -29.34
N GLN J 192 3.31 19.96 -29.31
CA GLN J 192 3.12 20.78 -30.49
C GLN J 192 4.29 21.74 -30.62
N VAL J 193 4.50 22.24 -31.84
CA VAL J 193 5.52 23.25 -32.11
C VAL J 193 4.82 24.51 -32.60
N GLN J 194 5.23 25.68 -32.08
CA GLN J 194 4.55 26.94 -32.39
C GLN J 194 5.44 28.18 -32.40
N HIS J 195 4.96 29.22 -33.10
CA HIS J 195 5.63 30.50 -33.22
C HIS J 195 4.97 31.62 -32.41
N TYR J 196 5.77 32.59 -32.02
CA TYR J 196 5.26 33.78 -31.32
C TYR J 196 5.90 35.06 -31.89
N SER J 197 5.10 36.12 -31.97
CA SER J 197 5.54 37.39 -32.59
C SER J 197 6.76 37.99 -31.88
N CYS J 198 6.84 37.77 -30.57
CA CYS J 198 8.01 38.12 -29.77
C CYS J 198 9.31 37.80 -30.47
N CYS J 199 9.42 36.58 -31.00
CA CYS J 199 10.71 35.98 -31.29
C CYS J 199 10.72 35.20 -32.61
N PRO J 200 11.87 35.21 -33.32
CA PRO J 200 11.99 34.57 -34.63
C PRO J 200 11.87 33.04 -34.62
N GLU J 201 12.23 32.41 -33.50
CA GLU J 201 12.37 30.96 -33.42
C GLU J 201 11.16 30.28 -32.77
N PRO J 202 10.84 29.06 -33.22
CA PRO J 202 9.66 28.33 -32.75
C PRO J 202 9.79 27.85 -31.32
N TYR J 203 8.66 27.76 -30.62
CA TYR J 203 8.62 27.27 -29.25
C TYR J 203 7.82 25.97 -29.17
N ILE J 204 8.22 25.09 -28.26
CA ILE J 204 7.58 23.79 -28.09
C ILE J 204 6.75 23.80 -26.82
N ASP J 205 5.56 23.22 -26.89
CA ASP J 205 4.69 23.11 -25.71
C ASP J 205 4.01 21.75 -25.70
N VAL J 206 3.45 21.38 -24.54
CA VAL J 206 2.67 20.16 -24.40
C VAL J 206 1.24 20.57 -24.08
N ASN J 207 0.34 20.28 -25.01
CA ASN J 207 -1.03 20.71 -24.93
C ASN J 207 -1.84 19.69 -24.17
N LEU J 208 -2.54 20.15 -23.14
CA LEU J 208 -3.34 19.28 -22.27
C LEU J 208 -4.80 19.52 -22.59
N VAL J 209 -5.40 18.59 -23.33
CA VAL J 209 -6.79 18.76 -23.72
C VAL J 209 -7.64 17.87 -22.84
N VAL J 210 -8.60 18.47 -22.14
CA VAL J 210 -9.44 17.74 -21.18
C VAL J 210 -10.89 17.81 -21.59
N LYS J 211 -11.56 16.67 -21.49
CA LYS J 211 -12.92 16.50 -21.95
C LYS J 211 -13.65 15.96 -20.74
N PHE J 212 -14.70 16.66 -20.32
CA PHE J 212 -15.29 16.40 -19.02
C PHE J 212 -16.73 16.89 -18.93
N ARG J 213 -17.49 16.27 -18.04
CA ARG J 213 -18.86 16.68 -17.74
C ARG J 213 -19.22 16.41 -16.28
N GLU J 214 -20.35 16.98 -15.86
CA GLU J 214 -20.81 16.85 -14.49
C GLU J 214 -21.16 15.41 -14.21
N ARG J 215 -20.75 14.89 -13.06
CA ARG J 215 -21.06 13.50 -12.73
C ARG J 215 -22.53 13.35 -12.38
N ARG J 216 -23.12 12.27 -12.87
CA ARG J 216 -24.50 11.88 -12.56
C ARG J 216 -24.57 10.37 -12.38
N ALA J 217 -25.36 9.91 -11.42
CA ALA J 217 -25.50 8.49 -11.10
C ALA J 217 -26.58 7.84 -11.99
#